data_3O0O
#
_entry.id   3O0O
#
_cell.length_a   120.020
_cell.length_b   124.230
_cell.length_c   107.170
_cell.angle_alpha   90.00
_cell.angle_beta   102.57
_cell.angle_gamma   90.00
#
_symmetry.space_group_name_H-M   'C 1 2 1'
#
loop_
_entity.id
_entity.type
_entity.pdbx_description
1 polymer 'Ribonucleoside-diphosphate reductase'
2 non-polymer "THYMIDINE-5'-TRIPHOSPHATE"
3 non-polymer 'MAGNESIUM ION'
4 non-polymer "GUANOSINE-5'-DIPHOSPHATE"
5 non-polymer COBALAMIN
6 non-polymer "5'-DEOXYADENOSINE"
7 water water
#
_entity_poly.entity_id   1
_entity_poly.type   'polypeptide(L)'
_entity_poly.pdbx_seq_one_letter_code
;MKLSDLISRWIDVEPSKNAQIILRDRYFMKDLDGNYLETKWEDVARRVARVVATAELLNPSYKKNEKLDRIKEWEDIFFR
VLKARLFIPNSPTLFNAGLGVKHDLLWKPIDQMTLEDYEEIYRSRNHLHMLSACFVVPVGDSIEEIFEAVKEYALITKVG
GGVGSNFSELRPKGSFVAGTHGKASGPVSFMHVFNSAISVVKQGSRRRGALMGILNINHPDIEEFIDAKKENTGEAVLNF
FNLSVGFPMDKKEILKLYEEDGELELSHPRSTIRKKVKIRELFRKIATNAWKSGDPGLAFLGEMNKYYPLYPHRKINSTN
PCGEIGLSDYEACNLGSIDVAKFYNNGFVDLEALQELVQIAVRFLDNVIDVNVFPIDKITKAVKESRRLGLGIMGFADLL
YKLEIPYNSQEARDFAANLMAFIALHAHRTSYELGKEKGNFPLLEISRYRTEDNFVPFAMGMSNYDDEIREVMKMTKEFR
RNVALLTIAPTGSISNIADTSSGLEPNFLLAYTRFVTKEDGTKEPLLYVNQVLREKLNPEILKRIEKELIEKGSLKDIPD
VPEKIKKVFVVALDIDPMDHLLMQDAFQRYVDNNISKTINMPQSATVDDVLNVYLEALRTNVRGITVYRDGSLQTQVLTK
ALKT
;
_entity_poly.pdbx_strand_id   A,B
#
loop_
_chem_comp.id
_chem_comp.type
_chem_comp.name
_chem_comp.formula
5AD non-polymer 5'-DEOXYADENOSINE 'C10 H13 N5 O3'
B12 non-polymer COBALAMIN 'C62 H89 Co N13 O14 P 2'
GDP RNA linking GUANOSINE-5'-DIPHOSPHATE 'C10 H15 N5 O11 P2'
MG non-polymer 'MAGNESIUM ION' 'Mg 2'
TTP non-polymer THYMIDINE-5'-TRIPHOSPHATE 'C10 H17 N2 O14 P3'
#
# COMPACT_ATOMS: atom_id res chain seq x y z
N MET A 1 37.57 -40.09 -1.76
CA MET A 1 38.39 -39.89 -2.96
C MET A 1 38.92 -38.46 -3.05
N LYS A 2 38.59 -37.63 -2.05
CA LYS A 2 39.07 -36.25 -1.99
C LYS A 2 38.40 -35.36 -3.02
N LEU A 3 38.01 -34.17 -2.59
CA LEU A 3 37.16 -33.30 -3.40
C LEU A 3 37.68 -33.01 -4.81
N SER A 4 39.00 -32.95 -4.96
CA SER A 4 39.61 -32.62 -6.25
C SER A 4 39.32 -33.66 -7.34
N ASP A 5 39.39 -34.95 -6.97
CA ASP A 5 39.10 -36.01 -7.91
C ASP A 5 37.61 -36.08 -8.24
N LEU A 6 36.76 -35.88 -7.24
CA LEU A 6 35.32 -35.88 -7.46
C LEU A 6 34.89 -34.76 -8.40
N ILE A 7 35.56 -33.61 -8.31
CA ILE A 7 35.27 -32.50 -9.22
C ILE A 7 35.60 -32.88 -10.66
N SER A 8 36.68 -33.64 -10.85
CA SER A 8 37.11 -34.07 -12.18
C SER A 8 36.08 -34.96 -12.86
N ARG A 9 35.39 -35.78 -12.07
CA ARG A 9 34.36 -36.66 -12.61
C ARG A 9 33.07 -35.93 -12.97
N TRP A 10 32.92 -34.69 -12.51
CA TRP A 10 31.67 -33.96 -12.70
C TRP A 10 31.81 -32.65 -13.48
N ILE A 11 32.98 -32.03 -13.38
CA ILE A 11 33.14 -30.66 -13.88
C ILE A 11 32.91 -30.52 -15.39
N ASP A 12 33.11 -31.63 -16.11
CA ASP A 12 32.91 -31.62 -17.56
C ASP A 12 31.60 -32.29 -17.98
N VAL A 13 30.73 -32.56 -17.02
CA VAL A 13 29.42 -33.15 -17.29
C VAL A 13 28.35 -32.09 -17.53
N GLU A 14 27.94 -31.95 -18.79
CA GLU A 14 26.99 -30.91 -19.20
C GLU A 14 25.62 -31.08 -18.58
N PRO A 15 24.91 -29.94 -18.36
CA PRO A 15 23.53 -29.96 -17.88
C PRO A 15 22.60 -30.57 -18.92
N SER A 16 21.57 -31.29 -18.48
CA SER A 16 20.62 -31.91 -19.38
C SER A 16 19.88 -30.89 -20.23
N LYS A 17 19.29 -31.35 -21.33
CA LYS A 17 18.46 -30.49 -22.17
C LYS A 17 17.37 -29.84 -21.32
N ASN A 18 16.82 -30.63 -20.40
CA ASN A 18 15.80 -30.16 -19.47
C ASN A 18 16.30 -28.98 -18.64
N ALA A 19 17.46 -29.15 -18.01
CA ALA A 19 18.04 -28.10 -17.20
C ALA A 19 18.43 -26.88 -18.03
N GLN A 20 18.94 -27.12 -19.23
CA GLN A 20 19.35 -26.04 -20.12
C GLN A 20 18.19 -25.09 -20.43
N ILE A 21 16.96 -25.64 -20.41
CA ILE A 21 15.77 -24.85 -20.69
C ILE A 21 15.56 -23.83 -19.57
N ILE A 22 15.75 -24.28 -18.35
CA ILE A 22 15.58 -23.43 -17.18
C ILE A 22 16.60 -22.29 -17.23
N LEU A 23 17.84 -22.62 -17.59
CA LEU A 23 18.92 -21.66 -17.58
C LEU A 23 18.75 -20.57 -18.64
N ARG A 24 18.44 -20.98 -19.87
CA ARG A 24 18.21 -20.00 -20.93
C ARG A 24 16.95 -19.19 -20.64
N ASP A 25 16.08 -19.75 -19.81
CA ASP A 25 14.82 -19.08 -19.47
C ASP A 25 15.04 -17.89 -18.56
N ARG A 26 15.77 -18.08 -17.46
CA ARG A 26 15.86 -17.02 -16.46
C ARG A 26 17.16 -16.94 -15.64
N TYR A 27 18.19 -17.67 -16.04
CA TYR A 27 19.44 -17.64 -15.27
C TYR A 27 20.60 -17.01 -16.02
N PHE A 28 20.59 -17.12 -17.35
CA PHE A 28 21.63 -16.51 -18.15
C PHE A 28 21.40 -15.00 -18.24
N MET A 29 22.43 -14.24 -17.88
CA MET A 29 22.32 -12.79 -17.83
C MET A 29 22.18 -12.20 -19.23
N LYS A 30 21.26 -11.26 -19.38
CA LYS A 30 21.04 -10.60 -20.66
C LYS A 30 21.34 -9.10 -20.57
N ASP A 31 21.49 -8.46 -21.72
CA ASP A 31 21.59 -7.01 -21.78
C ASP A 31 20.25 -6.41 -21.41
N LEU A 32 20.21 -5.10 -21.23
CA LEU A 32 18.94 -4.40 -21.16
C LEU A 32 18.39 -4.33 -22.59
N ASP A 33 19.26 -4.67 -23.55
CA ASP A 33 18.88 -4.76 -24.94
C ASP A 33 18.24 -6.11 -25.24
N GLY A 34 18.43 -7.06 -24.32
CA GLY A 34 17.84 -8.37 -24.44
C GLY A 34 18.79 -9.44 -24.91
N ASN A 35 20.00 -9.04 -25.31
CA ASN A 35 20.99 -9.98 -25.81
C ASN A 35 21.55 -10.92 -24.74
N TYR A 36 21.99 -12.11 -25.14
CA TYR A 36 22.58 -13.02 -24.18
C TYR A 36 24.03 -12.64 -23.84
N LEU A 37 24.29 -12.47 -22.55
CA LEU A 37 25.65 -12.26 -22.07
C LEU A 37 26.25 -13.61 -21.68
N GLU A 38 25.40 -14.50 -21.19
CA GLU A 38 25.80 -15.87 -20.87
C GLU A 38 25.01 -16.84 -21.74
N THR A 39 25.63 -17.93 -22.14
CA THR A 39 24.99 -18.89 -23.05
C THR A 39 25.11 -20.34 -22.57
N LYS A 40 26.03 -20.57 -21.64
CA LYS A 40 26.29 -21.90 -21.11
C LYS A 40 26.41 -21.84 -19.59
N TRP A 41 26.05 -22.92 -18.90
CA TRP A 41 26.09 -22.94 -17.44
C TRP A 41 27.43 -22.47 -16.85
N GLU A 42 28.52 -22.78 -17.52
CA GLU A 42 29.84 -22.42 -17.01
C GLU A 42 30.02 -20.90 -16.91
N ASP A 43 29.37 -20.16 -17.79
CA ASP A 43 29.46 -18.71 -17.77
C ASP A 43 28.85 -18.16 -16.49
N VAL A 44 27.88 -18.90 -15.94
CA VAL A 44 27.20 -18.52 -14.70
C VAL A 44 28.11 -18.76 -13.50
N ALA A 45 28.80 -19.89 -13.51
CA ALA A 45 29.65 -20.24 -12.38
C ALA A 45 30.82 -19.25 -12.27
N ARG A 46 31.24 -18.70 -13.40
CA ARG A 46 32.36 -17.78 -13.44
C ARG A 46 32.00 -16.46 -12.78
N ARG A 47 30.85 -15.89 -13.17
CA ARG A 47 30.34 -14.66 -12.58
C ARG A 47 30.14 -14.79 -11.06
N VAL A 48 29.32 -15.76 -10.66
CA VAL A 48 29.00 -15.95 -9.25
C VAL A 48 30.24 -16.21 -8.41
N ALA A 49 31.10 -17.11 -8.89
CA ALA A 49 32.33 -17.43 -8.18
C ALA A 49 33.17 -16.18 -7.94
N ARG A 50 33.37 -15.40 -9.00
CA ARG A 50 34.24 -14.24 -8.92
C ARG A 50 33.67 -13.15 -7.99
N VAL A 51 32.35 -13.01 -7.97
CA VAL A 51 31.70 -11.99 -7.13
C VAL A 51 31.76 -12.32 -5.64
N VAL A 52 31.50 -13.58 -5.28
CA VAL A 52 31.53 -14.01 -3.89
C VAL A 52 32.97 -14.06 -3.33
N ALA A 53 33.94 -14.43 -4.16
CA ALA A 53 35.35 -14.44 -3.75
C ALA A 53 35.89 -13.02 -3.51
N THR A 54 35.13 -12.02 -3.94
CA THR A 54 35.49 -10.63 -3.71
C THR A 54 35.45 -10.30 -2.22
N ALA A 55 34.55 -10.96 -1.48
CA ALA A 55 34.40 -10.76 -0.04
C ALA A 55 35.72 -10.88 0.70
N GLU A 56 36.65 -11.62 0.12
CA GLU A 56 37.95 -11.87 0.74
C GLU A 56 38.79 -10.60 0.87
N LEU A 57 38.38 -9.55 0.15
CA LEU A 57 39.03 -8.25 0.30
C LEU A 57 38.93 -7.83 1.76
N LEU A 58 37.78 -8.09 2.37
CA LEU A 58 37.52 -7.68 3.74
C LEU A 58 38.27 -8.55 4.76
N ASN A 59 38.82 -9.66 4.29
CA ASN A 59 39.53 -10.60 5.17
C ASN A 59 40.74 -9.96 5.84
N PRO A 60 40.66 -9.76 7.17
CA PRO A 60 41.70 -9.08 7.96
C PRO A 60 42.98 -9.91 8.05
N SER A 61 42.84 -11.21 7.87
CA SER A 61 44.00 -12.08 7.79
C SER A 61 44.66 -11.88 6.43
N LYS A 67 47.47 -11.00 -1.11
CA LYS A 67 46.03 -10.88 -0.95
C LYS A 67 45.31 -11.02 -2.30
N LEU A 68 46.08 -11.00 -3.38
CA LEU A 68 45.52 -11.21 -4.71
C LEU A 68 45.57 -12.70 -5.06
N ASP A 69 46.61 -13.39 -4.58
CA ASP A 69 46.70 -14.84 -4.78
C ASP A 69 45.60 -15.55 -4.00
N ARG A 70 45.26 -15.02 -2.83
CA ARG A 70 44.23 -15.62 -1.98
C ARG A 70 42.86 -15.53 -2.62
N ILE A 71 42.46 -14.32 -3.03
CA ILE A 71 41.16 -14.11 -3.65
C ILE A 71 40.97 -15.03 -4.86
N LYS A 72 41.97 -15.04 -5.74
CA LYS A 72 41.95 -15.89 -6.92
C LYS A 72 41.78 -17.34 -6.51
N GLU A 73 42.55 -17.76 -5.51
CA GLU A 73 42.45 -19.11 -4.97
C GLU A 73 40.99 -19.48 -4.75
N TRP A 74 40.31 -18.73 -3.88
CA TRP A 74 38.90 -18.99 -3.57
C TRP A 74 37.98 -18.96 -4.78
N GLU A 75 38.26 -18.08 -5.74
CA GLU A 75 37.41 -17.99 -6.94
C GLU A 75 37.48 -19.31 -7.70
N ASP A 76 38.70 -19.83 -7.87
CA ASP A 76 38.88 -21.11 -8.54
C ASP A 76 38.06 -22.21 -7.87
N ILE A 77 38.24 -22.41 -6.57
CA ILE A 77 37.54 -23.48 -5.86
C ILE A 77 36.02 -23.29 -5.88
N PHE A 78 35.59 -22.04 -5.77
CA PHE A 78 34.17 -21.72 -5.92
C PHE A 78 33.71 -22.12 -7.32
N PHE A 79 34.45 -21.66 -8.33
CA PHE A 79 34.11 -21.92 -9.73
C PHE A 79 33.97 -23.41 -10.02
N ARG A 80 34.97 -24.18 -9.63
CA ARG A 80 34.99 -25.62 -9.91
C ARG A 80 33.80 -26.35 -9.26
N VAL A 81 33.52 -26.06 -8.00
CA VAL A 81 32.40 -26.71 -7.33
C VAL A 81 31.05 -26.26 -7.92
N LEU A 82 31.00 -25.02 -8.41
CA LEU A 82 29.78 -24.50 -9.04
C LEU A 82 29.55 -25.12 -10.42
N LYS A 83 30.59 -25.10 -11.25
CA LYS A 83 30.54 -25.72 -12.58
C LYS A 83 30.17 -27.22 -12.52
N ALA A 84 30.76 -27.96 -11.59
CA ALA A 84 30.49 -29.39 -11.46
C ALA A 84 29.13 -29.66 -10.83
N ARG A 85 28.50 -28.59 -10.36
CA ARG A 85 27.18 -28.66 -9.74
C ARG A 85 27.17 -29.54 -8.50
N LEU A 86 28.24 -29.45 -7.70
CA LEU A 86 28.34 -30.14 -6.43
C LEU A 86 27.59 -29.38 -5.32
N PHE A 87 27.65 -28.06 -5.40
CA PHE A 87 26.96 -27.15 -4.48
C PHE A 87 26.40 -25.99 -5.30
N ILE A 88 25.22 -25.50 -4.91
CA ILE A 88 24.61 -24.37 -5.61
C ILE A 88 23.86 -23.47 -4.64
N PRO A 89 24.11 -22.15 -4.70
CA PRO A 89 23.43 -21.13 -3.88
C PRO A 89 21.98 -20.87 -4.31
N ASN A 90 21.14 -20.35 -3.41
CA ASN A 90 19.76 -20.04 -3.77
C ASN A 90 19.68 -19.19 -5.03
N SER A 91 18.56 -19.27 -5.74
CA SER A 91 18.44 -18.62 -7.05
C SER A 91 18.84 -17.14 -7.12
N PRO A 92 18.42 -16.33 -6.14
CA PRO A 92 18.75 -14.90 -6.22
C PRO A 92 20.25 -14.63 -6.38
N THR A 93 21.07 -15.53 -5.85
CA THR A 93 22.53 -15.42 -5.99
C THR A 93 22.94 -15.64 -7.44
N LEU A 94 22.26 -16.55 -8.11
CA LEU A 94 22.56 -16.88 -9.50
C LEU A 94 22.04 -15.78 -10.42
N PHE A 95 20.82 -15.31 -10.14
CA PHE A 95 20.25 -14.19 -10.87
C PHE A 95 21.08 -12.91 -10.72
N ASN A 96 21.37 -12.56 -9.47
CA ASN A 96 21.73 -11.18 -9.17
C ASN A 96 23.21 -10.86 -8.95
N ALA A 97 24.03 -11.90 -8.91
CA ALA A 97 25.47 -11.72 -8.74
C ALA A 97 26.02 -10.89 -9.90
N GLY A 98 26.76 -9.82 -9.58
CA GLY A 98 27.41 -9.03 -10.61
C GLY A 98 26.58 -7.87 -11.14
N LEU A 99 25.33 -7.78 -10.72
CA LEU A 99 24.46 -6.68 -11.15
C LEU A 99 25.09 -5.31 -10.86
N GLY A 100 25.23 -4.49 -11.90
CA GLY A 100 25.81 -3.17 -11.75
C GLY A 100 27.29 -3.16 -12.10
N VAL A 101 27.89 -4.35 -12.14
CA VAL A 101 29.30 -4.48 -12.47
C VAL A 101 29.50 -4.45 -13.97
N LYS A 102 30.55 -3.74 -14.40
CA LYS A 102 30.92 -3.70 -15.81
C LYS A 102 31.14 -5.12 -16.35
N HIS A 103 30.57 -5.40 -17.52
CA HIS A 103 30.63 -6.73 -18.12
C HIS A 103 32.06 -7.18 -18.45
N ASP A 104 32.98 -6.23 -18.50
CA ASP A 104 34.38 -6.55 -18.83
C ASP A 104 35.11 -7.17 -17.66
N LEU A 105 34.47 -7.21 -16.50
CA LEU A 105 35.08 -7.74 -15.28
C LEU A 105 34.56 -9.12 -14.89
N LEU A 106 33.35 -9.44 -15.34
CA LEU A 106 32.63 -10.61 -14.80
C LEU A 106 32.97 -11.94 -15.47
N TRP A 107 33.60 -11.92 -16.64
CA TRP A 107 33.86 -13.16 -17.35
C TRP A 107 35.30 -13.34 -17.85
N LYS A 108 35.98 -12.24 -18.15
CA LYS A 108 37.33 -12.34 -18.72
C LYS A 108 38.17 -13.34 -17.95
N PRO A 109 39.12 -14.00 -18.64
CA PRO A 109 39.99 -15.02 -18.06
C PRO A 109 40.58 -14.59 -16.71
N ILE A 110 40.66 -15.52 -15.77
CA ILE A 110 41.07 -15.21 -14.41
C ILE A 110 42.54 -14.78 -14.27
N ASP A 111 43.43 -15.44 -15.01
CA ASP A 111 44.84 -15.08 -14.94
C ASP A 111 45.09 -13.68 -15.49
N GLN A 112 44.01 -13.03 -15.91
CA GLN A 112 44.07 -11.67 -16.42
C GLN A 112 43.45 -10.70 -15.42
N MET A 113 43.24 -11.18 -14.20
CA MET A 113 42.60 -10.38 -13.17
C MET A 113 43.61 -9.70 -12.25
N THR A 114 43.49 -8.38 -12.14
CA THR A 114 44.29 -7.60 -11.21
C THR A 114 43.50 -7.33 -9.93
N LEU A 115 44.19 -6.87 -8.90
CA LEU A 115 43.55 -6.47 -7.66
C LEU A 115 42.66 -5.24 -7.91
N GLU A 116 43.09 -4.40 -8.83
CA GLU A 116 42.28 -3.28 -9.27
C GLU A 116 40.90 -3.79 -9.62
N ASP A 117 40.86 -4.90 -10.35
CA ASP A 117 39.61 -5.47 -10.83
C ASP A 117 38.63 -5.86 -9.71
N TYR A 118 39.10 -6.62 -8.74
CA TYR A 118 38.25 -7.09 -7.65
C TYR A 118 37.67 -5.94 -6.83
N GLU A 119 38.50 -4.97 -6.50
CA GLU A 119 38.04 -3.81 -5.75
C GLU A 119 36.97 -3.08 -6.54
N GLU A 120 37.09 -3.07 -7.85
CA GLU A 120 36.09 -2.44 -8.69
C GLU A 120 34.78 -3.19 -8.61
N ILE A 121 34.84 -4.53 -8.63
CA ILE A 121 33.62 -5.30 -8.51
C ILE A 121 32.91 -4.96 -7.21
N TYR A 122 33.67 -4.92 -6.12
CA TYR A 122 33.11 -4.64 -4.81
C TYR A 122 32.44 -3.26 -4.73
N ARG A 123 33.06 -2.26 -5.33
CA ARG A 123 32.54 -0.89 -5.29
C ARG A 123 31.27 -0.69 -6.11
N SER A 124 31.16 -1.39 -7.23
CA SER A 124 30.11 -1.11 -8.20
C SER A 124 28.88 -2.03 -8.13
N ARG A 125 28.78 -2.82 -7.07
CA ARG A 125 27.57 -3.59 -6.82
C ARG A 125 26.41 -2.63 -6.58
N ASN A 126 25.31 -2.80 -7.32
CA ASN A 126 24.22 -1.83 -7.24
C ASN A 126 23.11 -2.21 -6.28
N HIS A 127 22.03 -1.43 -6.29
CA HIS A 127 20.91 -1.64 -5.37
C HIS A 127 20.05 -2.84 -5.75
N LEU A 128 20.37 -3.46 -6.88
CA LEU A 128 19.68 -4.68 -7.28
C LEU A 128 20.47 -5.94 -6.90
N HIS A 129 21.61 -5.75 -6.24
CA HIS A 129 22.55 -6.84 -5.93
C HIS A 129 22.11 -7.67 -4.72
N MET A 130 20.89 -8.17 -4.77
CA MET A 130 20.26 -8.83 -3.63
C MET A 130 20.38 -10.35 -3.80
N LEU A 131 21.18 -10.98 -2.95
CA LEU A 131 21.58 -12.38 -3.14
C LEU A 131 20.94 -13.39 -2.18
N SER A 132 19.85 -13.01 -1.52
CA SER A 132 19.23 -13.89 -0.53
C SER A 132 17.83 -14.30 -0.97
N ALA A 133 17.28 -15.38 -0.40
CA ALA A 133 16.00 -15.89 -0.90
C ALA A 133 14.79 -15.28 -0.19
N CYS A 134 14.96 -15.01 1.09
CA CYS A 134 13.85 -14.92 2.02
C CYS A 134 14.09 -13.85 3.10
N PHE A 135 13.01 -13.20 3.52
CA PHE A 135 13.08 -12.17 4.57
C PHE A 135 11.91 -12.29 5.54
N VAL A 136 12.06 -11.72 6.74
CA VAL A 136 10.95 -11.54 7.67
C VAL A 136 10.86 -10.08 8.12
N VAL A 137 9.66 -9.52 8.11
CA VAL A 137 9.47 -8.15 8.61
C VAL A 137 8.30 -8.06 9.59
N PRO A 138 8.43 -7.19 10.60
CA PRO A 138 7.38 -6.93 11.59
C PRO A 138 6.23 -6.12 11.02
N VAL A 139 5.02 -6.35 11.52
CA VAL A 139 3.88 -5.52 11.16
C VAL A 139 3.20 -4.99 12.44
N GLY A 140 3.64 -3.83 12.90
CA GLY A 140 3.13 -3.26 14.15
C GLY A 140 1.68 -2.79 14.12
N ASP A 141 1.11 -2.60 15.31
CA ASP A 141 -0.31 -2.28 15.45
C ASP A 141 -0.68 -0.81 15.19
N SER A 142 -0.36 -0.30 14.00
CA SER A 142 -0.74 1.05 13.62
C SER A 142 -0.80 1.21 12.11
N ILE A 143 -1.60 2.16 11.62
CA ILE A 143 -1.67 2.43 10.18
C ILE A 143 -0.28 2.77 9.69
N GLU A 144 0.42 3.59 10.46
CA GLU A 144 1.79 3.95 10.10
C GLU A 144 2.65 2.70 9.84
N GLU A 145 2.79 1.82 10.84
CA GLU A 145 3.62 0.60 10.69
C GLU A 145 3.12 -0.38 9.63
N ILE A 146 1.80 -0.55 9.55
CA ILE A 146 1.21 -1.46 8.57
C ILE A 146 1.60 -1.10 7.15
N PHE A 147 1.45 0.17 6.80
CA PHE A 147 1.73 0.60 5.43
C PHE A 147 3.21 0.81 5.13
N GLU A 148 4.01 1.00 6.18
CA GLU A 148 5.45 0.93 6.01
C GLU A 148 5.85 -0.52 5.68
N ALA A 149 5.20 -1.49 6.32
CA ALA A 149 5.45 -2.90 6.00
C ALA A 149 5.01 -3.25 4.57
N VAL A 150 3.89 -2.66 4.11
CA VAL A 150 3.41 -2.93 2.76
C VAL A 150 4.48 -2.49 1.75
N LYS A 151 5.02 -1.30 1.97
CA LYS A 151 6.08 -0.76 1.12
C LYS A 151 7.29 -1.71 1.14
N GLU A 152 7.66 -2.15 2.33
CA GLU A 152 8.76 -3.12 2.46
C GLU A 152 8.54 -4.41 1.65
N TYR A 153 7.31 -4.93 1.65
CA TYR A 153 6.97 -6.11 0.87
C TYR A 153 7.21 -5.87 -0.62
N ALA A 154 6.81 -4.70 -1.08
CA ALA A 154 6.94 -4.38 -2.50
C ALA A 154 8.40 -4.27 -2.88
N LEU A 155 9.20 -3.64 -2.02
CA LEU A 155 10.63 -3.43 -2.27
C LEU A 155 11.45 -4.74 -2.29
N ILE A 156 11.07 -5.70 -1.46
CA ILE A 156 11.78 -6.97 -1.32
C ILE A 156 11.40 -7.88 -2.46
N THR A 157 10.11 -7.87 -2.78
CA THR A 157 9.60 -8.61 -3.92
C THR A 157 10.19 -8.08 -5.23
N LYS A 158 10.39 -6.77 -5.32
CA LYS A 158 11.03 -6.21 -6.51
C LYS A 158 12.42 -6.79 -6.79
N VAL A 159 13.23 -6.94 -5.75
CA VAL A 159 14.61 -7.43 -5.92
C VAL A 159 14.71 -8.96 -5.98
N GLY A 160 13.61 -9.65 -5.71
CA GLY A 160 13.58 -11.10 -5.89
C GLY A 160 13.42 -11.91 -4.63
N GLY A 161 13.12 -11.24 -3.51
CA GLY A 161 12.95 -11.92 -2.24
C GLY A 161 11.53 -12.35 -1.90
N GLY A 162 11.42 -13.38 -1.07
CA GLY A 162 10.15 -13.72 -0.45
C GLY A 162 10.12 -12.97 0.88
N VAL A 163 8.98 -12.93 1.54
CA VAL A 163 8.93 -12.28 2.84
C VAL A 163 7.81 -12.86 3.68
N GLY A 164 8.05 -12.95 4.98
CA GLY A 164 7.03 -13.42 5.88
C GLY A 164 6.80 -12.47 7.04
N SER A 165 5.60 -12.55 7.61
CA SER A 165 5.28 -11.78 8.80
C SER A 165 4.33 -12.54 9.69
N ASN A 166 4.44 -12.27 10.99
CA ASN A 166 3.40 -12.60 11.94
C ASN A 166 2.48 -11.38 12.13
N PHE A 167 1.19 -11.55 11.85
CA PHE A 167 0.24 -10.44 11.88
C PHE A 167 -0.54 -10.33 13.21
N SER A 168 -0.03 -11.04 14.22
CA SER A 168 -0.68 -11.12 15.53
C SER A 168 -0.70 -9.83 16.34
N GLU A 169 0.19 -8.90 16.03
CA GLU A 169 0.20 -7.65 16.77
C GLU A 169 -0.99 -6.81 16.39
N LEU A 170 -1.53 -7.02 15.19
CA LEU A 170 -2.68 -6.26 14.72
C LEU A 170 -3.89 -6.61 15.55
N ARG A 171 -4.55 -5.59 16.12
CA ARG A 171 -5.63 -5.89 17.05
C ARG A 171 -6.80 -6.45 16.25
N PRO A 172 -7.64 -7.28 16.88
CA PRO A 172 -8.73 -8.02 16.24
C PRO A 172 -9.81 -7.16 15.61
N LYS A 173 -10.44 -7.69 14.57
CA LYS A 173 -11.56 -7.01 13.91
C LYS A 173 -12.59 -6.48 14.91
N GLY A 174 -12.95 -5.21 14.77
CA GLY A 174 -13.96 -4.62 15.64
C GLY A 174 -13.45 -3.95 16.91
N SER A 175 -12.16 -4.07 17.19
CA SER A 175 -11.58 -3.46 18.40
C SER A 175 -11.68 -1.93 18.32
N PHE A 176 -11.55 -1.26 19.45
CA PHE A 176 -11.60 0.20 19.52
C PHE A 176 -10.34 0.82 18.91
N VAL A 177 -10.56 1.83 18.08
CA VAL A 177 -9.47 2.67 17.59
C VAL A 177 -9.64 4.09 18.17
N ALA A 178 -8.78 4.46 19.11
CA ALA A 178 -8.94 5.74 19.82
C ALA A 178 -8.83 6.96 18.91
N GLY A 179 -7.98 6.85 17.88
CA GLY A 179 -7.70 7.99 17.03
C GLY A 179 -8.86 8.46 16.14
N THR A 180 -9.85 7.59 15.98
CA THR A 180 -11.00 7.86 15.12
C THR A 180 -12.28 7.53 15.85
N HIS A 181 -12.15 6.98 17.06
CA HIS A 181 -13.28 6.41 17.80
C HIS A 181 -14.00 5.37 16.97
N GLY A 182 -13.26 4.64 16.15
CA GLY A 182 -13.87 3.70 15.24
C GLY A 182 -13.57 2.25 15.59
N LYS A 183 -13.68 1.40 14.58
CA LYS A 183 -13.43 -0.02 14.76
C LYS A 183 -12.33 -0.52 13.83
N ALA A 184 -11.45 -1.39 14.36
CA ALA A 184 -10.32 -1.89 13.59
C ALA A 184 -10.77 -2.89 12.53
N SER A 185 -10.06 -2.92 11.41
CA SER A 185 -10.38 -3.86 10.35
C SER A 185 -9.95 -5.30 10.66
N GLY A 186 -8.90 -5.44 11.47
CA GLY A 186 -8.38 -6.77 11.81
C GLY A 186 -7.34 -7.33 10.85
N PRO A 187 -6.50 -8.28 11.35
CA PRO A 187 -5.36 -8.81 10.57
C PRO A 187 -5.72 -9.35 9.18
N VAL A 188 -6.79 -10.12 9.08
CA VAL A 188 -7.13 -10.76 7.83
C VAL A 188 -7.45 -9.70 6.76
N SER A 189 -8.16 -8.63 7.13
CA SER A 189 -8.42 -7.54 6.18
C SER A 189 -7.15 -6.84 5.75
N PHE A 190 -6.24 -6.54 6.68
CA PHE A 190 -4.97 -5.94 6.24
C PHE A 190 -4.15 -6.86 5.32
N MET A 191 -4.14 -8.17 5.60
CA MET A 191 -3.45 -9.12 4.72
C MET A 191 -3.87 -8.98 3.24
N HIS A 192 -5.15 -8.69 3.00
CA HIS A 192 -5.61 -8.45 1.64
C HIS A 192 -4.87 -7.30 0.95
N VAL A 193 -4.53 -6.27 1.72
CA VAL A 193 -3.77 -5.15 1.17
C VAL A 193 -2.36 -5.56 0.77
N PHE A 194 -1.65 -6.27 1.65
CA PHE A 194 -0.36 -6.89 1.29
C PHE A 194 -0.47 -7.73 0.01
N ASN A 195 -1.51 -8.55 -0.09
CA ASN A 195 -1.68 -9.38 -1.28
C ASN A 195 -1.85 -8.55 -2.54
N SER A 196 -2.66 -7.49 -2.45
CA SER A 196 -2.87 -6.61 -3.58
C SER A 196 -1.58 -5.94 -4.01
N ALA A 197 -0.78 -5.53 -3.04
CA ALA A 197 0.53 -4.96 -3.30
C ALA A 197 1.43 -5.86 -4.16
N ILE A 198 1.57 -7.13 -3.79
CA ILE A 198 2.44 -8.04 -4.54
C ILE A 198 1.83 -8.34 -5.91
N SER A 199 0.51 -8.35 -5.94
CA SER A 199 -0.23 -8.45 -7.19
C SER A 199 0.34 -7.59 -8.34
N VAL A 200 0.90 -6.44 -8.03
CA VAL A 200 1.42 -5.57 -9.09
C VAL A 200 2.94 -5.47 -9.13
N VAL A 201 3.62 -6.40 -8.46
CA VAL A 201 5.07 -6.36 -8.39
C VAL A 201 5.65 -7.73 -8.73
N LYS A 202 6.67 -7.78 -9.59
CA LYS A 202 7.36 -9.04 -9.92
C LYS A 202 8.79 -8.84 -10.40
N GLN A 203 9.62 -9.87 -10.25
CA GLN A 203 11.01 -9.84 -10.75
C GLN A 203 11.16 -10.54 -12.10
N GLY A 204 10.07 -10.62 -12.88
CA GLY A 204 10.10 -11.25 -14.19
C GLY A 204 8.86 -12.09 -14.44
N SER A 205 8.06 -12.29 -13.40
CA SER A 205 6.80 -13.06 -13.41
C SER A 205 6.85 -14.27 -12.50
N ARG A 207 5.02 -16.35 -9.15
CA ARG A 207 5.06 -15.72 -7.84
C ARG A 207 4.28 -16.51 -6.78
N ARG A 208 3.79 -17.70 -7.15
CA ARG A 208 3.10 -18.59 -6.22
C ARG A 208 3.85 -18.72 -4.89
N GLY A 209 3.17 -18.36 -3.79
CA GLY A 209 3.72 -18.55 -2.46
C GLY A 209 4.91 -17.66 -2.11
N ALA A 210 4.93 -16.45 -2.66
CA ALA A 210 5.97 -15.47 -2.39
C ALA A 210 5.94 -14.96 -0.93
N LEU A 211 4.80 -15.13 -0.27
CA LEU A 211 4.61 -14.61 1.09
C LEU A 211 4.24 -15.67 2.13
N MET A 212 4.64 -15.41 3.37
CA MET A 212 4.16 -16.15 4.52
C MET A 212 3.38 -15.23 5.46
N GLY A 213 2.17 -15.66 5.80
CA GLY A 213 1.36 -14.98 6.79
C GLY A 213 1.04 -15.90 7.95
N ILE A 214 1.47 -15.51 9.15
CA ILE A 214 1.18 -16.27 10.36
C ILE A 214 0.25 -15.51 11.32
N LEU A 215 -0.77 -16.19 11.85
CA LEU A 215 -1.54 -15.63 12.97
C LEU A 215 -1.49 -16.60 14.14
N ASN A 216 -1.21 -16.09 15.35
CA ASN A 216 -1.07 -16.96 16.52
C ASN A 216 -2.37 -17.62 16.97
N ILE A 217 -2.24 -18.85 17.46
CA ILE A 217 -3.38 -19.70 17.82
C ILE A 217 -4.34 -19.04 18.83
N ASN A 218 -3.84 -18.09 19.63
CA ASN A 218 -4.67 -17.45 20.65
C ASN A 218 -5.20 -16.05 20.30
N HIS A 219 -5.03 -15.65 19.05
CA HIS A 219 -5.57 -14.38 18.53
C HIS A 219 -7.08 -14.53 18.30
N PRO A 220 -7.87 -13.55 18.76
CA PRO A 220 -9.34 -13.62 18.65
C PRO A 220 -9.87 -13.80 17.23
N ASP A 221 -9.09 -13.50 16.20
CA ASP A 221 -9.56 -13.74 14.85
C ASP A 221 -9.02 -15.04 14.24
N ILE A 222 -8.50 -15.91 15.10
CA ILE A 222 -7.82 -17.11 14.59
C ILE A 222 -8.74 -17.93 13.71
N GLU A 223 -10.01 -18.03 14.08
CA GLU A 223 -10.97 -18.81 13.29
C GLU A 223 -11.23 -18.23 11.89
N GLU A 224 -11.30 -16.91 11.78
CA GLU A 224 -11.46 -16.27 10.48
C GLU A 224 -10.23 -16.53 9.60
N PHE A 225 -9.06 -16.45 10.24
CA PHE A 225 -7.78 -16.68 9.57
C PHE A 225 -7.67 -18.11 9.03
N ILE A 226 -8.03 -19.10 9.85
CA ILE A 226 -8.05 -20.51 9.45
C ILE A 226 -8.90 -20.71 8.20
N ASP A 227 -10.01 -19.98 8.10
CA ASP A 227 -10.89 -20.05 6.92
C ASP A 227 -10.59 -18.97 5.87
N ALA A 228 -9.55 -18.18 6.08
CA ALA A 228 -9.25 -17.06 5.20
C ALA A 228 -9.25 -17.39 3.72
N LYS A 229 -8.83 -18.60 3.36
CA LYS A 229 -8.74 -18.99 1.96
C LYS A 229 -9.75 -20.08 1.59
N LYS A 230 -10.99 -19.66 1.34
CA LYS A 230 -12.05 -20.57 0.88
C LYS A 230 -13.28 -19.80 0.41
N VAL A 237 -8.31 -13.86 -3.50
CA VAL A 237 -8.30 -13.74 -2.04
C VAL A 237 -6.94 -13.35 -1.48
N LEU A 238 -6.11 -14.36 -1.22
CA LEU A 238 -4.79 -14.17 -0.63
C LEU A 238 -3.81 -15.07 -1.39
N ASN A 239 -3.95 -15.07 -2.71
CA ASN A 239 -3.28 -16.06 -3.57
C ASN A 239 -1.76 -16.07 -3.49
N PHE A 240 -1.16 -14.98 -3.05
CA PHE A 240 0.29 -14.92 -2.93
C PHE A 240 0.81 -15.37 -1.56
N PHE A 241 -0.09 -15.56 -0.60
CA PHE A 241 0.30 -16.01 0.74
C PHE A 241 0.26 -17.54 0.91
N ASN A 242 1.28 -18.09 1.57
CA ASN A 242 1.11 -19.32 2.32
C ASN A 242 0.69 -18.87 3.72
N LEU A 243 -0.26 -19.58 4.33
CA LEU A 243 -0.69 -19.27 5.70
C LEU A 243 -0.28 -20.39 6.69
N SER A 244 0.21 -20.00 7.87
CA SER A 244 0.43 -20.93 9.00
C SER A 244 -0.14 -20.41 10.33
N VAL A 245 -0.65 -21.33 11.14
CA VAL A 245 -1.05 -21.01 12.51
C VAL A 245 0.17 -20.99 13.40
N GLY A 246 0.31 -19.94 14.21
CA GLY A 246 1.47 -19.78 15.08
C GLY A 246 1.26 -20.34 16.47
N PHE A 247 2.25 -21.07 16.98
CA PHE A 247 2.23 -21.54 18.35
C PHE A 247 3.44 -21.00 19.07
N PRO A 248 3.28 -19.85 19.73
CA PRO A 248 4.42 -19.22 20.40
C PRO A 248 4.75 -19.96 21.69
N MET A 249 3.79 -20.73 22.21
CA MET A 249 4.02 -21.48 23.45
C MET A 249 4.74 -22.81 23.17
N ASP A 250 5.13 -23.49 24.25
CA ASP A 250 5.78 -24.79 24.14
C ASP A 250 4.84 -25.84 23.55
N LYS A 251 5.33 -26.63 22.60
CA LYS A 251 4.57 -27.74 22.06
C LYS A 251 3.97 -28.64 23.15
N LYS A 252 4.71 -28.82 24.24
CA LYS A 252 4.26 -29.65 25.35
C LYS A 252 2.94 -29.18 25.93
N GLU A 253 2.85 -27.87 26.19
CA GLU A 253 1.64 -27.28 26.78
C GLU A 253 0.39 -27.49 25.92
N ILE A 254 0.54 -27.36 24.61
CA ILE A 254 -0.60 -27.51 23.71
C ILE A 254 -1.04 -28.96 23.63
N LEU A 255 -0.09 -29.88 23.53
CA LEU A 255 -0.41 -31.30 23.53
C LEU A 255 -1.20 -31.61 24.79
N LYS A 256 -0.72 -31.09 25.90
CA LYS A 256 -1.35 -31.33 27.20
C LYS A 256 -2.80 -30.86 27.19
N LEU A 257 -3.00 -29.60 26.81
CA LEU A 257 -4.34 -29.02 26.74
C LEU A 257 -5.23 -29.86 25.84
N TYR A 258 -4.68 -30.32 24.71
CA TYR A 258 -5.44 -31.14 23.78
C TYR A 258 -5.86 -32.46 24.41
N GLU A 259 -4.95 -33.11 25.13
CA GLU A 259 -5.24 -34.42 25.73
C GLU A 259 -6.25 -34.31 26.86
N GLU A 260 -6.23 -33.18 27.56
CA GLU A 260 -7.17 -32.90 28.64
C GLU A 260 -8.48 -32.30 28.14
N ASP A 261 -8.61 -32.19 26.82
CA ASP A 261 -9.76 -31.52 26.21
C ASP A 261 -9.94 -30.13 26.83
N GLY A 262 -8.84 -29.42 27.02
CA GLY A 262 -8.85 -28.13 27.67
C GLY A 262 -9.33 -26.98 26.78
N GLU A 263 -9.43 -25.81 27.39
CA GLU A 263 -9.87 -24.62 26.67
C GLU A 263 -8.76 -23.59 26.54
N LEU A 264 -8.76 -22.89 25.40
CA LEU A 264 -7.81 -21.84 25.10
C LEU A 264 -8.49 -20.47 25.16
N GLU A 265 -7.94 -19.55 25.94
CA GLU A 265 -8.46 -18.19 26.00
C GLU A 265 -7.91 -17.36 24.84
N LEU A 266 -8.81 -16.81 24.02
CA LEU A 266 -8.42 -15.94 22.91
C LEU A 266 -8.44 -14.52 23.41
N SER A 267 -7.35 -13.80 23.21
CA SER A 267 -7.26 -12.43 23.69
C SER A 267 -6.20 -11.65 22.94
N HIS A 268 -6.19 -10.34 23.16
CA HIS A 268 -5.20 -9.46 22.54
C HIS A 268 -5.01 -8.30 23.51
N PRO A 269 -3.77 -7.81 23.65
CA PRO A 269 -3.44 -6.73 24.60
C PRO A 269 -4.01 -5.36 24.22
N ARG A 270 -4.41 -5.16 22.97
CA ARG A 270 -4.93 -3.87 22.55
C ARG A 270 -6.42 -3.98 22.22
N SER A 271 -7.09 -4.95 22.82
CA SER A 271 -8.52 -5.16 22.60
C SER A 271 -9.20 -5.70 23.86
N THR A 272 -10.49 -5.38 24.01
CA THR A 272 -11.27 -5.89 25.13
C THR A 272 -11.95 -7.17 24.67
N ILE A 273 -11.85 -7.43 23.37
CA ILE A 273 -12.38 -8.64 22.77
C ILE A 273 -11.66 -9.89 23.32
N ARG A 274 -12.41 -10.82 23.89
CA ARG A 274 -11.83 -12.10 24.33
C ARG A 274 -12.87 -13.23 24.37
N LYS A 275 -12.40 -14.47 24.37
CA LYS A 275 -13.27 -15.60 24.06
C LYS A 275 -12.64 -16.94 24.46
N LYS A 276 -13.46 -17.88 24.92
CA LYS A 276 -12.98 -19.23 25.22
C LYS A 276 -13.39 -20.22 24.13
N VAL A 277 -12.44 -21.04 23.69
CA VAL A 277 -12.74 -22.09 22.71
C VAL A 277 -12.03 -23.40 23.06
N LYS A 278 -12.70 -24.52 22.81
CA LYS A 278 -12.10 -25.82 23.05
C LYS A 278 -10.95 -25.99 22.08
N ILE A 279 -9.79 -26.40 22.58
CA ILE A 279 -8.61 -26.53 21.74
C ILE A 279 -8.76 -27.63 20.69
N ARG A 280 -9.52 -28.67 21.02
CA ARG A 280 -9.78 -29.74 20.04
C ARG A 280 -10.57 -29.23 18.82
N GLU A 281 -11.47 -28.29 19.05
CA GLU A 281 -12.29 -27.75 17.97
C GLU A 281 -11.49 -26.84 17.04
N LEU A 282 -10.52 -26.14 17.60
CA LEU A 282 -9.67 -25.27 16.80
C LEU A 282 -8.78 -26.13 15.90
N PHE A 283 -8.20 -27.17 16.49
CA PHE A 283 -7.38 -28.13 15.74
C PHE A 283 -8.19 -28.78 14.65
N ARG A 284 -9.42 -29.18 14.96
CA ARG A 284 -10.23 -29.82 13.94
C ARG A 284 -10.56 -28.84 12.79
N LYS A 285 -10.70 -27.56 13.13
CA LYS A 285 -10.93 -26.51 12.13
C LYS A 285 -9.74 -26.43 11.18
N ILE A 286 -8.56 -26.30 11.78
CA ILE A 286 -7.31 -26.33 11.03
C ILE A 286 -7.20 -27.58 10.14
N ALA A 287 -7.38 -28.76 10.74
CA ALA A 287 -7.23 -30.01 10.01
C ALA A 287 -8.18 -30.07 8.82
N THR A 288 -9.44 -29.68 9.04
CA THR A 288 -10.46 -29.73 7.98
C THR A 288 -10.08 -28.83 6.80
N ASN A 289 -9.69 -27.60 7.11
CA ASN A 289 -9.19 -26.70 6.07
C ASN A 289 -7.95 -27.24 5.36
N ALA A 290 -7.00 -27.75 6.13
CA ALA A 290 -5.79 -28.35 5.55
C ALA A 290 -6.14 -29.54 4.65
N TRP A 291 -7.04 -30.38 5.14
CA TRP A 291 -7.53 -31.54 4.41
C TRP A 291 -8.13 -31.12 3.06
N LYS A 292 -8.77 -29.95 3.03
CA LYS A 292 -9.45 -29.48 1.83
C LYS A 292 -8.50 -28.87 0.79
N SER A 293 -7.47 -28.17 1.26
CA SER A 293 -6.74 -27.24 0.42
C SER A 293 -5.27 -27.12 0.75
N GLY A 294 -4.81 -27.86 1.75
CA GLY A 294 -3.40 -27.84 2.11
C GLY A 294 -2.96 -26.66 2.94
N ASP A 295 -3.89 -25.84 3.40
CA ASP A 295 -3.55 -24.71 4.25
C ASP A 295 -4.60 -24.57 5.35
N PRO A 296 -4.22 -23.96 6.47
CA PRO A 296 -2.89 -23.44 6.82
C PRO A 296 -2.00 -24.55 7.43
N GLY A 297 -0.71 -24.27 7.56
CA GLY A 297 0.18 -25.17 8.28
C GLY A 297 0.31 -24.77 9.74
N LEU A 298 1.19 -25.46 10.43
CA LEU A 298 1.50 -25.19 11.84
C LEU A 298 2.92 -24.66 11.93
N ALA A 299 3.10 -23.58 12.67
CA ALA A 299 4.43 -23.04 12.94
C ALA A 299 4.65 -23.09 14.43
N PHE A 300 5.56 -23.97 14.88
CA PHE A 300 5.89 -24.11 16.29
C PHE A 300 7.01 -23.13 16.63
N LEU A 301 6.63 -21.86 16.70
CA LEU A 301 7.54 -20.75 16.96
C LEU A 301 8.26 -20.92 18.30
N GLY A 302 7.53 -21.37 19.31
CA GLY A 302 8.11 -21.60 20.63
C GLY A 302 9.26 -22.60 20.61
N GLU A 303 9.14 -23.60 19.75
CA GLU A 303 10.17 -24.63 19.59
C GLU A 303 11.38 -24.04 18.86
N MET A 304 11.13 -23.05 18.00
CA MET A 304 12.21 -22.40 17.26
C MET A 304 13.05 -21.55 18.16
N ASN A 305 12.39 -20.88 19.12
CA ASN A 305 13.08 -19.99 20.06
C ASN A 305 13.83 -20.84 21.08
N LYS A 306 13.23 -21.98 21.40
CA LYS A 306 13.85 -22.97 22.29
C LYS A 306 15.29 -23.21 21.89
N TYR A 307 15.54 -23.26 20.58
CA TYR A 307 16.89 -23.49 20.07
C TYR A 307 17.53 -22.24 19.47
N TYR A 308 16.90 -21.09 19.69
CA TYR A 308 17.40 -19.82 19.15
C TYR A 308 18.43 -19.24 20.12
N PRO A 309 19.70 -19.20 19.68
CA PRO A 309 20.81 -18.79 20.55
C PRO A 309 20.67 -17.39 21.14
N LEU A 310 19.81 -16.55 20.55
CA LEU A 310 19.68 -15.17 21.00
C LEU A 310 18.41 -14.88 21.79
N TYR A 311 17.54 -15.87 21.90
CA TYR A 311 16.34 -15.77 22.72
C TYR A 311 16.70 -15.50 24.20
N PRO A 312 15.93 -14.64 24.88
CA PRO A 312 14.81 -13.82 24.41
C PRO A 312 15.21 -12.39 24.07
N HIS A 313 16.51 -12.09 24.09
CA HIS A 313 16.99 -10.76 23.70
C HIS A 313 16.39 -10.40 22.35
N ARG A 314 16.54 -11.32 21.40
CA ARG A 314 15.82 -11.26 20.15
C ARG A 314 14.91 -12.48 20.11
N LYS A 315 13.89 -12.45 19.25
CA LYS A 315 12.83 -13.45 19.34
C LYS A 315 12.26 -13.81 17.97
N ILE A 316 12.12 -15.12 17.70
CA ILE A 316 11.57 -15.58 16.42
C ILE A 316 10.04 -15.53 16.36
N ASN A 317 9.52 -14.72 15.43
CA ASN A 317 8.08 -14.54 15.28
C ASN A 317 7.50 -15.13 14.01
N SER A 318 8.35 -15.33 13.01
CA SER A 318 7.86 -15.75 11.71
C SER A 318 8.90 -16.55 10.95
N THR A 319 8.42 -17.31 9.96
CA THR A 319 9.29 -17.99 9.03
C THR A 319 9.16 -17.32 7.68
N ASN A 320 10.07 -17.66 6.77
CA ASN A 320 9.92 -17.31 5.36
C ASN A 320 8.77 -18.13 4.76
N PRO A 321 8.43 -17.86 3.49
CA PRO A 321 7.28 -18.50 2.81
C PRO A 321 7.28 -20.04 2.77
N CYS A 322 8.45 -20.68 2.75
CA CYS A 322 8.45 -22.15 2.73
C CYS A 322 8.71 -22.76 4.10
N GLY A 323 8.89 -21.90 5.11
CA GLY A 323 8.94 -22.31 6.49
C GLY A 323 10.29 -22.78 7.01
N GLU A 324 11.25 -23.01 6.12
CA GLU A 324 12.51 -23.61 6.55
C GLU A 324 13.41 -22.70 7.39
N ILE A 325 13.07 -21.43 7.53
CA ILE A 325 13.89 -20.56 8.38
C ILE A 325 13.04 -19.75 9.38
N GLY A 326 13.35 -19.90 10.65
CA GLY A 326 12.74 -19.06 11.67
C GLY A 326 13.58 -17.81 11.78
N LEU A 327 12.97 -16.65 11.58
CA LEU A 327 13.70 -15.39 11.53
C LEU A 327 13.15 -14.40 12.53
N SER A 328 14.03 -13.68 13.22
CA SER A 328 13.61 -12.55 14.03
C SER A 328 13.45 -11.35 13.09
N ASP A 329 12.89 -10.27 13.59
CA ASP A 329 12.56 -9.12 12.73
C ASP A 329 13.72 -8.61 11.86
N TYR A 330 13.48 -8.58 10.55
CA TYR A 330 14.40 -7.98 9.56
C TYR A 330 15.58 -8.85 9.13
N GLU A 331 15.69 -10.06 9.67
CA GLU A 331 16.74 -10.97 9.23
C GLU A 331 16.43 -11.50 7.84
N ALA A 332 17.48 -11.93 7.16
CA ALA A 332 17.32 -12.63 5.90
C ALA A 332 17.86 -14.03 6.07
N CYS A 333 17.87 -14.78 4.99
CA CYS A 333 18.80 -15.89 4.95
C CYS A 333 19.22 -16.25 3.54
N ASN A 334 20.53 -16.38 3.38
CA ASN A 334 21.12 -16.90 2.16
C ASN A 334 21.35 -18.41 2.28
N LEU A 335 20.67 -19.14 1.41
CA LEU A 335 20.71 -20.57 1.40
C LEU A 335 21.59 -21.02 0.24
N GLY A 336 22.03 -22.26 0.31
CA GLY A 336 22.81 -22.89 -0.72
C GLY A 336 22.71 -24.38 -0.38
N SER A 337 22.72 -25.24 -1.38
CA SER A 337 22.60 -26.67 -1.13
C SER A 337 23.67 -27.52 -1.81
N ILE A 338 24.05 -28.61 -1.13
CA ILE A 338 24.97 -29.60 -1.67
C ILE A 338 24.23 -30.80 -2.24
N ASP A 339 24.61 -31.23 -3.44
CA ASP A 339 23.98 -32.40 -4.06
C ASP A 339 24.64 -33.68 -3.55
N VAL A 340 24.02 -34.34 -2.59
CA VAL A 340 24.68 -35.50 -1.99
C VAL A 340 24.66 -36.73 -2.91
N ALA A 341 23.71 -36.77 -3.83
CA ALA A 341 23.63 -37.85 -4.82
C ALA A 341 24.95 -38.00 -5.60
N LYS A 342 25.70 -36.91 -5.69
CA LYS A 342 26.97 -36.90 -6.41
C LYS A 342 28.12 -37.46 -5.56
N PHE A 343 27.85 -37.64 -4.27
CA PHE A 343 28.88 -38.17 -3.38
C PHE A 343 28.80 -39.69 -3.16
N TYR A 344 28.01 -40.36 -4.00
CA TYR A 344 27.90 -41.80 -3.93
C TYR A 344 29.13 -42.46 -4.53
N ASN A 345 29.68 -43.43 -3.81
CA ASN A 345 30.89 -44.10 -4.27
C ASN A 345 31.05 -45.50 -3.66
N ASN A 346 30.72 -46.53 -4.44
CA ASN A 346 30.93 -47.91 -4.00
C ASN A 346 30.18 -48.26 -2.74
N GLY A 347 28.87 -48.07 -2.75
CA GLY A 347 28.01 -48.38 -1.62
C GLY A 347 28.26 -47.55 -0.37
N PHE A 348 29.00 -46.45 -0.53
CA PHE A 348 29.32 -45.56 0.60
C PHE A 348 29.14 -44.08 0.27
N VAL A 349 28.93 -43.26 1.30
CA VAL A 349 29.00 -41.82 1.11
C VAL A 349 30.43 -41.37 1.40
N ASP A 350 31.04 -40.72 0.41
CA ASP A 350 32.42 -40.26 0.50
C ASP A 350 32.52 -39.14 1.53
N LEU A 351 32.75 -39.50 2.78
CA LEU A 351 32.84 -38.50 3.85
C LEU A 351 34.07 -37.62 3.70
N GLU A 352 35.09 -38.13 3.00
CA GLU A 352 36.29 -37.34 2.80
C GLU A 352 36.00 -36.10 1.94
N ALA A 353 35.39 -36.33 0.79
CA ALA A 353 35.08 -35.27 -0.16
C ALA A 353 34.00 -34.36 0.39
N LEU A 354 32.93 -34.97 0.90
CA LEU A 354 31.82 -34.20 1.42
C LEU A 354 32.27 -33.21 2.49
N GLN A 355 33.19 -33.64 3.36
CA GLN A 355 33.68 -32.75 4.41
C GLN A 355 34.36 -31.47 3.89
N GLU A 356 35.22 -31.62 2.88
CA GLU A 356 35.89 -30.48 2.27
C GLU A 356 34.84 -29.52 1.73
N LEU A 357 33.88 -30.05 0.97
CA LEU A 357 32.85 -29.21 0.34
C LEU A 357 32.00 -28.44 1.36
N VAL A 358 31.85 -28.99 2.56
CA VAL A 358 31.09 -28.33 3.61
C VAL A 358 31.81 -27.07 4.08
N GLN A 359 33.09 -27.21 4.44
CA GLN A 359 33.89 -26.07 4.83
C GLN A 359 33.81 -24.99 3.74
N ILE A 360 33.99 -25.40 2.50
CA ILE A 360 33.93 -24.47 1.37
C ILE A 360 32.57 -23.76 1.27
N ALA A 361 31.50 -24.54 1.39
CA ALA A 361 30.14 -24.03 1.30
C ALA A 361 29.83 -23.02 2.39
N VAL A 362 30.24 -23.32 3.62
CA VAL A 362 30.04 -22.38 4.72
C VAL A 362 30.78 -21.07 4.45
N ARG A 363 32.02 -21.15 3.99
CA ARG A 363 32.77 -19.95 3.62
C ARG A 363 32.07 -19.20 2.49
N PHE A 364 31.63 -19.93 1.47
CA PHE A 364 30.95 -19.33 0.33
C PHE A 364 29.73 -18.53 0.78
N LEU A 365 28.84 -19.19 1.50
CA LEU A 365 27.62 -18.57 1.99
C LEU A 365 27.93 -17.37 2.91
N ASP A 366 28.93 -17.52 3.76
CA ASP A 366 29.29 -16.46 4.68
C ASP A 366 29.88 -15.26 3.93
N ASN A 367 30.54 -15.53 2.80
CA ASN A 367 31.02 -14.46 1.91
C ASN A 367 29.86 -13.74 1.20
N VAL A 368 28.85 -14.50 0.77
CA VAL A 368 27.70 -13.91 0.10
C VAL A 368 27.14 -12.74 0.90
N ILE A 369 27.20 -12.86 2.22
CA ILE A 369 26.74 -11.79 3.10
C ILE A 369 27.47 -10.47 2.82
N ASP A 370 28.80 -10.53 2.79
CA ASP A 370 29.62 -9.34 2.62
C ASP A 370 29.37 -8.59 1.32
N VAL A 371 28.92 -9.31 0.30
CA VAL A 371 28.74 -8.71 -1.02
C VAL A 371 27.27 -8.50 -1.34
N ASN A 372 26.42 -8.75 -0.34
CA ASN A 372 24.98 -8.66 -0.49
C ASN A 372 24.53 -7.21 -0.32
N VAL A 373 23.55 -6.78 -1.12
CA VAL A 373 22.96 -5.45 -0.95
C VAL A 373 21.48 -5.61 -0.66
N PHE A 374 21.05 -5.17 0.53
CA PHE A 374 19.65 -5.32 0.94
C PHE A 374 18.85 -4.06 0.64
N PRO A 375 17.54 -4.21 0.36
CA PRO A 375 16.64 -3.11 -0.01
C PRO A 375 16.31 -2.16 1.15
N ILE A 376 16.61 -2.59 2.37
CA ILE A 376 16.25 -1.83 3.56
C ILE A 376 17.41 -1.83 4.55
N ASP A 377 17.63 -0.72 5.24
CA ASP A 377 18.78 -0.65 6.12
C ASP A 377 18.67 -1.46 7.42
N LYS A 378 17.46 -1.56 7.98
CA LYS A 378 17.28 -2.39 9.18
C LYS A 378 17.63 -3.85 8.89
N ILE A 379 17.46 -4.26 7.64
CA ILE A 379 17.82 -5.61 7.20
C ILE A 379 19.34 -5.78 7.14
N THR A 380 20.03 -4.77 6.58
CA THR A 380 21.48 -4.82 6.52
C THR A 380 22.03 -5.00 7.92
N LYS A 381 21.48 -4.27 8.88
CA LYS A 381 21.90 -4.40 10.26
C LYS A 381 21.67 -5.81 10.79
N ALA A 382 20.44 -6.30 10.68
CA ALA A 382 20.08 -7.61 11.22
C ALA A 382 20.97 -8.72 10.68
N VAL A 383 21.18 -8.72 9.36
CA VAL A 383 21.98 -9.77 8.73
C VAL A 383 23.43 -9.73 9.20
N LYS A 384 24.00 -8.53 9.28
CA LYS A 384 25.41 -8.37 9.62
C LYS A 384 25.70 -8.64 11.11
N GLU A 385 24.67 -8.51 11.93
CA GLU A 385 24.83 -8.71 13.37
C GLU A 385 24.84 -10.17 13.78
N SER A 386 24.10 -11.01 13.06
CA SER A 386 23.95 -12.43 13.41
C SER A 386 24.65 -13.39 12.43
N ARG A 387 24.72 -12.97 11.17
CA ARG A 387 25.38 -13.74 10.11
C ARG A 387 24.83 -15.16 10.01
N ARG A 388 23.50 -15.26 10.05
CA ARG A 388 22.83 -16.54 9.97
C ARG A 388 22.93 -17.13 8.56
N LEU A 389 23.37 -18.38 8.46
CA LEU A 389 23.43 -19.06 7.16
C LEU A 389 22.44 -20.21 7.07
N GLY A 390 22.12 -20.61 5.85
CA GLY A 390 21.27 -21.77 5.62
C GLY A 390 21.80 -22.76 4.58
N LEU A 391 22.84 -23.50 4.96
CA LEU A 391 23.41 -24.55 4.11
C LEU A 391 22.56 -25.81 4.21
N GLY A 392 22.22 -26.39 3.06
CA GLY A 392 21.41 -27.60 3.01
C GLY A 392 21.83 -28.64 2.00
N ILE A 393 20.92 -29.56 1.70
CA ILE A 393 21.19 -30.60 0.72
C ILE A 393 20.04 -30.79 -0.26
N MET A 394 20.37 -31.34 -1.41
CA MET A 394 19.41 -31.86 -2.38
C MET A 394 19.98 -33.19 -2.88
N GLY A 395 19.19 -33.92 -3.67
CA GLY A 395 19.64 -35.20 -4.21
C GLY A 395 19.57 -36.37 -3.25
N PHE A 396 18.94 -36.14 -2.09
CA PHE A 396 18.92 -37.15 -1.05
C PHE A 396 18.19 -38.44 -1.48
N ALA A 397 16.99 -38.30 -2.06
CA ALA A 397 16.24 -39.48 -2.49
C ALA A 397 16.97 -40.28 -3.58
N ASP A 398 17.69 -39.56 -4.44
CA ASP A 398 18.46 -40.21 -5.50
C ASP A 398 19.67 -40.93 -4.92
N LEU A 399 20.21 -40.39 -3.83
CA LEU A 399 21.29 -41.04 -3.09
C LEU A 399 20.84 -42.37 -2.48
N LEU A 400 19.66 -42.37 -1.87
CA LEU A 400 19.07 -43.58 -1.32
C LEU A 400 18.90 -44.65 -2.41
N TYR A 401 18.37 -44.23 -3.55
CA TYR A 401 18.26 -45.11 -4.72
C TYR A 401 19.59 -45.81 -5.04
N LYS A 402 20.66 -45.02 -5.07
CA LYS A 402 21.99 -45.54 -5.37
C LYS A 402 22.46 -46.49 -4.28
N LEU A 403 22.12 -46.16 -3.03
CA LEU A 403 22.49 -46.98 -1.89
C LEU A 403 21.51 -48.13 -1.68
N GLU A 404 20.50 -48.20 -2.55
CA GLU A 404 19.50 -49.26 -2.45
C GLU A 404 18.86 -49.27 -1.06
N ILE A 405 18.44 -48.10 -0.61
CA ILE A 405 17.85 -47.92 0.70
C ILE A 405 16.45 -47.31 0.56
N PRO A 406 15.42 -48.07 0.98
CA PRO A 406 14.02 -47.63 0.89
C PRO A 406 13.81 -46.35 1.69
N TYR A 407 13.20 -45.34 1.08
CA TYR A 407 13.03 -44.04 1.74
C TYR A 407 12.20 -44.20 3.01
N ASN A 408 11.11 -44.97 2.89
CA ASN A 408 10.24 -45.28 4.01
C ASN A 408 10.76 -46.47 4.81
N SER A 409 11.91 -46.30 5.48
CA SER A 409 12.50 -47.34 6.33
C SER A 409 13.32 -46.74 7.47
N GLN A 410 13.56 -47.52 8.52
CA GLN A 410 14.38 -47.02 9.62
C GLN A 410 15.85 -46.89 9.19
N GLU A 411 16.25 -47.66 8.18
CA GLU A 411 17.60 -47.58 7.67
C GLU A 411 17.83 -46.22 7.02
N ALA A 412 16.82 -45.77 6.29
CA ALA A 412 16.86 -44.47 5.65
C ALA A 412 16.99 -43.37 6.69
N ARG A 413 16.15 -43.43 7.73
CA ARG A 413 16.11 -42.36 8.73
C ARG A 413 17.40 -42.29 9.55
N ASP A 414 17.97 -43.46 9.86
CA ASP A 414 19.25 -43.49 10.57
C ASP A 414 20.37 -42.93 9.70
N PHE A 415 20.44 -43.42 8.46
CA PHE A 415 21.40 -42.87 7.50
C PHE A 415 21.24 -41.34 7.38
N ALA A 416 19.99 -40.88 7.26
CA ALA A 416 19.73 -39.44 7.15
C ALA A 416 20.27 -38.65 8.35
N ALA A 417 19.96 -39.11 9.56
CA ALA A 417 20.41 -38.39 10.76
C ALA A 417 21.94 -38.34 10.83
N ASN A 418 22.57 -39.43 10.42
CA ASN A 418 24.02 -39.53 10.40
C ASN A 418 24.64 -38.60 9.38
N LEU A 419 24.10 -38.61 8.16
CA LEU A 419 24.54 -37.68 7.13
C LEU A 419 24.47 -36.24 7.67
N MET A 420 23.32 -35.89 8.24
CA MET A 420 23.03 -34.52 8.66
C MET A 420 23.91 -34.14 9.86
N ALA A 421 24.08 -35.07 10.80
CA ALA A 421 24.94 -34.83 11.96
C ALA A 421 26.34 -34.51 11.49
N PHE A 422 26.82 -35.34 10.56
CA PHE A 422 28.14 -35.14 9.99
C PHE A 422 28.27 -33.75 9.43
N ILE A 423 27.33 -33.38 8.55
CA ILE A 423 27.31 -32.02 8.00
C ILE A 423 27.23 -30.96 9.10
N ALA A 424 26.43 -31.22 10.13
CA ALA A 424 26.25 -30.25 11.21
C ALA A 424 27.56 -30.02 11.93
N LEU A 425 28.28 -31.12 12.19
CA LEU A 425 29.57 -31.07 12.87
C LEU A 425 30.60 -30.23 12.12
N HIS A 426 30.82 -30.55 10.85
CA HIS A 426 31.81 -29.84 10.05
C HIS A 426 31.39 -28.39 9.71
N ALA A 427 30.09 -28.14 9.64
CA ALA A 427 29.62 -26.77 9.40
C ALA A 427 29.88 -25.88 10.61
N HIS A 428 29.55 -26.37 11.79
CA HIS A 428 29.78 -25.58 12.99
C HIS A 428 31.28 -25.47 13.28
N ARG A 429 32.03 -26.47 12.84
CA ARG A 429 33.48 -26.44 12.96
C ARG A 429 34.04 -25.30 12.12
N THR A 430 33.67 -25.27 10.85
CA THR A 430 34.20 -24.24 9.97
C THR A 430 33.80 -22.84 10.43
N SER A 431 32.66 -22.73 11.11
CA SER A 431 32.21 -21.43 11.64
C SER A 431 33.14 -20.99 12.77
N TYR A 432 33.74 -21.97 13.44
CA TYR A 432 34.76 -21.70 14.45
C TYR A 432 36.01 -21.13 13.79
N GLU A 433 36.46 -21.78 12.71
CA GLU A 433 37.65 -21.36 11.98
C GLU A 433 37.48 -19.96 11.42
N LEU A 434 36.37 -19.74 10.70
CA LEU A 434 36.11 -18.44 10.07
C LEU A 434 35.91 -17.35 11.12
N GLY A 435 35.32 -17.71 12.25
CA GLY A 435 35.20 -16.78 13.36
C GLY A 435 36.57 -16.40 13.86
N LYS A 436 37.47 -17.37 13.90
CA LYS A 436 38.84 -17.10 14.29
C LYS A 436 39.53 -16.23 13.24
N GLU A 437 39.27 -16.55 11.96
CA GLU A 437 39.98 -15.89 10.87
C GLU A 437 39.48 -14.48 10.56
N LYS A 438 38.17 -14.26 10.70
CA LYS A 438 37.55 -13.01 10.26
C LYS A 438 36.85 -12.22 11.35
N GLY A 439 36.68 -12.82 12.52
CA GLY A 439 35.96 -12.18 13.61
C GLY A 439 34.60 -12.81 13.85
N ASN A 440 34.16 -12.83 15.10
CA ASN A 440 32.87 -13.41 15.46
C ASN A 440 31.73 -12.52 15.00
N PHE A 441 30.53 -13.08 14.88
CA PHE A 441 29.37 -12.23 14.64
C PHE A 441 29.17 -11.36 15.89
N PRO A 442 28.75 -10.10 15.70
CA PRO A 442 28.77 -9.12 16.81
C PRO A 442 27.97 -9.54 18.05
N LEU A 443 26.91 -10.31 17.88
CA LEU A 443 26.06 -10.68 19.01
C LEU A 443 26.50 -11.96 19.74
N LEU A 444 27.68 -12.48 19.38
CA LEU A 444 28.22 -13.66 20.04
C LEU A 444 28.09 -13.55 21.54
N GLU A 445 28.49 -12.40 22.04
CA GLU A 445 28.65 -12.15 23.47
C GLU A 445 27.34 -12.27 24.24
N ILE A 446 26.24 -11.96 23.59
CA ILE A 446 24.95 -11.98 24.26
C ILE A 446 24.16 -13.25 23.88
N SER A 447 24.79 -14.12 23.11
CA SER A 447 24.15 -15.37 22.69
C SER A 447 24.34 -16.46 23.73
N ARG A 448 23.58 -17.55 23.60
CA ARG A 448 23.62 -18.61 24.59
C ARG A 448 24.85 -19.49 24.42
N TYR A 449 25.55 -19.34 23.30
CA TYR A 449 26.85 -19.97 23.10
C TYR A 449 27.85 -19.51 24.17
N ARG A 450 27.63 -18.33 24.72
CA ARG A 450 28.51 -17.80 25.76
C ARG A 450 27.85 -17.73 27.13
N THR A 451 26.58 -17.36 27.16
CA THR A 451 25.88 -17.07 28.41
C THR A 451 25.37 -18.29 29.18
N GLU A 452 25.46 -19.47 28.58
CA GLU A 452 25.05 -20.68 29.28
C GLU A 452 25.92 -21.86 28.87
N ASP A 453 26.24 -22.71 29.83
CA ASP A 453 27.00 -23.92 29.55
C ASP A 453 26.08 -24.96 28.94
N ASN A 454 26.59 -25.68 27.94
CA ASN A 454 25.86 -26.80 27.35
C ASN A 454 24.64 -26.43 26.52
N PHE A 455 24.75 -25.36 25.75
CA PHE A 455 23.69 -25.00 24.80
C PHE A 455 23.91 -25.71 23.47
N VAL A 456 22.90 -26.44 23.00
CA VAL A 456 22.95 -27.00 21.65
C VAL A 456 21.73 -26.60 20.83
N PRO A 457 21.95 -26.01 19.64
CA PRO A 457 20.92 -25.43 18.76
C PRO A 457 20.04 -26.44 18.03
N PHE A 458 20.07 -27.70 18.47
CA PHE A 458 19.15 -28.72 17.97
C PHE A 458 19.11 -29.90 18.93
N ALA A 459 18.18 -30.81 18.70
CA ALA A 459 17.90 -31.87 19.66
C ALA A 459 18.91 -33.02 19.66
N MET A 460 19.53 -33.30 18.51
CA MET A 460 20.40 -34.49 18.36
C MET A 460 19.65 -35.77 18.75
N GLY A 461 20.37 -36.76 19.29
CA GLY A 461 19.72 -37.96 19.83
C GLY A 461 19.53 -39.11 18.86
N MET A 462 20.21 -39.05 17.73
CA MET A 462 20.08 -40.06 16.69
C MET A 462 21.36 -40.33 15.91
N SER A 463 22.50 -40.10 16.54
CA SER A 463 23.77 -40.32 15.89
C SER A 463 24.83 -40.56 16.97
N ASN A 464 25.89 -41.27 16.62
CA ASN A 464 26.99 -41.41 17.56
C ASN A 464 27.90 -40.21 17.47
N TYR A 465 27.57 -39.28 16.56
CA TYR A 465 28.31 -38.04 16.37
C TYR A 465 28.03 -37.01 17.47
N ASP A 466 27.00 -37.26 18.27
CA ASP A 466 26.52 -36.23 19.20
C ASP A 466 27.62 -35.68 20.12
N ASP A 467 28.44 -36.57 20.67
CA ASP A 467 29.43 -36.18 21.67
C ASP A 467 30.42 -35.13 21.14
N GLU A 468 30.84 -35.29 19.89
CA GLU A 468 31.81 -34.36 19.31
C GLU A 468 31.10 -33.04 19.06
N ILE A 469 29.86 -33.12 18.59
CA ILE A 469 29.07 -31.92 18.37
C ILE A 469 28.91 -31.14 19.67
N ARG A 470 28.72 -31.85 20.78
CA ARG A 470 28.60 -31.19 22.07
C ARG A 470 29.90 -30.44 22.40
N GLU A 471 31.03 -31.01 22.01
CA GLU A 471 32.31 -30.35 22.22
C GLU A 471 32.50 -29.12 21.31
N VAL A 472 32.18 -29.28 20.04
CA VAL A 472 32.36 -28.21 19.06
C VAL A 472 31.50 -27.00 19.39
N MET A 473 30.36 -27.23 20.04
CA MET A 473 29.51 -26.15 20.49
C MET A 473 30.17 -25.38 21.64
N LYS A 474 30.99 -26.09 22.42
CA LYS A 474 31.70 -25.47 23.54
C LYS A 474 32.83 -24.54 23.08
N MET A 475 33.65 -25.01 22.13
CA MET A 475 34.73 -24.20 21.58
C MET A 475 34.12 -22.95 20.96
N THR A 476 32.86 -23.09 20.58
CA THR A 476 32.09 -22.03 19.96
C THR A 476 31.84 -20.85 20.89
N LYS A 477 32.08 -21.06 22.18
CA LYS A 477 31.93 -20.02 23.17
C LYS A 477 32.92 -18.88 22.91
N GLU A 478 34.05 -19.23 22.31
CA GLU A 478 35.13 -18.27 22.08
C GLU A 478 35.20 -17.73 20.64
N PHE A 479 35.04 -18.62 19.65
CA PHE A 479 35.07 -18.21 18.24
C PHE A 479 33.90 -18.80 17.45
N ARG A 480 33.13 -17.93 16.81
CA ARG A 480 32.01 -18.34 15.99
C ARG A 480 31.57 -17.24 15.02
N ARG A 481 31.53 -17.55 13.73
CA ARG A 481 31.23 -16.56 12.72
C ARG A 481 29.74 -16.39 12.49
N ASN A 482 28.95 -17.44 12.73
CA ASN A 482 27.53 -17.44 12.40
C ASN A 482 26.62 -17.92 13.53
N VAL A 483 25.46 -17.29 13.68
CA VAL A 483 24.56 -17.62 14.77
C VAL A 483 23.94 -19.02 14.63
N ALA A 484 23.69 -19.42 13.39
CA ALA A 484 23.25 -20.77 13.05
C ALA A 484 23.58 -20.98 11.59
N LEU A 485 23.56 -22.23 11.13
CA LEU A 485 24.21 -22.55 9.86
C LEU A 485 23.44 -23.43 8.90
N LEU A 486 22.39 -24.11 9.37
CA LEU A 486 21.83 -25.21 8.60
C LEU A 486 20.33 -25.11 8.36
N THR A 487 19.92 -25.50 7.16
CA THR A 487 18.52 -25.60 6.81
C THR A 487 18.37 -26.62 5.68
N ILE A 488 17.18 -27.18 5.52
CA ILE A 488 16.89 -27.94 4.31
C ILE A 488 15.72 -27.25 3.60
N ALA A 489 16.04 -26.70 2.43
CA ALA A 489 15.12 -25.92 1.62
C ALA A 489 14.45 -26.81 0.58
N PRO A 490 13.44 -26.28 -0.12
CA PRO A 490 12.77 -27.06 -1.16
C PRO A 490 13.67 -27.31 -2.41
N THR A 491 14.64 -26.44 -2.63
CA THR A 491 15.50 -26.50 -3.82
C THR A 491 14.73 -26.67 -5.14
N GLY A 492 13.50 -26.18 -5.20
CA GLY A 492 12.68 -26.36 -6.38
C GLY A 492 13.44 -26.20 -7.68
N SER A 493 14.10 -25.05 -7.85
CA SER A 493 14.84 -24.73 -9.07
C SER A 493 16.28 -25.23 -9.13
N ILE A 494 17.03 -25.02 -8.05
CA ILE A 494 18.44 -25.43 -8.07
C ILE A 494 18.64 -26.96 -8.20
N SER A 495 17.69 -27.77 -7.76
CA SER A 495 17.83 -29.23 -7.93
C SER A 495 17.66 -29.63 -9.39
N ASN A 496 16.79 -28.95 -10.13
CA ASN A 496 16.66 -29.19 -11.57
C ASN A 496 17.91 -28.75 -12.33
N ILE A 497 18.52 -27.67 -11.86
CA ILE A 497 19.80 -27.25 -12.39
C ILE A 497 20.85 -28.33 -12.16
N ALA A 498 20.84 -28.90 -10.96
CA ALA A 498 21.84 -29.89 -10.60
C ALA A 498 21.46 -31.29 -11.12
N ASP A 499 20.38 -31.38 -11.89
CA ASP A 499 19.92 -32.65 -12.45
C ASP A 499 19.75 -33.74 -11.38
N THR A 500 19.21 -33.36 -10.23
CA THR A 500 19.06 -34.30 -9.13
C THR A 500 17.71 -34.12 -8.44
N SER A 501 17.42 -34.98 -7.46
CA SER A 501 16.16 -34.86 -6.71
C SER A 501 16.20 -33.63 -5.82
N SER A 502 15.03 -33.16 -5.42
CA SER A 502 14.92 -31.90 -4.69
C SER A 502 14.95 -32.07 -3.17
N GLY A 503 15.80 -31.29 -2.52
CA GLY A 503 15.85 -31.23 -1.07
C GLY A 503 15.97 -32.62 -0.46
N LEU A 504 15.16 -32.86 0.55
CA LEU A 504 15.21 -34.12 1.28
C LEU A 504 13.99 -34.94 0.90
N GLU A 505 13.23 -34.46 -0.07
CA GLU A 505 11.97 -35.10 -0.46
C GLU A 505 12.19 -36.31 -1.35
N PRO A 506 11.41 -37.39 -1.12
CA PRO A 506 11.47 -38.56 -1.99
C PRO A 506 11.07 -38.08 -3.38
N ASN A 507 11.42 -38.82 -4.42
CA ASN A 507 10.97 -38.42 -5.74
C ASN A 507 9.45 -38.47 -5.77
N PHE A 508 8.82 -37.54 -6.47
CA PHE A 508 7.36 -37.57 -6.53
C PHE A 508 6.93 -38.58 -7.60
N LEU A 509 7.69 -38.64 -8.68
CA LEU A 509 7.42 -39.60 -9.74
C LEU A 509 8.74 -40.14 -10.28
N LEU A 510 8.72 -41.37 -10.80
CA LEU A 510 9.90 -41.96 -11.41
C LEU A 510 9.89 -41.74 -12.92
N ALA A 511 8.71 -41.45 -13.46
CA ALA A 511 8.56 -41.25 -14.89
C ALA A 511 7.46 -40.25 -15.20
N TYR A 512 7.77 -39.31 -16.09
CA TYR A 512 6.81 -38.31 -16.55
C TYR A 512 7.27 -37.74 -17.88
N THR A 513 6.36 -37.14 -18.63
CA THR A 513 6.68 -36.67 -19.97
C THR A 513 6.90 -35.17 -20.05
N ARG A 514 8.12 -34.77 -20.41
CA ARG A 514 8.41 -33.36 -20.68
CA ARG A 514 8.41 -33.37 -20.68
C ARG A 514 8.26 -33.08 -22.16
N PHE A 515 7.40 -32.11 -22.49
CA PHE A 515 7.15 -31.77 -23.90
C PHE A 515 8.13 -30.71 -24.40
N PRO A 525 7.66 -33.76 -26.79
CA PRO A 525 7.09 -34.96 -26.17
C PRO A 525 8.17 -35.96 -25.74
N LEU A 526 9.25 -35.46 -25.14
CA LEU A 526 10.34 -36.31 -24.71
C LEU A 526 10.13 -36.87 -23.30
N LEU A 527 10.07 -38.19 -23.20
CA LEU A 527 9.86 -38.86 -21.93
C LEU A 527 11.08 -38.75 -21.01
N TYR A 528 10.85 -38.93 -19.72
CA TYR A 528 11.94 -39.02 -18.75
C TYR A 528 11.68 -40.14 -17.76
N VAL A 529 12.73 -40.88 -17.44
CA VAL A 529 12.68 -41.85 -16.37
C VAL A 529 13.84 -41.53 -15.42
N ASN A 530 13.62 -41.71 -14.13
CA ASN A 530 14.65 -41.40 -13.13
C ASN A 530 16.00 -41.97 -13.55
N GLN A 531 17.00 -41.08 -13.64
CA GLN A 531 18.32 -41.47 -14.13
C GLN A 531 18.90 -42.73 -13.47
N VAL A 532 18.63 -42.91 -12.18
CA VAL A 532 19.19 -44.05 -11.45
C VAL A 532 18.39 -45.33 -11.65
N LEU A 533 17.06 -45.21 -11.69
CA LEU A 533 16.23 -46.37 -11.96
C LEU A 533 16.71 -47.00 -13.26
N ARG A 534 17.18 -46.16 -14.17
CA ARG A 534 17.64 -46.59 -15.48
C ARG A 534 18.76 -47.62 -15.35
N GLU A 535 19.63 -47.42 -14.36
CA GLU A 535 20.82 -48.26 -14.19
C GLU A 535 20.55 -49.58 -13.46
N LYS A 536 19.67 -49.54 -12.46
CA LYS A 536 19.42 -50.72 -11.64
C LYS A 536 18.47 -51.72 -12.30
N LEU A 537 17.50 -51.20 -13.04
CA LEU A 537 16.51 -52.06 -13.69
C LEU A 537 17.02 -52.57 -15.04
N ASN A 538 16.57 -53.75 -15.44
CA ASN A 538 16.88 -54.27 -16.76
C ASN A 538 16.11 -53.53 -17.85
N PRO A 539 16.84 -53.01 -18.85
CA PRO A 539 16.21 -52.22 -19.91
C PRO A 539 15.01 -52.91 -20.55
N GLU A 540 15.08 -54.23 -20.68
CA GLU A 540 13.99 -54.99 -21.29
C GLU A 540 12.69 -54.84 -20.50
N ILE A 541 12.80 -54.87 -19.17
CA ILE A 541 11.64 -54.70 -18.30
C ILE A 541 11.09 -53.29 -18.40
N LEU A 542 11.99 -52.30 -18.37
CA LEU A 542 11.60 -50.91 -18.41
C LEU A 542 10.79 -50.60 -19.68
N LYS A 543 11.17 -51.22 -20.79
CA LYS A 543 10.48 -51.00 -22.04
C LYS A 543 9.00 -51.36 -21.91
N ARG A 544 8.74 -52.51 -21.30
CA ARG A 544 7.37 -52.98 -21.09
C ARG A 544 6.69 -52.21 -19.97
N ILE A 545 7.33 -52.23 -18.80
CA ILE A 545 6.81 -51.54 -17.62
C ILE A 545 6.38 -50.11 -17.88
N GLU A 546 7.33 -49.29 -18.32
CA GLU A 546 7.11 -47.85 -18.49
C GLU A 546 5.65 -47.42 -18.69
N LYS A 547 4.96 -48.06 -19.63
CA LYS A 547 3.58 -47.72 -19.92
C LYS A 547 2.71 -47.62 -18.66
N GLU A 548 2.76 -48.67 -17.84
CA GLU A 548 1.93 -48.73 -16.64
C GLU A 548 2.47 -47.85 -15.51
N LEU A 549 3.79 -47.76 -15.41
CA LEU A 549 4.42 -46.93 -14.39
C LEU A 549 3.98 -45.47 -14.49
N ILE A 550 3.86 -44.99 -15.72
CA ILE A 550 3.56 -43.60 -15.99
C ILE A 550 2.08 -43.27 -15.73
N GLU A 551 1.24 -44.30 -15.76
CA GLU A 551 -0.19 -44.11 -15.52
C GLU A 551 -0.53 -44.29 -14.04
N LYS A 552 0.25 -45.11 -13.35
CA LYS A 552 -0.01 -45.40 -11.94
C LYS A 552 0.85 -44.59 -10.97
N GLY A 553 1.89 -43.95 -11.49
CA GLY A 553 2.78 -43.13 -10.68
C GLY A 553 3.48 -43.89 -9.57
N SER A 554 3.83 -45.15 -9.83
CA SER A 554 4.45 -46.01 -8.83
C SER A 554 4.73 -47.42 -9.38
N LEU A 555 5.59 -48.18 -8.71
CA LEU A 555 5.95 -49.53 -9.14
C LEU A 555 5.37 -50.62 -8.23
N LYS A 556 4.60 -50.23 -7.22
CA LYS A 556 4.22 -51.18 -6.17
C LYS A 556 3.21 -52.25 -6.58
N ASP A 557 2.37 -51.95 -7.56
CA ASP A 557 1.37 -52.91 -8.01
C ASP A 557 1.72 -53.54 -9.35
N ILE A 558 2.73 -52.99 -10.02
CA ILE A 558 3.09 -53.43 -11.38
C ILE A 558 3.62 -54.86 -11.41
N PRO A 559 3.00 -55.71 -12.25
CA PRO A 559 3.32 -57.14 -12.36
C PRO A 559 4.73 -57.41 -12.85
N ASP A 560 5.42 -58.33 -12.20
CA ASP A 560 6.75 -58.76 -12.60
C ASP A 560 7.83 -57.69 -12.49
N VAL A 561 7.83 -56.97 -11.37
CA VAL A 561 8.94 -56.10 -11.02
C VAL A 561 9.61 -56.71 -9.80
N PRO A 562 10.93 -56.92 -9.87
CA PRO A 562 11.65 -57.48 -8.71
C PRO A 562 11.23 -56.78 -7.44
N GLU A 563 10.95 -57.54 -6.39
CA GLU A 563 10.48 -56.97 -5.14
C GLU A 563 11.46 -55.93 -4.61
N LYS A 564 12.74 -56.22 -4.73
CA LYS A 564 13.78 -55.31 -4.23
C LYS A 564 13.80 -53.98 -4.99
N ILE A 565 13.35 -54.01 -6.25
CA ILE A 565 13.23 -52.78 -7.03
C ILE A 565 12.01 -52.00 -6.56
N LYS A 566 10.91 -52.71 -6.32
CA LYS A 566 9.68 -52.07 -5.87
C LYS A 566 9.87 -51.36 -4.54
N LYS A 567 10.69 -51.93 -3.68
CA LYS A 567 10.84 -51.37 -2.34
C LYS A 567 11.88 -50.27 -2.26
N VAL A 568 12.88 -50.31 -3.14
CA VAL A 568 13.87 -49.23 -3.18
C VAL A 568 13.32 -47.97 -3.85
N PHE A 569 12.78 -48.14 -5.06
CA PHE A 569 12.36 -47.00 -5.85
C PHE A 569 10.93 -46.58 -5.49
N VAL A 570 10.72 -46.28 -4.21
CA VAL A 570 9.45 -45.75 -3.75
C VAL A 570 9.35 -44.25 -4.06
N VAL A 571 8.16 -43.80 -4.43
CA VAL A 571 7.91 -42.39 -4.63
C VAL A 571 7.11 -41.82 -3.46
N ALA A 572 6.90 -40.51 -3.47
CA ALA A 572 6.22 -39.81 -2.36
C ALA A 572 4.93 -40.49 -1.88
N LEU A 573 4.02 -40.79 -2.80
CA LEU A 573 2.75 -41.41 -2.43
C LEU A 573 2.80 -42.91 -2.05
N ASP A 574 3.95 -43.55 -2.31
CA ASP A 574 4.18 -44.92 -1.82
C ASP A 574 4.49 -44.89 -0.33
N ILE A 575 4.95 -43.73 0.13
CA ILE A 575 5.42 -43.55 1.49
C ILE A 575 4.31 -42.91 2.33
N ASP A 576 3.94 -43.54 3.43
CA ASP A 576 2.79 -43.09 4.20
C ASP A 576 3.10 -41.91 5.13
N PRO A 577 2.06 -41.16 5.54
CA PRO A 577 2.21 -39.92 6.32
C PRO A 577 3.24 -39.99 7.46
N MET A 578 3.15 -41.01 8.31
CA MET A 578 4.08 -41.12 9.44
C MET A 578 5.55 -41.27 9.02
N ASP A 579 5.80 -41.99 7.93
CA ASP A 579 7.16 -42.18 7.45
C ASP A 579 7.74 -40.87 6.87
N HIS A 580 6.89 -40.03 6.31
CA HIS A 580 7.31 -38.67 5.92
C HIS A 580 7.68 -37.88 7.16
N LEU A 581 6.80 -37.91 8.16
CA LEU A 581 6.99 -37.12 9.36
C LEU A 581 8.31 -37.47 10.05
N LEU A 582 8.51 -38.76 10.27
CA LEU A 582 9.71 -39.27 10.94
C LEU A 582 10.98 -38.94 10.17
N MET A 583 10.93 -39.01 8.84
CA MET A 583 12.06 -38.48 8.06
C MET A 583 12.37 -37.02 8.39
N GLN A 584 11.33 -36.20 8.56
CA GLN A 584 11.52 -34.78 8.91
C GLN A 584 12.16 -34.68 10.29
N ASP A 585 11.65 -35.46 11.22
CA ASP A 585 12.29 -35.53 12.54
C ASP A 585 13.79 -35.88 12.49
N ALA A 586 14.16 -36.89 11.70
CA ALA A 586 15.54 -37.35 11.70
C ALA A 586 16.49 -36.22 11.31
N PHE A 587 16.15 -35.54 10.23
CA PHE A 587 16.94 -34.38 9.77
C PHE A 587 16.91 -33.22 10.78
N GLN A 588 15.73 -32.91 11.31
CA GLN A 588 15.59 -31.73 12.15
C GLN A 588 16.44 -31.79 13.40
N ARG A 589 16.68 -33.00 13.90
CA ARG A 589 17.49 -33.16 15.10
C ARG A 589 18.89 -32.59 14.90
N TYR A 590 19.31 -32.43 13.65
CA TYR A 590 20.64 -31.90 13.36
C TYR A 590 20.63 -30.66 12.48
N VAL A 591 19.49 -29.99 12.44
CA VAL A 591 19.37 -28.71 11.75
C VAL A 591 19.03 -27.61 12.76
N ASP A 592 19.84 -26.56 12.80
CA ASP A 592 19.62 -25.50 13.78
C ASP A 592 18.58 -24.48 13.33
N ASN A 593 18.32 -24.39 12.02
CA ASN A 593 17.15 -23.68 11.52
C ASN A 593 16.03 -24.70 11.35
N ASN A 594 15.20 -24.55 10.33
CA ASN A 594 14.04 -25.43 10.15
C ASN A 594 14.13 -26.27 8.90
N ILE A 595 13.06 -26.98 8.58
CA ILE A 595 13.07 -27.86 7.44
C ILE A 595 11.82 -27.73 6.60
N SER A 596 12.03 -27.66 5.29
CA SER A 596 10.92 -27.70 4.34
C SER A 596 10.59 -29.15 4.02
N LYS A 597 9.38 -29.59 4.41
CA LYS A 597 8.95 -30.97 4.16
C LYS A 597 7.44 -31.04 4.02
N THR A 598 6.97 -31.59 2.90
CA THR A 598 5.56 -31.77 2.68
C THR A 598 5.13 -33.17 3.14
N ILE A 599 4.21 -33.23 4.11
CA ILE A 599 3.67 -34.52 4.53
C ILE A 599 2.53 -34.93 3.61
N ASN A 600 2.84 -35.69 2.56
CA ASN A 600 1.84 -36.15 1.62
C ASN A 600 0.88 -37.14 2.27
N MET A 601 -0.39 -37.04 1.94
CA MET A 601 -1.36 -38.00 2.44
C MET A 601 -2.18 -38.56 1.28
N PRO A 602 -2.60 -39.82 1.38
CA PRO A 602 -3.42 -40.44 0.33
C PRO A 602 -4.76 -39.72 0.15
N GLN A 603 -5.35 -39.83 -1.03
CA GLN A 603 -6.64 -39.17 -1.31
C GLN A 603 -7.74 -39.67 -0.38
N SER A 604 -7.56 -40.88 0.13
CA SER A 604 -8.55 -41.53 0.98
C SER A 604 -8.37 -41.13 2.44
N ALA A 605 -7.43 -40.25 2.72
CA ALA A 605 -7.23 -39.78 4.09
C ALA A 605 -8.45 -39.00 4.59
N THR A 606 -8.74 -39.16 5.88
CA THR A 606 -9.78 -38.39 6.55
C THR A 606 -9.19 -37.21 7.30
N VAL A 607 -10.05 -36.35 7.82
CA VAL A 607 -9.63 -35.22 8.66
C VAL A 607 -9.00 -35.73 9.96
N ASP A 608 -9.49 -36.88 10.43
CA ASP A 608 -8.90 -37.55 11.59
C ASP A 608 -7.45 -37.97 11.33
N ASP A 609 -7.19 -38.51 10.14
CA ASP A 609 -5.83 -38.89 9.78
C ASP A 609 -4.92 -37.67 9.83
N VAL A 610 -5.45 -36.52 9.40
CA VAL A 610 -4.69 -35.26 9.46
C VAL A 610 -4.45 -34.87 10.91
N LEU A 611 -5.48 -35.00 11.75
CA LEU A 611 -5.31 -34.71 13.17
C LEU A 611 -4.22 -35.58 13.81
N ASN A 612 -4.24 -36.87 13.50
CA ASN A 612 -3.22 -37.75 14.07
C ASN A 612 -1.81 -37.31 13.70
N VAL A 613 -1.64 -36.79 12.49
CA VAL A 613 -0.35 -36.25 12.08
C VAL A 613 0.07 -35.06 12.92
N TYR A 614 -0.88 -34.15 13.18
CA TYR A 614 -0.63 -32.99 14.03
C TYR A 614 -0.22 -33.43 15.43
N LEU A 615 -0.95 -34.42 15.97
CA LEU A 615 -0.68 -34.89 17.34
C LEU A 615 0.67 -35.60 17.43
N GLU A 616 0.97 -36.41 16.43
CA GLU A 616 2.28 -37.04 16.37
C GLU A 616 3.37 -35.97 16.26
N ALA A 617 3.14 -34.93 15.48
CA ALA A 617 4.17 -33.91 15.29
C ALA A 617 4.51 -33.17 16.58
N LEU A 618 3.52 -33.03 17.45
CA LEU A 618 3.75 -32.40 18.74
C LEU A 618 4.67 -33.26 19.60
N ARG A 619 4.73 -34.55 19.28
CA ARG A 619 5.54 -35.47 20.05
C ARG A 619 6.97 -35.60 19.51
N THR A 620 7.18 -35.23 18.26
CA THR A 620 8.51 -35.29 17.63
C THR A 620 9.25 -33.97 17.80
N ASN A 621 10.39 -33.83 17.12
CA ASN A 621 11.20 -32.60 17.16
C ASN A 621 11.00 -31.65 15.98
N VAL A 622 10.01 -31.91 15.15
CA VAL A 622 9.76 -31.05 14.00
C VAL A 622 9.38 -29.66 14.49
N ARG A 623 9.73 -28.65 13.72
CA ARG A 623 9.48 -27.27 14.14
C ARG A 623 8.28 -26.67 13.39
N GLY A 624 7.82 -27.40 12.39
CA GLY A 624 6.69 -26.96 11.59
C GLY A 624 6.04 -28.15 10.92
N ILE A 625 4.89 -27.91 10.30
CA ILE A 625 4.17 -28.94 9.60
C ILE A 625 3.43 -28.37 8.42
N THR A 626 3.62 -28.99 7.26
CA THR A 626 2.80 -28.74 6.09
C THR A 626 2.28 -30.08 5.61
N VAL A 627 0.99 -30.17 5.36
CA VAL A 627 0.43 -31.41 4.82
C VAL A 627 -0.23 -31.17 3.46
N TYR A 628 -0.25 -32.19 2.62
CA TYR A 628 -1.03 -32.12 1.40
C TYR A 628 -1.70 -33.44 1.09
N ARG A 629 -3.02 -33.44 1.07
CA ARG A 629 -3.76 -34.65 0.72
C ARG A 629 -3.87 -34.75 -0.79
N ASP A 630 -3.45 -35.90 -1.31
CA ASP A 630 -3.43 -36.13 -2.74
C ASP A 630 -4.81 -35.94 -3.35
N GLY A 631 -4.88 -35.13 -4.41
CA GLY A 631 -6.13 -34.89 -5.10
C GLY A 631 -7.16 -34.10 -4.31
N SER A 632 -6.68 -33.25 -3.40
CA SER A 632 -7.58 -32.36 -2.68
C SER A 632 -7.85 -31.12 -3.53
N LEU A 633 -6.85 -30.71 -4.29
CA LEU A 633 -6.99 -29.57 -5.19
C LEU A 633 -7.31 -29.99 -6.63
N MET B 1 -26.89 47.09 6.01
CA MET B 1 -26.81 47.13 7.45
C MET B 1 -25.49 46.57 7.99
N LYS B 2 -25.16 46.91 9.24
CA LYS B 2 -23.92 46.42 9.83
C LYS B 2 -24.00 44.89 9.95
N LEU B 3 -22.86 44.22 9.84
CA LEU B 3 -22.85 42.78 9.99
C LEU B 3 -23.36 42.41 11.38
N SER B 4 -22.98 43.20 12.39
CA SER B 4 -23.44 42.95 13.76
C SER B 4 -24.96 42.82 13.84
N ASP B 5 -25.69 43.65 13.11
CA ASP B 5 -27.15 43.58 13.13
C ASP B 5 -27.71 42.44 12.28
N LEU B 6 -27.06 42.15 11.18
CA LEU B 6 -27.43 40.95 10.44
C LEU B 6 -27.23 39.69 11.30
N ILE B 7 -26.11 39.65 12.01
CA ILE B 7 -25.86 38.57 12.98
C ILE B 7 -27.06 38.39 13.93
N SER B 8 -27.59 39.50 14.44
CA SER B 8 -28.69 39.46 15.39
C SER B 8 -29.97 38.83 14.82
N ARG B 9 -30.20 39.00 13.53
CA ARG B 9 -31.33 38.39 12.83
CA ARG B 9 -31.36 38.39 12.91
C ARG B 9 -31.24 36.86 12.79
N TRP B 10 -30.01 36.35 12.80
CA TRP B 10 -29.85 34.91 12.54
C TRP B 10 -29.35 34.10 13.72
N ILE B 11 -28.67 34.76 14.65
CA ILE B 11 -27.93 34.04 15.68
C ILE B 11 -28.79 33.10 16.54
N ASP B 12 -30.06 33.45 16.72
CA ASP B 12 -30.94 32.62 17.54
C ASP B 12 -31.93 31.79 16.73
N VAL B 13 -31.75 31.78 15.42
CA VAL B 13 -32.51 30.88 14.60
C VAL B 13 -31.89 29.50 14.77
N GLU B 14 -32.65 28.60 15.39
CA GLU B 14 -32.20 27.25 15.71
C GLU B 14 -32.07 26.38 14.45
N PRO B 15 -31.02 25.55 14.37
CA PRO B 15 -30.91 24.58 13.27
C PRO B 15 -32.17 23.71 13.21
N SER B 16 -32.56 23.29 12.01
CA SER B 16 -33.68 22.37 11.84
C SER B 16 -33.42 21.00 12.48
N LYS B 17 -34.48 20.21 12.62
CA LYS B 17 -34.36 18.87 13.18
C LYS B 17 -33.38 18.04 12.35
N ASN B 18 -33.48 18.13 11.04
CA ASN B 18 -32.53 17.46 10.18
C ASN B 18 -31.11 17.88 10.48
N ALA B 19 -30.90 19.20 10.57
CA ALA B 19 -29.57 19.71 10.88
C ALA B 19 -29.06 19.17 12.22
N GLN B 20 -29.92 19.19 13.25
CA GLN B 20 -29.54 18.72 14.59
C GLN B 20 -29.18 17.22 14.63
N ILE B 21 -29.91 16.42 13.84
CA ILE B 21 -29.59 15.01 13.68
C ILE B 21 -28.17 14.84 13.14
N ILE B 22 -27.87 15.54 12.04
CA ILE B 22 -26.53 15.49 11.47
C ILE B 22 -25.45 15.91 12.49
N LEU B 23 -25.72 16.98 13.22
CA LEU B 23 -24.80 17.49 14.24
C LEU B 23 -24.53 16.45 15.34
N ARG B 24 -25.60 15.86 15.86
CA ARG B 24 -25.47 14.82 16.88
C ARG B 24 -24.62 13.65 16.37
N ASP B 25 -24.96 13.18 15.17
CA ASP B 25 -24.29 12.04 14.58
C ASP B 25 -22.77 12.17 14.44
N ARG B 26 -22.30 13.29 13.89
CA ARG B 26 -20.89 13.40 13.48
C ARG B 26 -20.09 14.59 14.04
N TYR B 27 -20.78 15.67 14.44
CA TYR B 27 -20.07 16.92 14.77
C TYR B 27 -19.92 17.21 16.27
N PHE B 28 -20.92 16.86 17.06
CA PHE B 28 -20.82 17.08 18.49
C PHE B 28 -19.70 16.20 19.06
N MET B 29 -18.73 16.82 19.73
CA MET B 29 -17.55 16.11 20.22
C MET B 29 -17.92 15.17 21.37
N LYS B 30 -17.27 14.01 21.42
CA LYS B 30 -17.50 13.03 22.48
C LYS B 30 -16.21 12.65 23.17
N ASP B 31 -16.31 12.20 24.43
CA ASP B 31 -15.18 11.63 25.15
C ASP B 31 -14.94 10.19 24.71
N LEU B 32 -13.83 9.61 25.15
CA LEU B 32 -13.47 8.24 24.77
C LEU B 32 -14.60 7.24 25.02
N ASP B 33 -15.43 7.53 26.02
CA ASP B 33 -16.52 6.63 26.41
C ASP B 33 -17.80 6.79 25.60
N GLY B 34 -17.77 7.65 24.59
CA GLY B 34 -18.94 7.88 23.77
C GLY B 34 -19.95 8.85 24.38
N ASN B 35 -19.58 9.49 25.49
CA ASN B 35 -20.43 10.54 26.08
C ASN B 35 -20.22 11.88 25.40
N TYR B 36 -21.33 12.58 25.14
CA TYR B 36 -21.31 13.91 24.53
C TYR B 36 -20.70 15.00 25.40
N LEU B 37 -19.71 15.71 24.85
CA LEU B 37 -19.15 16.90 25.48
C LEU B 37 -19.87 18.17 24.94
N GLU B 38 -20.54 18.02 23.80
CA GLU B 38 -21.29 19.09 23.16
C GLU B 38 -22.69 18.56 22.89
N THR B 39 -23.70 19.41 23.02
CA THR B 39 -25.08 19.00 22.75
C THR B 39 -25.85 20.00 21.86
N LYS B 40 -25.21 21.11 21.52
CA LYS B 40 -25.85 22.21 20.78
C LYS B 40 -24.88 22.81 19.78
N TRP B 41 -25.38 23.30 18.64
CA TRP B 41 -24.51 23.93 17.64
C TRP B 41 -23.66 25.03 18.27
N GLU B 42 -24.25 25.74 19.24
CA GLU B 42 -23.56 26.75 20.04
C GLU B 42 -22.22 26.28 20.60
N ASP B 43 -22.20 25.04 21.11
CA ASP B 43 -20.98 24.45 21.66
C ASP B 43 -19.90 24.32 20.58
N VAL B 44 -20.28 23.81 19.42
CA VAL B 44 -19.37 23.73 18.28
C VAL B 44 -18.82 25.10 17.89
N ALA B 45 -19.71 26.08 17.78
CA ALA B 45 -19.29 27.43 17.46
C ALA B 45 -18.26 28.00 18.47
N ARG B 46 -18.52 27.80 19.77
CA ARG B 46 -17.58 28.27 20.81
C ARG B 46 -16.22 27.57 20.70
N ARG B 47 -16.23 26.24 20.64
CA ARG B 47 -14.98 25.47 20.49
C ARG B 47 -14.16 25.91 19.26
N VAL B 48 -14.81 25.96 18.10
CA VAL B 48 -14.14 26.29 16.85
C VAL B 48 -13.64 27.76 16.82
N ALA B 49 -14.50 28.70 17.19
CA ALA B 49 -14.08 30.10 17.32
C ALA B 49 -12.83 30.26 18.19
N ARG B 50 -12.82 29.58 19.34
CA ARG B 50 -11.73 29.74 20.30
C ARG B 50 -10.40 29.18 19.78
N VAL B 51 -10.44 27.97 19.20
CA VAL B 51 -9.23 27.37 18.63
C VAL B 51 -8.67 28.21 17.46
N VAL B 52 -9.53 28.67 16.55
CA VAL B 52 -9.05 29.47 15.43
C VAL B 52 -8.57 30.87 15.85
N ALA B 53 -9.24 31.49 16.83
CA ALA B 53 -8.80 32.77 17.38
C ALA B 53 -7.41 32.66 18.01
N THR B 54 -7.07 31.47 18.48
CA THR B 54 -5.80 31.24 19.14
C THR B 54 -4.60 31.59 18.24
N ALA B 55 -4.80 31.42 16.93
CA ALA B 55 -3.82 31.80 15.90
C ALA B 55 -3.28 33.22 16.09
N GLU B 56 -4.10 34.08 16.66
CA GLU B 56 -3.71 35.49 16.86
C GLU B 56 -2.55 35.65 17.86
N LEU B 57 -2.28 34.62 18.66
CA LEU B 57 -1.07 34.59 19.46
C LEU B 57 0.16 34.90 18.60
N LEU B 58 0.19 34.32 17.40
CA LEU B 58 1.32 34.46 16.50
C LEU B 58 1.39 35.81 15.77
N ASN B 59 0.44 36.70 16.06
CA ASN B 59 0.35 37.96 15.30
C ASN B 59 1.38 39.00 15.75
N PRO B 60 2.34 39.30 14.88
CA PRO B 60 3.54 40.11 15.20
C PRO B 60 3.24 41.60 15.34
N SER B 61 2.02 42.00 15.04
CA SER B 61 1.68 43.42 15.13
C SER B 61 0.99 43.73 16.46
N TYR B 62 0.65 42.69 17.20
CA TYR B 62 0.10 42.87 18.54
C TYR B 62 1.27 42.89 19.51
N LYS B 63 1.29 43.87 20.40
CA LYS B 63 2.21 43.84 21.53
C LYS B 63 1.70 42.78 22.49
N LYS B 64 2.57 42.27 23.36
CA LYS B 64 2.15 41.23 24.29
C LYS B 64 1.12 41.79 25.28
N ASN B 65 1.16 43.11 25.49
CA ASN B 65 0.26 43.78 26.44
C ASN B 65 -1.09 44.12 25.83
N GLU B 66 -1.45 43.47 24.73
CA GLU B 66 -2.75 43.69 24.11
C GLU B 66 -3.29 42.40 23.49
N LYS B 67 -2.45 41.37 23.46
CA LYS B 67 -2.82 40.11 22.83
C LYS B 67 -4.12 39.51 23.37
N LEU B 68 -4.30 39.53 24.68
CA LEU B 68 -5.51 38.95 25.27
C LEU B 68 -6.78 39.64 24.75
N ASP B 69 -6.80 40.97 24.80
CA ASP B 69 -7.96 41.73 24.33
C ASP B 69 -8.23 41.47 22.85
N ARG B 70 -7.17 41.44 22.04
CA ARG B 70 -7.29 41.22 20.60
C ARG B 70 -7.75 39.79 20.28
N ILE B 71 -7.15 38.80 20.94
CA ILE B 71 -7.55 37.41 20.72
C ILE B 71 -9.02 37.22 21.11
N LYS B 72 -9.41 37.75 22.27
CA LYS B 72 -10.78 37.66 22.72
C LYS B 72 -11.78 38.30 21.73
N GLU B 73 -11.41 39.44 21.14
CA GLU B 73 -12.28 40.10 20.19
C GLU B 73 -12.50 39.20 18.97
N TRP B 74 -11.42 38.56 18.50
CA TRP B 74 -11.54 37.65 17.36
C TRP B 74 -12.35 36.40 17.70
N GLU B 75 -12.13 35.81 18.88
CA GLU B 75 -12.99 34.69 19.25
C GLU B 75 -14.45 35.13 19.23
N ASP B 76 -14.73 36.30 19.82
CA ASP B 76 -16.08 36.82 19.87
C ASP B 76 -16.70 36.92 18.47
N ILE B 77 -16.00 37.58 17.55
CA ILE B 77 -16.55 37.74 16.19
C ILE B 77 -16.68 36.38 15.46
N PHE B 78 -15.65 35.54 15.55
CA PHE B 78 -15.74 34.21 14.95
C PHE B 78 -16.95 33.46 15.52
N PHE B 79 -17.12 33.50 16.83
CA PHE B 79 -18.24 32.79 17.46
C PHE B 79 -19.62 33.24 16.98
N ARG B 80 -19.83 34.54 16.92
CA ARG B 80 -21.14 35.05 16.52
C ARG B 80 -21.48 34.72 15.06
N VAL B 81 -20.48 34.84 14.19
CA VAL B 81 -20.68 34.50 12.79
C VAL B 81 -20.95 33.00 12.60
N LEU B 82 -20.27 32.16 13.39
CA LEU B 82 -20.45 30.72 13.28
C LEU B 82 -21.81 30.30 13.84
N LYS B 83 -22.15 30.83 15.01
CA LYS B 83 -23.41 30.45 15.63
C LYS B 83 -24.59 30.87 14.74
N ALA B 84 -24.51 32.08 14.19
CA ALA B 84 -25.50 32.55 13.22
C ALA B 84 -25.54 31.74 11.91
N ARG B 85 -24.50 30.92 11.68
CA ARG B 85 -24.38 30.13 10.43
C ARG B 85 -24.34 30.98 9.15
N LEU B 86 -23.69 32.15 9.25
CA LEU B 86 -23.41 33.00 8.08
C LEU B 86 -22.18 32.53 7.32
N PHE B 87 -21.28 31.86 8.05
CA PHE B 87 -20.06 31.29 7.48
C PHE B 87 -19.75 30.05 8.29
N ILE B 88 -19.44 28.96 7.59
CA ILE B 88 -19.09 27.69 8.21
C ILE B 88 -17.90 27.11 7.46
N PRO B 89 -16.86 26.70 8.20
CA PRO B 89 -15.68 26.11 7.58
C PRO B 89 -15.92 24.65 7.15
N ASN B 90 -15.02 24.10 6.35
CA ASN B 90 -15.14 22.71 5.92
C ASN B 90 -15.18 21.74 7.13
N SER B 91 -15.95 20.67 6.98
CA SER B 91 -16.20 19.73 8.06
C SER B 91 -15.01 19.35 8.97
N PRO B 92 -13.85 19.08 8.39
CA PRO B 92 -12.77 18.67 9.31
C PRO B 92 -12.46 19.71 10.38
N THR B 93 -12.69 21.00 10.09
CA THR B 93 -12.45 22.06 11.05
C THR B 93 -13.39 21.88 12.24
N LEU B 94 -14.64 21.53 11.94
CA LEU B 94 -15.68 21.39 12.94
C LEU B 94 -15.43 20.13 13.75
N PHE B 95 -14.96 19.08 13.08
CA PHE B 95 -14.71 17.78 13.72
C PHE B 95 -13.56 17.85 14.72
N ASN B 96 -12.44 18.38 14.24
CA ASN B 96 -11.15 18.20 14.90
C ASN B 96 -10.60 19.42 15.66
N ALA B 97 -11.24 20.59 15.54
CA ALA B 97 -10.74 21.73 16.29
C ALA B 97 -10.78 21.38 17.79
N GLY B 98 -9.64 21.55 18.48
CA GLY B 98 -9.62 21.33 19.91
C GLY B 98 -9.16 19.92 20.32
N LEU B 99 -8.82 19.07 19.35
CA LEU B 99 -8.31 17.74 19.68
C LEU B 99 -6.96 17.85 20.39
N GLY B 100 -6.86 17.22 21.54
CA GLY B 100 -5.67 17.29 22.37
C GLY B 100 -5.78 18.26 23.54
N VAL B 101 -6.79 19.13 23.50
CA VAL B 101 -6.90 20.20 24.49
C VAL B 101 -7.76 19.80 25.69
N LYS B 102 -7.33 20.22 26.88
CA LYS B 102 -8.10 20.00 28.11
C LYS B 102 -9.54 20.47 27.91
N HIS B 103 -10.50 19.59 28.20
CA HIS B 103 -11.90 19.88 27.99
C HIS B 103 -12.42 21.08 28.78
N ASP B 104 -11.74 21.43 29.87
CA ASP B 104 -12.16 22.55 30.70
C ASP B 104 -11.70 23.88 30.14
N LEU B 105 -11.16 23.87 28.93
CA LEU B 105 -10.70 25.11 28.31
C LEU B 105 -11.47 25.44 27.04
N LEU B 106 -12.00 24.42 26.37
CA LEU B 106 -12.56 24.60 25.04
C LEU B 106 -13.89 25.31 25.05
N TRP B 107 -14.60 25.26 26.17
CA TRP B 107 -15.93 25.85 26.24
C TRP B 107 -16.12 26.82 27.39
N LYS B 108 -15.04 27.18 28.09
CA LYS B 108 -15.21 28.12 29.20
C LYS B 108 -15.54 29.51 28.67
N PRO B 109 -16.30 30.29 29.47
CA PRO B 109 -16.72 31.64 29.08
C PRO B 109 -15.51 32.48 28.64
N ILE B 110 -15.69 33.21 27.54
CA ILE B 110 -14.63 34.03 26.97
C ILE B 110 -14.15 35.15 27.91
N ASP B 111 -15.03 35.69 28.75
CA ASP B 111 -14.62 36.75 29.67
C ASP B 111 -13.66 36.23 30.74
N GLN B 112 -13.61 34.91 30.90
CA GLN B 112 -12.73 34.26 31.87
C GLN B 112 -11.40 33.76 31.29
N MET B 113 -11.22 33.88 29.98
CA MET B 113 -9.99 33.41 29.34
C MET B 113 -8.78 34.29 29.71
N THR B 114 -7.64 33.64 29.94
CA THR B 114 -6.38 34.34 30.15
C THR B 114 -5.47 34.11 28.95
N LEU B 115 -4.38 34.86 28.88
CA LEU B 115 -3.38 34.66 27.85
C LEU B 115 -2.82 33.25 27.96
N GLU B 116 -2.62 32.79 29.19
CA GLU B 116 -2.11 31.45 29.45
C GLU B 116 -3.08 30.36 29.01
N ASP B 117 -4.37 30.63 29.10
CA ASP B 117 -5.37 29.67 28.59
C ASP B 117 -5.20 29.50 27.07
N TYR B 118 -5.07 30.61 26.37
CA TYR B 118 -4.91 30.55 24.92
C TYR B 118 -3.60 29.88 24.52
N GLU B 119 -2.53 30.15 25.26
CA GLU B 119 -1.25 29.47 25.03
C GLU B 119 -1.31 27.98 25.30
N GLU B 120 -2.04 27.57 26.34
CA GLU B 120 -2.20 26.14 26.62
C GLU B 120 -2.97 25.45 25.50
N ILE B 121 -4.02 26.10 25.00
CA ILE B 121 -4.76 25.61 23.85
C ILE B 121 -3.84 25.41 22.66
N TYR B 122 -3.04 26.42 22.38
CA TYR B 122 -2.14 26.39 21.24
C TYR B 122 -1.11 25.26 21.35
N ARG B 123 -0.64 24.98 22.57
CA ARG B 123 0.42 24.00 22.81
C ARG B 123 -0.04 22.55 22.82
N SER B 124 -1.33 22.32 23.08
CA SER B 124 -1.79 20.96 23.31
C SER B 124 -2.56 20.35 22.14
N ARG B 125 -2.56 21.06 21.01
CA ARG B 125 -3.14 20.51 19.80
C ARG B 125 -2.41 19.22 19.45
N ASN B 126 -3.13 18.11 19.33
CA ASN B 126 -2.47 16.84 19.02
C ASN B 126 -2.36 16.51 17.53
N HIS B 127 -1.76 15.38 17.22
CA HIS B 127 -1.45 15.03 15.85
C HIS B 127 -2.69 14.71 15.02
N LEU B 128 -3.86 14.67 15.65
CA LEU B 128 -5.11 14.46 14.93
C LEU B 128 -5.83 15.79 14.63
N HIS B 129 -5.15 16.92 14.86
CA HIS B 129 -5.80 18.25 14.85
C HIS B 129 -5.79 18.80 13.41
N MET B 130 -6.45 18.06 12.52
CA MET B 130 -6.33 18.25 11.10
C MET B 130 -7.59 18.91 10.58
N LEU B 131 -7.43 20.09 10.02
CA LEU B 131 -8.57 20.98 9.87
C LEU B 131 -8.89 21.29 8.41
N SER B 132 -8.23 20.57 7.50
CA SER B 132 -8.39 20.80 6.06
C SER B 132 -9.14 19.66 5.39
N ALA B 133 -9.90 19.96 4.34
CA ALA B 133 -10.73 18.93 3.68
C ALA B 133 -9.95 17.95 2.81
N CYS B 134 -8.80 18.35 2.28
CA CYS B 134 -8.13 17.50 1.31
C CYS B 134 -6.77 17.98 0.82
N PHE B 135 -6.15 17.13 0.02
CA PHE B 135 -4.74 17.26 -0.28
C PHE B 135 -4.46 16.68 -1.66
N VAL B 136 -3.33 17.04 -2.22
CA VAL B 136 -2.83 16.37 -3.41
C VAL B 136 -1.42 15.84 -3.15
N VAL B 137 -1.20 14.58 -3.51
CA VAL B 137 0.16 14.02 -3.42
C VAL B 137 0.63 13.49 -4.77
N PRO B 138 1.93 13.66 -5.07
CA PRO B 138 2.55 13.07 -6.27
C PRO B 138 2.66 11.54 -6.19
N VAL B 139 2.59 10.88 -7.33
CA VAL B 139 2.91 9.46 -7.43
C VAL B 139 3.99 9.21 -8.48
N GLY B 140 5.24 9.18 -8.02
CA GLY B 140 6.39 8.97 -8.90
C GLY B 140 6.47 7.59 -9.55
N ASP B 141 7.21 7.52 -10.66
CA ASP B 141 7.27 6.34 -11.50
C ASP B 141 8.27 5.31 -10.98
N SER B 142 8.15 4.89 -9.72
CA SER B 142 9.03 3.87 -9.14
C SER B 142 8.28 3.14 -8.04
N ILE B 143 8.63 1.88 -7.79
CA ILE B 143 7.96 1.11 -6.74
C ILE B 143 8.08 1.86 -5.41
N GLU B 144 9.24 2.47 -5.19
CA GLU B 144 9.48 3.24 -3.97
C GLU B 144 8.48 4.40 -3.81
N GLU B 145 8.36 5.21 -4.82
CA GLU B 145 7.47 6.37 -4.73
C GLU B 145 6.00 5.98 -4.67
N ILE B 146 5.61 4.97 -5.43
CA ILE B 146 4.24 4.49 -5.42
C ILE B 146 3.77 4.02 -4.04
N PHE B 147 4.54 3.14 -3.40
CA PHE B 147 4.11 2.68 -2.08
C PHE B 147 4.32 3.71 -0.97
N GLU B 148 5.18 4.68 -1.20
CA GLU B 148 5.25 5.80 -0.29
C GLU B 148 3.95 6.60 -0.42
N ALA B 149 3.43 6.70 -1.64
CA ALA B 149 2.19 7.45 -1.85
C ALA B 149 1.02 6.69 -1.23
N VAL B 150 1.05 5.37 -1.35
CA VAL B 150 0.00 4.55 -0.74
C VAL B 150 -0.03 4.79 0.76
N LYS B 151 1.16 4.82 1.38
CA LYS B 151 1.28 5.10 2.80
C LYS B 151 0.65 6.47 3.13
N GLU B 152 0.97 7.48 2.32
CA GLU B 152 0.38 8.81 2.52
C GLU B 152 -1.14 8.85 2.33
N TYR B 153 -1.65 8.10 1.36
CA TYR B 153 -3.10 7.98 1.22
C TYR B 153 -3.69 7.50 2.54
N ALA B 154 -3.07 6.48 3.12
CA ALA B 154 -3.55 5.90 4.39
C ALA B 154 -3.51 6.89 5.55
N LEU B 155 -2.37 7.56 5.72
CA LEU B 155 -2.18 8.53 6.81
C LEU B 155 -3.16 9.70 6.67
N ILE B 156 -3.32 10.21 5.46
CA ILE B 156 -4.22 11.35 5.19
C ILE B 156 -5.67 10.98 5.48
N THR B 157 -6.10 9.83 4.93
CA THR B 157 -7.47 9.36 5.11
C THR B 157 -7.80 9.10 6.59
N LYS B 158 -6.81 8.62 7.32
CA LYS B 158 -7.00 8.30 8.75
C LYS B 158 -7.47 9.53 9.54
N VAL B 159 -6.82 10.67 9.32
CA VAL B 159 -7.16 11.90 10.05
C VAL B 159 -8.31 12.70 9.43
N GLY B 160 -8.82 12.26 8.28
CA GLY B 160 -10.07 12.77 7.75
C GLY B 160 -10.00 13.59 6.47
N GLY B 161 -8.87 13.55 5.79
CA GLY B 161 -8.72 14.27 4.54
C GLY B 161 -9.00 13.39 3.34
N GLY B 162 -9.42 14.00 2.23
CA GLY B 162 -9.48 13.31 0.96
C GLY B 162 -8.17 13.55 0.23
N VAL B 163 -7.90 12.79 -0.84
CA VAL B 163 -6.63 12.93 -1.53
C VAL B 163 -6.79 12.77 -3.03
N GLY B 164 -6.07 13.58 -3.79
CA GLY B 164 -6.04 13.46 -5.24
C GLY B 164 -4.65 13.20 -5.76
N SER B 165 -4.55 12.47 -6.87
CA SER B 165 -3.28 12.30 -7.56
C SER B 165 -3.47 12.24 -9.08
N ASN B 166 -2.51 12.80 -9.78
CA ASN B 166 -2.40 12.56 -11.21
C ASN B 166 -1.44 11.37 -11.35
N PHE B 167 -1.93 10.29 -11.96
CA PHE B 167 -1.16 9.04 -12.05
C PHE B 167 -0.36 8.93 -13.36
N SER B 168 -0.30 10.02 -14.11
CA SER B 168 0.31 9.96 -15.44
C SER B 168 1.83 9.74 -15.43
N GLU B 169 2.48 9.94 -14.29
CA GLU B 169 3.92 9.65 -14.22
C GLU B 169 4.22 8.16 -14.39
N LEU B 170 3.28 7.32 -13.99
CA LEU B 170 3.48 5.87 -14.05
C LEU B 170 3.52 5.36 -15.49
N ARG B 171 4.60 4.67 -15.86
CA ARG B 171 4.78 4.29 -17.26
C ARG B 171 3.69 3.32 -17.70
N PRO B 172 3.37 3.32 -18.99
CA PRO B 172 2.28 2.53 -19.55
C PRO B 172 2.41 1.02 -19.26
N LYS B 173 1.27 0.34 -19.25
CA LYS B 173 1.22 -1.07 -19.01
C LYS B 173 2.08 -1.77 -20.07
N GLY B 174 3.03 -2.59 -19.61
CA GLY B 174 3.87 -3.36 -20.50
C GLY B 174 5.20 -2.68 -20.80
N SER B 175 5.41 -1.49 -20.29
CA SER B 175 6.66 -0.79 -20.52
C SER B 175 7.80 -1.58 -19.90
N PHE B 176 9.00 -1.37 -20.43
CA PHE B 176 10.18 -2.05 -19.91
C PHE B 176 10.48 -1.55 -18.51
N VAL B 177 10.75 -2.51 -17.63
CA VAL B 177 11.23 -2.22 -16.29
C VAL B 177 12.69 -2.70 -16.20
N ALA B 178 13.60 -1.76 -16.09
CA ALA B 178 15.03 -2.03 -16.23
C ALA B 178 15.59 -2.88 -15.10
N GLY B 179 15.06 -2.72 -13.90
CA GLY B 179 15.55 -3.46 -12.75
C GLY B 179 15.27 -4.95 -12.78
N THR B 180 14.28 -5.35 -13.59
CA THR B 180 13.81 -6.74 -13.61
C THR B 180 13.65 -7.28 -15.03
N HIS B 181 13.96 -6.45 -16.02
CA HIS B 181 13.70 -6.79 -17.42
C HIS B 181 12.23 -7.16 -17.64
N GLY B 182 11.39 -6.87 -16.65
CA GLY B 182 10.00 -7.25 -16.65
C GLY B 182 9.10 -6.26 -17.35
N LYS B 183 7.80 -6.36 -17.09
CA LYS B 183 6.82 -5.45 -17.68
C LYS B 183 6.14 -4.64 -16.58
N ALA B 184 6.00 -3.34 -16.79
CA ALA B 184 5.29 -2.48 -15.83
C ALA B 184 3.79 -2.80 -15.84
N SER B 185 3.17 -2.73 -14.66
CA SER B 185 1.74 -3.00 -14.54
C SER B 185 0.88 -1.83 -15.03
N GLY B 186 1.44 -0.62 -15.06
CA GLY B 186 0.74 0.57 -15.55
C GLY B 186 -0.10 1.26 -14.48
N PRO B 187 -0.45 2.54 -14.70
CA PRO B 187 -1.14 3.35 -13.68
C PRO B 187 -2.44 2.72 -13.18
N VAL B 188 -3.24 2.17 -14.08
CA VAL B 188 -4.53 1.63 -13.69
C VAL B 188 -4.44 0.50 -12.66
N SER B 189 -3.59 -0.51 -12.91
CA SER B 189 -3.36 -1.57 -11.92
C SER B 189 -2.92 -1.03 -10.56
N PHE B 190 -1.98 -0.07 -10.57
CA PHE B 190 -1.52 0.55 -9.35
C PHE B 190 -2.66 1.26 -8.59
N MET B 191 -3.56 1.92 -9.32
CA MET B 191 -4.69 2.58 -8.68
C MET B 191 -5.53 1.61 -7.83
N HIS B 192 -5.56 0.35 -8.23
CA HIS B 192 -6.26 -0.70 -7.48
C HIS B 192 -5.66 -0.92 -6.10
N VAL B 193 -4.34 -0.75 -6.00
CA VAL B 193 -3.70 -0.84 -4.68
C VAL B 193 -4.09 0.34 -3.78
N PHE B 194 -4.12 1.54 -4.35
CA PHE B 194 -4.59 2.71 -3.62
C PHE B 194 -6.02 2.51 -3.12
N ASN B 195 -6.86 1.94 -3.97
CA ASN B 195 -8.24 1.69 -3.57
C ASN B 195 -8.30 0.71 -2.40
N SER B 196 -7.61 -0.42 -2.55
CA SER B 196 -7.51 -1.44 -1.52
C SER B 196 -7.03 -0.88 -0.19
N ALA B 197 -5.99 -0.05 -0.23
CA ALA B 197 -5.51 0.64 0.97
C ALA B 197 -6.62 1.41 1.69
N ILE B 198 -7.45 2.12 0.92
CA ILE B 198 -8.45 2.97 1.55
C ILE B 198 -9.59 2.12 2.12
N SER B 199 -9.82 0.96 1.50
CA SER B 199 -10.86 0.05 1.97
C SER B 199 -10.68 -0.41 3.43
N VAL B 200 -9.49 -0.26 4.00
CA VAL B 200 -9.29 -0.73 5.38
C VAL B 200 -9.04 0.42 6.35
N VAL B 201 -9.23 1.63 5.88
CA VAL B 201 -9.08 2.79 6.75
C VAL B 201 -10.42 3.54 6.78
N LYS B 202 -10.89 3.95 7.96
CA LYS B 202 -12.05 4.84 8.04
CA LYS B 202 -12.04 4.85 8.03
C LYS B 202 -11.72 6.06 8.90
N GLN B 203 -12.66 7.01 8.98
CA GLN B 203 -12.53 8.14 9.92
C GLN B 203 -13.43 8.05 11.17
N GLY B 204 -14.58 7.36 11.11
CA GLY B 204 -15.15 6.76 9.91
C GLY B 204 -16.63 7.08 9.81
N SER B 205 -17.34 6.49 8.84
CA SER B 205 -16.78 5.48 7.94
C SER B 205 -17.26 5.53 6.47
N ARG B 206 -18.15 6.47 6.14
CA ARG B 206 -18.55 6.63 4.73
C ARG B 206 -17.48 7.39 3.92
N ARG B 207 -16.85 6.68 2.98
CA ARG B 207 -15.68 7.19 2.25
C ARG B 207 -15.90 7.32 0.74
N ARG B 208 -17.16 7.35 0.31
CA ARG B 208 -17.50 7.55 -1.10
C ARG B 208 -16.86 8.85 -1.62
N GLY B 209 -16.15 8.74 -2.74
CA GLY B 209 -15.47 9.86 -3.36
C GLY B 209 -14.34 10.46 -2.53
N ALA B 210 -13.64 9.61 -1.79
CA ALA B 210 -12.58 10.08 -0.91
C ALA B 210 -11.33 10.41 -1.70
N LEU B 211 -11.22 9.86 -2.92
CA LEU B 211 -10.01 10.00 -3.72
C LEU B 211 -10.32 10.58 -5.08
N MET B 212 -9.34 11.30 -5.63
CA MET B 212 -9.38 11.69 -7.03
C MET B 212 -8.22 11.01 -7.78
N GLY B 213 -8.54 10.42 -8.92
CA GLY B 213 -7.53 9.85 -9.81
C GLY B 213 -7.62 10.46 -11.18
N ILE B 214 -6.53 11.09 -11.61
CA ILE B 214 -6.47 11.70 -12.93
C ILE B 214 -5.43 10.99 -13.81
N LEU B 215 -5.79 10.74 -15.07
CA LEU B 215 -4.82 10.30 -16.06
C LEU B 215 -4.92 11.25 -17.24
N ASN B 216 -3.79 11.72 -17.75
CA ASN B 216 -3.77 12.70 -18.84
C ASN B 216 -4.19 12.10 -20.19
N ILE B 217 -4.88 12.93 -20.98
CA ILE B 217 -5.46 12.55 -22.27
C ILE B 217 -4.48 11.92 -23.26
N ASN B 218 -3.21 12.25 -23.14
CA ASN B 218 -2.20 11.70 -24.03
C ASN B 218 -1.37 10.54 -23.46
N HIS B 219 -1.83 9.94 -22.37
CA HIS B 219 -1.15 8.76 -21.81
C HIS B 219 -1.54 7.53 -22.62
N PRO B 220 -0.58 6.62 -22.88
CA PRO B 220 -0.87 5.44 -23.71
C PRO B 220 -1.97 4.53 -23.13
N ASP B 221 -2.16 4.56 -21.83
CA ASP B 221 -3.26 3.80 -21.23
C ASP B 221 -4.56 4.61 -21.04
N ILE B 222 -4.69 5.76 -21.70
CA ILE B 222 -5.89 6.59 -21.44
C ILE B 222 -7.17 5.82 -21.78
N GLU B 223 -7.15 4.99 -22.81
CA GLU B 223 -8.37 4.29 -23.20
C GLU B 223 -8.79 3.29 -22.11
N GLU B 224 -7.82 2.62 -21.52
CA GLU B 224 -8.13 1.73 -20.42
C GLU B 224 -8.64 2.52 -19.21
N PHE B 225 -7.94 3.62 -18.90
CA PHE B 225 -8.33 4.50 -17.80
C PHE B 225 -9.79 4.89 -17.91
N ILE B 226 -10.18 5.30 -19.11
CA ILE B 226 -11.52 5.78 -19.38
C ILE B 226 -12.58 4.71 -19.11
N ASP B 227 -12.21 3.46 -19.34
CA ASP B 227 -13.10 2.31 -19.18
C ASP B 227 -12.98 1.64 -17.81
N ALA B 228 -12.21 2.25 -16.89
CA ALA B 228 -11.79 1.58 -15.65
C ALA B 228 -12.92 1.06 -14.76
N LYS B 229 -13.93 1.88 -14.53
CA LYS B 229 -15.06 1.48 -13.69
C LYS B 229 -16.26 1.15 -14.54
N LYS B 230 -16.29 -0.10 -15.03
CA LYS B 230 -17.30 -0.53 -15.99
C LYS B 230 -17.17 -2.03 -16.25
N VAL B 237 -13.58 -2.56 -6.51
CA VAL B 237 -13.15 -2.14 -7.84
C VAL B 237 -12.24 -0.92 -7.73
N LEU B 238 -12.79 0.23 -8.11
CA LEU B 238 -12.17 1.52 -7.84
C LEU B 238 -13.21 2.38 -7.14
N ASN B 239 -13.87 1.78 -6.15
CA ASN B 239 -15.08 2.39 -5.60
C ASN B 239 -14.84 3.67 -4.79
N PHE B 240 -13.61 3.87 -4.35
CA PHE B 240 -13.32 5.07 -3.54
C PHE B 240 -12.79 6.24 -4.37
N PHE B 241 -12.55 6.00 -5.66
CA PHE B 241 -12.07 7.03 -6.58
C PHE B 241 -13.18 7.74 -7.33
N ASN B 242 -13.05 9.06 -7.41
CA ASN B 242 -13.58 9.79 -8.55
C ASN B 242 -12.46 9.81 -9.60
N LEU B 243 -12.83 9.73 -10.87
CA LEU B 243 -11.84 9.73 -11.97
C LEU B 243 -12.07 10.90 -12.92
N SER B 244 -10.99 11.60 -13.28
CA SER B 244 -11.06 12.61 -14.34
C SER B 244 -9.93 12.48 -15.36
N VAL B 245 -10.22 12.81 -16.62
CA VAL B 245 -9.20 12.89 -17.66
C VAL B 245 -8.50 14.24 -17.56
N GLY B 246 -7.18 14.23 -17.59
CA GLY B 246 -6.38 15.43 -17.41
C GLY B 246 -6.01 16.05 -18.76
N PHE B 247 -6.18 17.36 -18.86
CA PHE B 247 -5.84 18.12 -20.06
C PHE B 247 -4.79 19.17 -19.71
N PRO B 248 -3.50 18.79 -19.75
CA PRO B 248 -2.42 19.72 -19.39
C PRO B 248 -2.11 20.78 -20.45
N MET B 249 -2.49 20.52 -21.71
CA MET B 249 -2.30 21.49 -22.79
C MET B 249 -3.39 22.57 -22.73
N ASP B 250 -3.23 23.61 -23.52
CA ASP B 250 -4.21 24.71 -23.54
C ASP B 250 -5.58 24.21 -24.03
N LYS B 251 -6.67 24.61 -23.36
CA LYS B 251 -8.00 24.23 -23.86
C LYS B 251 -8.18 24.56 -25.36
N LYS B 252 -7.57 25.66 -25.82
CA LYS B 252 -7.74 26.11 -27.22
C LYS B 252 -7.14 25.13 -28.18
N GLU B 253 -6.00 24.58 -27.79
CA GLU B 253 -5.29 23.63 -28.64
C GLU B 253 -6.09 22.32 -28.80
N ILE B 254 -6.71 21.83 -27.73
CA ILE B 254 -7.51 20.60 -27.83
C ILE B 254 -8.82 20.83 -28.61
N LEU B 255 -9.46 21.99 -28.44
CA LEU B 255 -10.64 22.29 -29.23
C LEU B 255 -10.30 22.39 -30.74
N LYS B 256 -9.20 23.08 -31.06
CA LYS B 256 -8.78 23.19 -32.45
C LYS B 256 -8.53 21.82 -33.04
N LEU B 257 -7.91 20.94 -32.25
CA LEU B 257 -7.62 19.60 -32.72
C LEU B 257 -8.91 18.83 -33.02
N TYR B 258 -9.88 18.91 -32.12
CA TYR B 258 -11.20 18.33 -32.37
C TYR B 258 -11.89 18.87 -33.65
N GLU B 259 -11.99 20.19 -33.76
CA GLU B 259 -12.66 20.80 -34.92
C GLU B 259 -11.97 20.45 -36.21
N GLU B 260 -10.66 20.19 -36.13
CA GLU B 260 -9.92 19.82 -37.32
C GLU B 260 -9.82 18.31 -37.55
N ASP B 261 -10.46 17.56 -36.66
CA ASP B 261 -10.48 16.09 -36.74
C ASP B 261 -9.06 15.52 -36.71
N GLY B 262 -8.21 16.12 -35.89
CA GLY B 262 -6.82 15.70 -35.84
C GLY B 262 -6.55 14.49 -34.96
N GLU B 263 -5.27 14.16 -34.84
CA GLU B 263 -4.80 12.99 -34.12
C GLU B 263 -3.93 13.41 -32.93
N LEU B 264 -4.06 12.68 -31.82
CA LEU B 264 -3.23 12.95 -30.66
C LEU B 264 -2.18 11.83 -30.52
N GLU B 265 -0.93 12.22 -30.35
CA GLU B 265 0.13 11.24 -30.09
C GLU B 265 0.09 10.81 -28.62
N LEU B 266 -0.24 9.55 -28.37
CA LEU B 266 -0.17 9.00 -27.01
C LEU B 266 1.25 8.51 -26.80
N SER B 267 1.91 8.99 -25.75
CA SER B 267 3.28 8.57 -25.47
C SER B 267 3.68 8.89 -24.04
N HIS B 268 4.86 8.43 -23.64
CA HIS B 268 5.32 8.57 -22.26
C HIS B 268 6.83 8.64 -22.32
N PRO B 269 7.45 9.46 -21.47
CA PRO B 269 8.91 9.64 -21.61
C PRO B 269 9.75 8.45 -21.13
N ARG B 270 9.12 7.47 -20.50
CA ARG B 270 9.86 6.29 -20.04
C ARG B 270 9.29 5.01 -20.61
N SER B 271 8.77 5.08 -21.82
CA SER B 271 8.23 3.92 -22.52
C SER B 271 8.40 4.06 -24.02
N THR B 272 8.56 2.94 -24.70
CA THR B 272 8.59 2.93 -26.17
C THR B 272 7.17 2.79 -26.70
N ILE B 273 6.24 2.47 -25.80
CA ILE B 273 4.83 2.36 -26.15
C ILE B 273 4.27 3.71 -26.66
N ARG B 274 3.96 3.76 -27.96
CA ARG B 274 3.47 4.97 -28.63
C ARG B 274 2.33 4.64 -29.60
N LYS B 275 1.39 5.57 -29.76
CA LYS B 275 0.19 5.30 -30.55
C LYS B 275 -0.53 6.60 -30.92
N LYS B 276 -1.18 6.62 -32.09
CA LYS B 276 -1.95 7.78 -32.54
C LYS B 276 -3.44 7.47 -32.59
N VAL B 277 -4.23 8.36 -32.01
CA VAL B 277 -5.66 8.17 -31.92
C VAL B 277 -6.34 9.43 -32.42
N LYS B 278 -7.48 9.27 -33.08
CA LYS B 278 -8.33 10.39 -33.47
C LYS B 278 -8.95 11.07 -32.23
N ILE B 279 -8.65 12.36 -32.02
CA ILE B 279 -9.10 13.03 -30.80
C ILE B 279 -10.63 13.01 -30.69
N ARG B 280 -11.33 12.96 -31.82
CA ARG B 280 -12.79 12.80 -31.80
C ARG B 280 -13.25 11.42 -31.26
N GLU B 281 -12.54 10.36 -31.64
CA GLU B 281 -12.92 9.03 -31.19
C GLU B 281 -12.70 8.92 -29.69
N LEU B 282 -11.62 9.53 -29.21
CA LEU B 282 -11.28 9.52 -27.81
C LEU B 282 -12.37 10.25 -27.04
N PHE B 283 -12.76 11.42 -27.54
CA PHE B 283 -13.79 12.22 -26.87
C PHE B 283 -15.10 11.45 -26.82
N ARG B 284 -15.41 10.71 -27.89
CA ARG B 284 -16.69 9.99 -27.94
C ARG B 284 -16.69 8.85 -26.92
N LYS B 285 -15.51 8.25 -26.70
CA LYS B 285 -15.38 7.20 -25.72
C LYS B 285 -15.58 7.78 -24.31
N ILE B 286 -14.95 8.93 -24.03
CA ILE B 286 -15.20 9.63 -22.79
C ILE B 286 -16.68 9.95 -22.60
N ALA B 287 -17.31 10.57 -23.61
CA ALA B 287 -18.73 10.96 -23.49
C ALA B 287 -19.63 9.74 -23.32
N THR B 288 -19.29 8.65 -23.99
CA THR B 288 -20.07 7.42 -23.91
C THR B 288 -20.08 6.84 -22.48
N ASN B 289 -18.93 6.89 -21.82
CA ASN B 289 -18.81 6.40 -20.45
C ASN B 289 -19.50 7.33 -19.46
N ALA B 290 -19.32 8.64 -19.65
CA ALA B 290 -20.00 9.64 -18.83
C ALA B 290 -21.51 9.50 -19.01
N TRP B 291 -21.91 9.23 -20.25
CA TRP B 291 -23.32 9.06 -20.57
C TRP B 291 -23.93 7.89 -19.79
N LYS B 292 -23.11 6.89 -19.50
CA LYS B 292 -23.58 5.67 -18.85
C LYS B 292 -23.54 5.78 -17.34
N SER B 293 -22.51 6.43 -16.81
CA SER B 293 -22.18 6.27 -15.40
C SER B 293 -21.77 7.56 -14.70
N GLY B 294 -21.52 8.62 -15.46
CA GLY B 294 -21.17 9.90 -14.89
C GLY B 294 -19.68 10.10 -14.71
N ASP B 295 -18.90 9.10 -15.08
CA ASP B 295 -17.44 9.18 -15.01
C ASP B 295 -16.87 8.79 -16.38
N PRO B 296 -15.69 9.30 -16.71
CA PRO B 296 -14.86 10.26 -15.96
C PRO B 296 -15.23 11.72 -16.26
N GLY B 297 -14.88 12.63 -15.36
CA GLY B 297 -14.98 14.07 -15.62
C GLY B 297 -13.78 14.54 -16.43
N LEU B 298 -13.72 15.85 -16.66
CA LEU B 298 -12.61 16.47 -17.39
C LEU B 298 -11.93 17.49 -16.49
N ALA B 299 -10.61 17.45 -16.44
CA ALA B 299 -9.84 18.39 -15.64
C ALA B 299 -8.96 19.25 -16.52
N PHE B 300 -9.33 20.52 -16.71
CA PHE B 300 -8.52 21.38 -17.57
C PHE B 300 -7.29 21.94 -16.86
N LEU B 301 -6.29 21.09 -16.67
CA LEU B 301 -5.07 21.45 -15.95
C LEU B 301 -4.30 22.60 -16.57
N GLY B 302 -4.20 22.63 -17.90
CA GLY B 302 -3.59 23.76 -18.57
C GLY B 302 -4.26 25.07 -18.15
N GLU B 303 -5.58 25.05 -18.10
CA GLU B 303 -6.30 26.28 -17.77
C GLU B 303 -6.06 26.66 -16.31
N MET B 304 -5.86 25.65 -15.45
CA MET B 304 -5.55 25.92 -14.05
C MET B 304 -4.20 26.60 -13.94
N ASN B 305 -3.24 26.11 -14.71
CA ASN B 305 -1.87 26.66 -14.67
C ASN B 305 -1.75 28.03 -15.33
N LYS B 306 -2.64 28.32 -16.27
CA LYS B 306 -2.67 29.65 -16.88
C LYS B 306 -2.89 30.72 -15.80
N TYR B 307 -3.63 30.36 -14.76
CA TYR B 307 -4.02 31.31 -13.72
C TYR B 307 -3.33 31.09 -12.38
N TYR B 308 -2.39 30.14 -12.35
CA TYR B 308 -1.69 29.79 -11.11
C TYR B 308 -0.55 30.75 -10.93
N PRO B 309 -0.58 31.55 -9.85
CA PRO B 309 0.45 32.59 -9.69
C PRO B 309 1.89 32.05 -9.58
N LEU B 310 2.07 30.76 -9.31
CA LEU B 310 3.41 30.20 -9.17
C LEU B 310 3.91 29.35 -10.37
N TYR B 311 3.13 29.31 -11.44
CA TYR B 311 3.51 28.55 -12.63
C TYR B 311 4.54 29.39 -13.39
N PRO B 312 5.59 28.75 -13.95
CA PRO B 312 5.90 27.32 -13.98
C PRO B 312 6.88 26.83 -12.91
N HIS B 313 7.31 27.70 -12.00
CA HIS B 313 8.13 27.27 -10.87
C HIS B 313 7.48 26.05 -10.23
N ARG B 314 6.18 26.17 -9.96
CA ARG B 314 5.38 25.04 -9.45
C ARG B 314 4.27 24.77 -10.43
N LYS B 315 3.68 23.58 -10.34
CA LYS B 315 2.73 23.13 -11.33
C LYS B 315 1.56 22.40 -10.70
N ILE B 316 0.36 22.71 -11.17
CA ILE B 316 -0.86 22.00 -10.78
C ILE B 316 -1.05 20.79 -11.68
N ASN B 317 -1.00 19.58 -11.10
CA ASN B 317 -1.19 18.34 -11.84
C ASN B 317 -2.45 17.62 -11.45
N SER B 318 -3.08 18.05 -10.37
CA SER B 318 -4.25 17.33 -9.88
C SER B 318 -5.18 18.24 -9.11
N THR B 319 -6.45 17.85 -9.06
CA THR B 319 -7.38 18.46 -8.11
C THR B 319 -7.60 17.48 -6.94
N ASN B 320 -8.31 17.96 -5.93
CA ASN B 320 -8.80 17.15 -4.82
C ASN B 320 -10.02 16.36 -5.34
N PRO B 321 -10.62 15.50 -4.51
CA PRO B 321 -11.68 14.60 -4.98
C PRO B 321 -12.89 15.24 -5.69
N CYS B 322 -13.33 16.43 -5.26
CA CYS B 322 -14.51 17.04 -5.87
C CYS B 322 -14.16 18.14 -6.89
N GLY B 323 -12.88 18.21 -7.23
CA GLY B 323 -12.40 19.01 -8.34
C GLY B 323 -12.30 20.51 -8.10
N GLU B 324 -12.67 21.01 -6.92
CA GLU B 324 -12.79 22.47 -6.82
C GLU B 324 -11.48 23.20 -6.54
N ILE B 325 -10.43 22.46 -6.19
CA ILE B 325 -9.13 23.10 -5.97
C ILE B 325 -8.07 22.38 -6.78
N GLY B 326 -7.38 23.11 -7.63
CA GLY B 326 -6.20 22.57 -8.28
C GLY B 326 -5.02 22.80 -7.37
N LEU B 327 -4.30 21.74 -7.03
CA LEU B 327 -3.25 21.85 -6.02
C LEU B 327 -1.93 21.39 -6.57
N SER B 328 -0.87 22.07 -6.19
CA SER B 328 0.46 21.55 -6.48
C SER B 328 0.81 20.50 -5.40
N ASP B 329 1.91 19.79 -5.60
CA ASP B 329 2.28 18.66 -4.75
C ASP B 329 2.29 19.00 -3.26
N TYR B 330 1.52 18.22 -2.50
CA TYR B 330 1.52 18.26 -1.03
C TYR B 330 0.76 19.44 -0.44
N GLU B 331 0.36 20.32 -1.34
N GLU B 331 0.11 20.23 -1.30
CA GLU B 331 -0.31 21.53 -0.97
CA GLU B 331 -0.81 21.29 -0.82
C GLU B 331 -1.62 21.12 -0.34
C GLU B 331 -2.16 20.76 -0.30
N ALA B 332 -1.91 21.73 0.80
N ALA B 332 -2.85 21.58 0.50
CA ALA B 332 -3.21 21.55 1.41
CA ALA B 332 -4.14 21.20 1.08
C ALA B 332 -3.99 22.84 1.29
C ALA B 332 -5.30 22.12 0.72
N CYS B 333 -5.29 22.72 1.51
N CYS B 333 -6.52 21.61 0.88
CA CYS B 333 -6.14 23.89 1.47
CA CYS B 333 -7.74 22.41 0.75
C CYS B 333 -7.33 23.73 2.39
C CYS B 333 -8.06 23.02 2.10
N ASN B 334 -7.51 24.71 3.28
N ASN B 334 -8.06 24.34 2.15
CA ASN B 334 -8.72 24.77 4.08
CA ASN B 334 -8.46 25.04 3.36
C ASN B 334 -9.77 25.70 3.47
C ASN B 334 -9.77 25.77 3.07
N LEU B 335 -10.93 25.12 3.29
CA LEU B 335 -12.16 25.70 2.74
C LEU B 335 -13.14 26.20 3.81
N GLY B 336 -14.03 27.11 3.40
CA GLY B 336 -15.15 27.54 4.25
C GLY B 336 -16.10 28.33 3.36
N SER B 337 -17.40 28.31 3.67
CA SER B 337 -18.39 28.98 2.82
C SER B 337 -19.35 29.92 3.54
N ILE B 338 -19.66 31.04 2.86
CA ILE B 338 -20.64 32.01 3.30
C ILE B 338 -22.00 31.64 2.75
N ASP B 339 -23.02 31.64 3.61
CA ASP B 339 -24.38 31.38 3.15
C ASP B 339 -25.03 32.68 2.68
N VAL B 340 -25.05 32.89 1.36
CA VAL B 340 -25.43 34.19 0.81
C VAL B 340 -26.93 34.40 0.84
N ALA B 341 -27.69 33.34 1.08
CA ALA B 341 -29.13 33.51 1.21
C ALA B 341 -29.50 34.30 2.49
N LYS B 342 -28.61 34.32 3.48
CA LYS B 342 -28.89 35.04 4.73
C LYS B 342 -28.59 36.53 4.57
N PHE B 343 -28.07 36.90 3.40
CA PHE B 343 -27.72 38.29 3.10
C PHE B 343 -28.80 39.02 2.27
N TYR B 344 -29.93 38.34 2.05
CA TYR B 344 -31.04 38.96 1.34
C TYR B 344 -31.73 39.99 2.24
N ASN B 345 -32.00 41.17 1.70
CA ASN B 345 -32.67 42.21 2.46
C ASN B 345 -33.57 43.04 1.57
N ASN B 346 -34.87 42.88 1.76
CA ASN B 346 -35.88 43.65 1.02
C ASN B 346 -35.52 43.85 -0.47
N GLY B 347 -35.26 42.75 -1.17
CA GLY B 347 -35.11 42.82 -2.62
C GLY B 347 -33.68 42.99 -3.09
N PHE B 348 -32.73 43.12 -2.17
CA PHE B 348 -31.32 43.17 -2.54
C PHE B 348 -30.41 42.38 -1.62
N VAL B 349 -29.16 42.24 -2.04
CA VAL B 349 -28.12 41.60 -1.25
C VAL B 349 -27.46 42.71 -0.47
N ASP B 350 -27.40 42.52 0.86
CA ASP B 350 -26.80 43.49 1.74
C ASP B 350 -25.29 43.46 1.57
N LEU B 351 -24.79 44.28 0.63
CA LEU B 351 -23.36 44.32 0.35
C LEU B 351 -22.54 44.91 1.49
N GLU B 352 -23.16 45.72 2.33
CA GLU B 352 -22.44 46.31 3.46
C GLU B 352 -22.07 45.21 4.46
N ALA B 353 -23.05 44.40 4.82
CA ALA B 353 -22.78 43.28 5.70
C ALA B 353 -21.88 42.23 5.02
N LEU B 354 -22.06 42.00 3.72
CA LEU B 354 -21.33 40.92 3.06
C LEU B 354 -19.83 41.23 3.05
N GLN B 355 -19.48 42.48 2.73
CA GLN B 355 -18.07 42.86 2.71
C GLN B 355 -17.38 42.62 4.05
N GLU B 356 -18.04 42.98 5.15
CA GLU B 356 -17.47 42.75 6.46
C GLU B 356 -17.24 41.25 6.68
N LEU B 357 -18.22 40.43 6.32
CA LEU B 357 -18.08 38.98 6.54
C LEU B 357 -16.97 38.35 5.67
N VAL B 358 -16.82 38.83 4.44
CA VAL B 358 -15.74 38.37 3.58
C VAL B 358 -14.40 38.59 4.26
N GLN B 359 -14.23 39.76 4.88
CA GLN B 359 -12.98 40.12 5.56
C GLN B 359 -12.72 39.21 6.75
N ILE B 360 -13.77 38.95 7.52
CA ILE B 360 -13.67 38.10 8.70
C ILE B 360 -13.39 36.67 8.28
N ALA B 361 -14.04 36.24 7.19
CA ALA B 361 -13.93 34.85 6.73
C ALA B 361 -12.55 34.54 6.15
N VAL B 362 -11.98 35.49 5.41
CA VAL B 362 -10.61 35.33 4.96
C VAL B 362 -9.63 35.18 6.13
N ARG B 363 -9.74 36.05 7.12
CA ARG B 363 -8.86 35.99 8.29
C ARG B 363 -9.02 34.65 9.03
N PHE B 364 -10.27 34.22 9.19
CA PHE B 364 -10.59 32.96 9.83
C PHE B 364 -9.88 31.79 9.14
N LEU B 365 -10.07 31.66 7.81
CA LEU B 365 -9.45 30.58 7.04
C LEU B 365 -7.93 30.64 7.11
N ASP B 366 -7.39 31.85 7.10
CA ASP B 366 -5.94 32.03 7.16
C ASP B 366 -5.41 31.69 8.55
N ASN B 367 -6.20 31.95 9.60
CA ASN B 367 -5.85 31.54 10.95
C ASN B 367 -5.87 30.01 11.10
N VAL B 368 -6.76 29.36 10.37
CA VAL B 368 -6.85 27.90 10.42
C VAL B 368 -5.51 27.25 10.06
N ILE B 369 -4.86 27.76 9.02
CA ILE B 369 -3.52 27.29 8.69
C ILE B 369 -2.59 27.23 9.91
N ASP B 370 -2.60 28.29 10.73
CA ASP B 370 -1.70 28.37 11.88
C ASP B 370 -1.95 27.35 13.00
N VAL B 371 -3.19 26.85 13.11
CA VAL B 371 -3.49 25.88 14.17
C VAL B 371 -3.80 24.51 13.59
N ASN B 372 -3.60 24.37 12.28
CA ASN B 372 -3.73 23.08 11.61
C ASN B 372 -2.52 22.18 11.90
N VAL B 373 -2.75 20.89 12.10
CA VAL B 373 -1.65 19.94 12.22
C VAL B 373 -1.73 18.91 11.09
N PHE B 374 -0.69 18.86 10.26
CA PHE B 374 -0.68 17.92 9.14
C PHE B 374 0.06 16.61 9.46
N PRO B 375 -0.37 15.50 8.83
CA PRO B 375 0.22 14.16 9.06
C PRO B 375 1.56 13.93 8.34
N ILE B 376 1.92 14.81 7.42
CA ILE B 376 3.16 14.69 6.67
C ILE B 376 3.93 16.02 6.69
N ASP B 377 5.25 15.97 6.88
CA ASP B 377 6.09 17.16 6.88
C ASP B 377 6.02 17.99 5.60
N LYS B 378 5.98 17.31 4.46
CA LYS B 378 6.03 17.99 3.18
C LYS B 378 4.78 18.83 2.97
N ILE B 379 3.66 18.39 3.56
CA ILE B 379 2.40 19.12 3.47
C ILE B 379 2.49 20.40 4.27
N THR B 380 2.92 20.29 5.52
CA THR B 380 3.10 21.45 6.38
C THR B 380 3.90 22.53 5.64
N LYS B 381 4.96 22.11 4.96
CA LYS B 381 5.83 23.02 4.23
C LYS B 381 5.11 23.68 3.06
N ALA B 382 4.41 22.90 2.27
CA ALA B 382 3.77 23.45 1.07
C ALA B 382 2.61 24.38 1.46
N VAL B 383 1.91 24.09 2.55
CA VAL B 383 0.81 24.95 2.99
C VAL B 383 1.35 26.29 3.48
N LYS B 384 2.38 26.24 4.31
CA LYS B 384 2.98 27.44 4.87
C LYS B 384 3.61 28.33 3.79
N GLU B 385 4.08 27.70 2.72
CA GLU B 385 4.79 28.45 1.68
C GLU B 385 3.85 29.24 0.76
N SER B 386 2.63 28.75 0.56
CA SER B 386 1.67 29.45 -0.31
C SER B 386 0.42 30.01 0.40
N ARG B 387 0.06 29.43 1.56
CA ARG B 387 -1.14 29.83 2.29
C ARG B 387 -2.39 29.91 1.40
N ARG B 388 -2.60 28.90 0.55
CA ARG B 388 -3.77 28.87 -0.34
C ARG B 388 -5.09 28.70 0.44
N LEU B 389 -6.07 29.55 0.17
CA LEU B 389 -7.35 29.45 0.83
C LEU B 389 -8.47 29.11 -0.15
N GLY B 390 -9.59 28.62 0.38
CA GLY B 390 -10.73 28.32 -0.45
C GLY B 390 -12.05 28.87 0.10
N LEU B 391 -12.23 30.19 0.01
CA LEU B 391 -13.47 30.81 0.48
C LEU B 391 -14.56 30.66 -0.57
N GLY B 392 -15.71 30.12 -0.20
CA GLY B 392 -16.76 29.94 -1.17
C GLY B 392 -18.12 30.43 -0.70
N ILE B 393 -19.14 30.08 -1.46
CA ILE B 393 -20.50 30.40 -1.03
C ILE B 393 -21.40 29.15 -1.09
N MET B 394 -22.48 29.18 -0.31
CA MET B 394 -23.62 28.27 -0.47
C MET B 394 -24.89 29.12 -0.41
N GLY B 395 -26.03 28.48 -0.53
CA GLY B 395 -27.28 29.23 -0.44
C GLY B 395 -27.61 30.04 -1.70
N PHE B 396 -26.81 29.90 -2.74
CA PHE B 396 -27.03 30.70 -3.96
C PHE B 396 -28.39 30.49 -4.58
N ALA B 397 -28.82 29.24 -4.73
CA ALA B 397 -30.10 28.96 -5.36
C ALA B 397 -31.27 29.53 -4.56
N ASP B 398 -31.15 29.45 -3.23
CA ASP B 398 -32.15 29.99 -2.32
C ASP B 398 -32.15 31.53 -2.38
N LEU B 399 -30.97 32.14 -2.48
CA LEU B 399 -30.90 33.59 -2.70
C LEU B 399 -31.74 34.04 -3.92
N LEU B 400 -31.57 33.35 -5.05
CA LEU B 400 -32.34 33.65 -6.26
C LEU B 400 -33.84 33.42 -6.07
N TYR B 401 -34.21 32.40 -5.30
CA TYR B 401 -35.63 32.23 -4.97
C TYR B 401 -36.17 33.50 -4.28
N LYS B 402 -35.42 34.02 -3.32
CA LYS B 402 -35.85 35.21 -2.56
C LYS B 402 -35.93 36.45 -3.44
N LEU B 403 -34.94 36.59 -4.32
CA LEU B 403 -34.87 37.71 -5.26
C LEU B 403 -35.85 37.56 -6.40
N GLU B 404 -36.52 36.40 -6.49
CA GLU B 404 -37.47 36.10 -7.56
C GLU B 404 -36.81 36.05 -8.96
N ILE B 405 -35.62 35.47 -9.02
CA ILE B 405 -34.87 35.32 -10.28
C ILE B 405 -34.71 33.86 -10.71
N PRO B 406 -35.15 33.56 -11.95
CA PRO B 406 -35.01 32.21 -12.50
C PRO B 406 -33.55 31.84 -12.64
N TYR B 407 -33.16 30.68 -12.08
CA TYR B 407 -31.79 30.19 -12.16
C TYR B 407 -31.31 30.09 -13.61
N ASN B 408 -32.21 29.63 -14.49
CA ASN B 408 -31.89 29.50 -15.91
C ASN B 408 -32.26 30.77 -16.71
N SER B 409 -31.54 31.85 -16.44
CA SER B 409 -31.76 33.14 -17.10
C SER B 409 -30.44 33.90 -17.12
N GLN B 410 -30.27 34.76 -18.11
CA GLN B 410 -29.08 35.62 -18.19
C GLN B 410 -29.07 36.57 -17.00
N GLU B 411 -30.25 36.88 -16.47
CA GLU B 411 -30.37 37.74 -15.32
C GLU B 411 -29.64 37.10 -14.15
N ALA B 412 -29.87 35.80 -13.96
CA ALA B 412 -29.19 35.10 -12.86
C ALA B 412 -27.68 35.01 -13.04
N ARG B 413 -27.23 34.78 -14.28
CA ARG B 413 -25.81 34.62 -14.55
C ARG B 413 -25.08 35.96 -14.42
N ASP B 414 -25.75 37.04 -14.80
CA ASP B 414 -25.19 38.38 -14.62
C ASP B 414 -25.10 38.69 -13.12
N PHE B 415 -26.15 38.31 -12.39
CA PHE B 415 -26.18 38.52 -10.94
C PHE B 415 -25.06 37.74 -10.25
N ALA B 416 -24.88 36.50 -10.66
CA ALA B 416 -23.81 35.65 -10.12
C ALA B 416 -22.41 36.21 -10.33
N ALA B 417 -22.10 36.62 -11.55
CA ALA B 417 -20.78 37.17 -11.87
C ALA B 417 -20.46 38.41 -11.03
N ASN B 418 -21.47 39.26 -10.83
CA ASN B 418 -21.29 40.50 -10.10
C ASN B 418 -21.14 40.22 -8.60
N LEU B 419 -21.96 39.30 -8.10
CA LEU B 419 -21.85 38.84 -6.72
C LEU B 419 -20.45 38.29 -6.47
N MET B 420 -20.01 37.40 -7.36
CA MET B 420 -18.72 36.73 -7.21
C MET B 420 -17.54 37.70 -7.38
N ALA B 421 -17.66 38.63 -8.34
CA ALA B 421 -16.64 39.66 -8.51
C ALA B 421 -16.50 40.52 -7.23
N PHE B 422 -17.63 40.81 -6.58
CA PHE B 422 -17.61 41.59 -5.33
C PHE B 422 -16.88 40.84 -4.21
N ILE B 423 -17.21 39.57 -4.02
CA ILE B 423 -16.50 38.75 -3.04
C ILE B 423 -15.00 38.63 -3.34
N ALA B 424 -14.65 38.46 -4.61
CA ALA B 424 -13.24 38.29 -4.99
C ALA B 424 -12.48 39.56 -4.69
N LEU B 425 -13.10 40.68 -5.01
CA LEU B 425 -12.49 41.98 -4.77
C LEU B 425 -12.15 42.11 -3.29
N HIS B 426 -13.15 41.90 -2.43
CA HIS B 426 -12.93 42.11 -0.99
C HIS B 426 -12.07 41.04 -0.33
N ALA B 427 -12.10 39.81 -0.84
CA ALA B 427 -11.22 38.76 -0.30
C ALA B 427 -9.76 39.08 -0.60
N HIS B 428 -9.48 39.44 -1.84
CA HIS B 428 -8.13 39.83 -2.23
C HIS B 428 -7.63 41.12 -1.57
N ARG B 429 -8.54 42.05 -1.28
CA ARG B 429 -8.16 43.25 -0.53
C ARG B 429 -7.78 42.85 0.91
N THR B 430 -8.57 41.95 1.50
CA THR B 430 -8.22 41.41 2.81
C THR B 430 -6.87 40.72 2.80
N SER B 431 -6.55 40.03 1.72
CA SER B 431 -5.28 39.30 1.66
C SER B 431 -4.11 40.29 1.69
N TYR B 432 -4.29 41.39 0.96
CA TYR B 432 -3.34 42.51 0.97
C TYR B 432 -3.13 43.02 2.40
N GLU B 433 -4.24 43.37 3.04
CA GLU B 433 -4.22 43.85 4.41
C GLU B 433 -3.52 42.86 5.37
N LEU B 434 -3.93 41.60 5.32
CA LEU B 434 -3.32 40.60 6.20
C LEU B 434 -1.83 40.42 5.93
N GLY B 435 -1.42 40.62 4.68
CA GLY B 435 -0.02 40.50 4.32
C GLY B 435 0.79 41.66 4.90
N LYS B 436 0.18 42.85 4.92
CA LYS B 436 0.80 44.00 5.54
C LYS B 436 0.90 43.75 7.06
N GLU B 437 -0.18 43.20 7.62
CA GLU B 437 -0.26 42.97 9.06
C GLU B 437 0.63 41.84 9.58
N LYS B 438 0.64 40.71 8.89
CA LYS B 438 1.20 39.48 9.45
C LYS B 438 2.37 38.90 8.68
N GLY B 439 2.56 39.35 7.44
CA GLY B 439 3.66 38.86 6.63
C GLY B 439 3.16 38.26 5.33
N ASN B 440 3.92 38.46 4.26
CA ASN B 440 3.55 37.94 2.96
C ASN B 440 3.79 36.43 2.88
N PHE B 441 3.04 35.73 2.04
CA PHE B 441 3.36 34.32 1.82
C PHE B 441 4.77 34.24 1.20
N PRO B 442 5.61 33.37 1.77
CA PRO B 442 7.03 33.27 1.46
C PRO B 442 7.35 33.21 -0.02
N LEU B 443 6.47 32.62 -0.83
CA LEU B 443 6.69 32.57 -2.27
C LEU B 443 6.18 33.79 -3.06
N LEU B 444 5.59 34.77 -2.38
CA LEU B 444 5.12 35.97 -3.08
C LEU B 444 6.17 36.52 -4.04
N GLU B 445 7.40 36.63 -3.56
CA GLU B 445 8.48 37.24 -4.32
C GLU B 445 8.79 36.57 -5.66
N ILE B 446 8.42 35.30 -5.80
CA ILE B 446 8.68 34.59 -7.05
C ILE B 446 7.41 34.38 -7.90
N SER B 447 6.27 34.85 -7.40
CA SER B 447 5.01 34.63 -8.10
C SER B 447 4.73 35.73 -9.12
N ARG B 448 3.74 35.48 -9.96
CA ARG B 448 3.36 36.39 -11.02
C ARG B 448 2.69 37.66 -10.50
N TYR B 449 2.34 37.68 -9.22
CA TYR B 449 1.86 38.93 -8.62
C TYR B 449 3.00 39.93 -8.57
N ARG B 450 4.23 39.42 -8.57
CA ARG B 450 5.41 40.28 -8.47
C ARG B 450 6.24 40.38 -9.75
N THR B 451 6.36 39.27 -10.48
CA THR B 451 7.25 39.21 -11.63
C THR B 451 6.59 39.60 -12.95
N GLU B 452 5.29 39.89 -12.90
CA GLU B 452 4.54 40.08 -14.13
C GLU B 452 3.63 41.30 -14.03
N ASP B 453 3.34 41.88 -15.19
CA ASP B 453 2.46 43.04 -15.26
C ASP B 453 1.02 42.64 -15.54
N ASN B 454 0.10 43.16 -14.73
CA ASN B 454 -1.32 42.96 -14.95
C ASN B 454 -1.75 41.48 -14.87
N PHE B 455 -1.10 40.74 -13.99
CA PHE B 455 -1.56 39.38 -13.71
C PHE B 455 -2.87 39.42 -12.94
N VAL B 456 -3.84 38.65 -13.41
CA VAL B 456 -5.09 38.45 -12.68
C VAL B 456 -5.41 36.96 -12.72
N PRO B 457 -5.69 36.35 -11.55
CA PRO B 457 -5.82 34.88 -11.43
C PRO B 457 -7.18 34.32 -11.84
N PHE B 458 -7.91 35.03 -12.70
CA PHE B 458 -9.16 34.54 -13.28
C PHE B 458 -9.55 35.41 -14.48
N ALA B 459 -10.54 34.97 -15.24
CA ALA B 459 -10.80 35.56 -16.56
C ALA B 459 -11.51 36.91 -16.48
N MET B 460 -12.40 37.06 -15.51
CA MET B 460 -13.20 38.30 -15.41
C MET B 460 -14.06 38.48 -16.66
N GLY B 461 -14.33 39.74 -17.01
CA GLY B 461 -14.97 40.03 -18.28
C GLY B 461 -16.49 40.00 -18.21
N MET B 462 -17.02 39.93 -17.00
CA MET B 462 -18.48 39.89 -16.85
C MET B 462 -18.99 40.67 -15.63
N SER B 463 -18.39 41.83 -15.34
CA SER B 463 -18.76 42.61 -14.17
C SER B 463 -18.27 44.05 -14.24
N ASN B 464 -18.91 44.92 -13.47
CA ASN B 464 -18.48 46.31 -13.39
C ASN B 464 -17.37 46.49 -12.38
N TYR B 465 -16.96 45.38 -11.75
CA TYR B 465 -15.89 45.44 -10.75
C TYR B 465 -14.50 45.22 -11.33
N ASP B 466 -14.41 44.93 -12.64
CA ASP B 466 -13.13 44.51 -13.21
C ASP B 466 -12.00 45.52 -12.95
N ASP B 467 -12.23 46.79 -13.21
CA ASP B 467 -11.16 47.78 -13.03
C ASP B 467 -10.70 47.83 -11.57
N GLU B 468 -11.64 47.74 -10.65
CA GLU B 468 -11.28 47.75 -9.23
C GLU B 468 -10.48 46.50 -8.85
N ILE B 469 -10.84 45.37 -9.45
CA ILE B 469 -10.10 44.14 -9.21
C ILE B 469 -8.67 44.25 -9.74
N ARG B 470 -8.52 44.78 -10.94
CA ARG B 470 -7.19 44.99 -11.50
C ARG B 470 -6.34 45.86 -10.58
N GLU B 471 -6.93 46.93 -10.06
CA GLU B 471 -6.21 47.80 -9.14
C GLU B 471 -5.74 47.05 -7.88
N VAL B 472 -6.61 46.29 -7.24
CA VAL B 472 -6.17 45.53 -6.06
C VAL B 472 -5.09 44.49 -6.41
N MET B 473 -5.22 43.81 -7.55
CA MET B 473 -4.21 42.82 -7.90
C MET B 473 -2.84 43.51 -8.02
N LYS B 474 -2.82 44.74 -8.52
CA LYS B 474 -1.57 45.49 -8.64
C LYS B 474 -1.00 45.76 -7.26
N MET B 475 -1.89 46.11 -6.32
CA MET B 475 -1.48 46.38 -4.94
CA MET B 475 -1.45 46.39 -4.96
C MET B 475 -0.81 45.18 -4.29
N THR B 476 -1.32 43.98 -4.60
CA THR B 476 -0.81 42.75 -4.00
C THR B 476 0.57 42.34 -4.50
N LYS B 477 1.12 43.11 -5.44
CA LYS B 477 2.52 42.95 -5.79
C LYS B 477 3.39 43.21 -4.55
N GLU B 478 2.95 44.14 -3.71
CA GLU B 478 3.71 44.52 -2.51
C GLU B 478 3.33 43.73 -1.26
N PHE B 479 2.04 43.62 -0.99
CA PHE B 479 1.56 42.82 0.15
C PHE B 479 0.51 41.81 -0.26
N ARG B 480 0.67 40.57 0.21
CA ARG B 480 -0.29 39.50 -0.06
C ARG B 480 -0.04 38.32 0.87
N ARG B 481 -1.09 37.89 1.56
CA ARG B 481 -0.98 36.85 2.57
C ARG B 481 -1.13 35.47 1.92
N ASN B 482 -1.86 35.41 0.81
CA ASN B 482 -2.31 34.14 0.29
C ASN B 482 -2.13 34.03 -1.21
N VAL B 483 -1.78 32.85 -1.71
CA VAL B 483 -1.54 32.70 -3.15
C VAL B 483 -2.85 32.74 -3.95
N ALA B 484 -3.95 32.36 -3.32
CA ALA B 484 -5.27 32.33 -3.95
C ALA B 484 -6.31 32.21 -2.83
N LEU B 485 -7.57 32.57 -3.07
CA LEU B 485 -8.48 32.71 -1.94
C LEU B 485 -9.85 32.11 -2.09
N LEU B 486 -10.24 31.85 -3.32
CA LEU B 486 -11.64 31.52 -3.58
C LEU B 486 -11.83 30.16 -4.25
N THR B 487 -12.95 29.54 -3.91
CA THR B 487 -13.40 28.33 -4.57
C THR B 487 -14.90 28.26 -4.39
N ILE B 488 -15.55 27.34 -5.08
CA ILE B 488 -16.92 26.98 -4.75
C ILE B 488 -17.02 25.47 -4.61
N ALA B 489 -17.31 25.05 -3.39
CA ALA B 489 -17.21 23.64 -3.00
C ALA B 489 -18.61 23.05 -3.10
N PRO B 490 -18.71 21.72 -3.03
CA PRO B 490 -20.03 21.08 -2.98
C PRO B 490 -20.84 21.53 -1.75
N THR B 491 -20.14 21.73 -0.62
CA THR B 491 -20.79 22.03 0.69
C THR B 491 -21.91 21.05 1.05
N GLY B 492 -21.71 19.77 0.72
CA GLY B 492 -22.72 18.76 0.99
C GLY B 492 -23.20 18.71 2.43
N SER B 493 -22.27 18.64 3.37
CA SER B 493 -22.69 18.58 4.78
C SER B 493 -22.95 19.95 5.40
N ILE B 494 -22.06 20.91 5.14
CA ILE B 494 -22.18 22.21 5.82
C ILE B 494 -23.38 23.04 5.35
N SER B 495 -23.83 22.85 4.09
CA SER B 495 -25.05 23.53 3.66
C SER B 495 -26.26 22.94 4.40
N ASN B 496 -26.19 21.65 4.74
CA ASN B 496 -27.25 21.05 5.56
C ASN B 496 -27.27 21.60 7.01
N ILE B 497 -26.10 21.75 7.61
CA ILE B 497 -26.00 22.39 8.92
C ILE B 497 -26.57 23.81 8.89
N ALA B 498 -26.30 24.53 7.80
CA ALA B 498 -26.73 25.92 7.62
C ALA B 498 -28.18 26.08 7.15
N ASP B 499 -28.85 24.95 6.90
CA ASP B 499 -30.22 24.96 6.39
C ASP B 499 -30.39 25.79 5.11
N THR B 500 -29.56 25.53 4.10
CA THR B 500 -29.59 26.35 2.90
C THR B 500 -29.23 25.50 1.69
N SER B 501 -29.36 26.05 0.50
CA SER B 501 -29.01 25.30 -0.71
C SER B 501 -27.49 25.11 -0.86
N SER B 502 -27.08 24.09 -1.60
CA SER B 502 -25.64 23.77 -1.55
C SER B 502 -24.82 24.46 -2.64
N GLY B 503 -23.69 25.03 -2.24
CA GLY B 503 -22.83 25.72 -3.18
C GLY B 503 -23.52 26.66 -4.14
N LEU B 504 -23.09 26.63 -5.41
CA LEU B 504 -23.73 27.39 -6.47
C LEU B 504 -24.84 26.62 -7.16
N GLU B 505 -25.13 25.41 -6.69
CA GLU B 505 -26.05 24.52 -7.40
C GLU B 505 -27.50 24.96 -7.23
N PRO B 506 -28.32 24.73 -8.26
CA PRO B 506 -29.75 24.90 -8.01
C PRO B 506 -30.22 23.82 -7.05
N ASN B 507 -31.33 24.05 -6.37
CA ASN B 507 -31.94 22.99 -5.58
C ASN B 507 -32.24 21.78 -6.45
N PHE B 508 -31.88 20.58 -5.97
CA PHE B 508 -32.17 19.40 -6.77
C PHE B 508 -33.67 19.07 -6.73
N LEU B 509 -34.26 19.19 -5.55
CA LEU B 509 -35.70 18.99 -5.37
C LEU B 509 -36.28 20.02 -4.40
N LEU B 510 -37.55 20.36 -4.58
CA LEU B 510 -38.21 21.32 -3.68
C LEU B 510 -38.81 20.63 -2.46
N ALA B 511 -39.17 19.36 -2.63
CA ALA B 511 -39.74 18.56 -1.56
C ALA B 511 -39.29 17.11 -1.75
N TYR B 512 -38.87 16.48 -0.67
CA TYR B 512 -38.38 15.09 -0.69
C TYR B 512 -38.26 14.54 0.72
N THR B 513 -38.25 13.22 0.85
CA THR B 513 -38.08 12.57 2.14
C THR B 513 -36.71 11.90 2.21
N ARG B 514 -35.97 12.13 3.29
CA ARG B 514 -34.65 11.53 3.45
C ARG B 514 -34.54 10.67 4.72
N PHE B 515 -33.64 9.69 4.70
CA PHE B 515 -33.54 8.71 5.78
C PHE B 515 -32.22 8.81 6.55
N PRO B 525 -36.40 9.72 8.71
CA PRO B 525 -37.33 9.77 7.57
C PRO B 525 -38.29 10.96 7.65
N LEU B 526 -37.74 12.17 7.52
CA LEU B 526 -38.54 13.39 7.54
C LEU B 526 -38.51 14.06 6.16
N LEU B 527 -39.58 14.78 5.83
CA LEU B 527 -39.66 15.42 4.54
C LEU B 527 -39.15 16.86 4.59
N TYR B 528 -38.31 17.22 3.63
CA TYR B 528 -37.95 18.61 3.43
C TYR B 528 -39.00 19.23 2.54
N VAL B 529 -39.29 20.49 2.79
CA VAL B 529 -39.93 21.35 1.81
C VAL B 529 -39.11 22.62 1.82
N ASN B 530 -38.66 23.05 0.65
CA ASN B 530 -37.90 24.29 0.58
C ASN B 530 -38.54 25.44 1.37
N GLN B 531 -37.75 26.09 2.21
CA GLN B 531 -38.28 27.11 3.11
C GLN B 531 -38.79 28.34 2.38
N VAL B 532 -38.09 28.75 1.33
CA VAL B 532 -38.50 29.92 0.56
C VAL B 532 -39.79 29.66 -0.20
N LEU B 533 -39.98 28.43 -0.66
CA LEU B 533 -41.22 28.07 -1.33
C LEU B 533 -42.37 28.21 -0.34
N ARG B 534 -42.15 27.80 0.90
CA ARG B 534 -43.17 27.89 1.94
C ARG B 534 -43.63 29.33 2.18
N GLU B 535 -42.71 30.28 2.01
CA GLU B 535 -42.98 31.68 2.30
C GLU B 535 -43.57 32.47 1.13
N LYS B 536 -43.53 31.91 -0.07
CA LYS B 536 -43.97 32.65 -1.26
C LYS B 536 -45.16 32.02 -1.97
N LEU B 537 -45.42 30.76 -1.68
CA LEU B 537 -46.55 30.06 -2.28
C LEU B 537 -47.70 30.01 -1.28
N ASN B 538 -48.90 30.34 -1.75
CA ASN B 538 -50.09 30.31 -0.90
C ASN B 538 -50.21 28.98 -0.16
N PRO B 539 -50.26 29.04 1.19
CA PRO B 539 -50.32 27.84 2.04
C PRO B 539 -51.45 26.89 1.64
N GLU B 540 -52.47 27.41 0.98
CA GLU B 540 -53.57 26.58 0.51
C GLU B 540 -53.11 25.72 -0.66
N ILE B 541 -52.53 26.38 -1.67
CA ILE B 541 -52.04 25.71 -2.87
C ILE B 541 -50.98 24.65 -2.53
N LEU B 542 -50.09 25.00 -1.59
CA LEU B 542 -49.04 24.09 -1.17
C LEU B 542 -49.60 22.76 -0.68
N LYS B 543 -50.36 22.81 0.41
CA LYS B 543 -51.00 21.62 0.95
C LYS B 543 -51.67 20.81 -0.15
N ARG B 544 -52.18 21.52 -1.16
CA ARG B 544 -52.83 20.89 -2.30
C ARG B 544 -51.83 20.12 -3.16
N ILE B 545 -50.78 20.80 -3.60
CA ILE B 545 -49.86 20.23 -4.58
C ILE B 545 -48.67 19.48 -3.98
N GLU B 546 -48.55 19.49 -2.65
CA GLU B 546 -47.41 18.83 -2.02
C GLU B 546 -47.26 17.40 -2.51
N LYS B 547 -48.39 16.70 -2.63
CA LYS B 547 -48.41 15.31 -3.09
C LYS B 547 -47.75 15.18 -4.46
N GLU B 548 -48.32 15.86 -5.46
CA GLU B 548 -47.78 15.86 -6.82
C GLU B 548 -46.32 16.28 -6.87
N LEU B 549 -46.00 17.41 -6.23
CA LEU B 549 -44.65 17.95 -6.23
C LEU B 549 -43.60 16.91 -5.84
N ILE B 550 -43.87 16.13 -4.79
CA ILE B 550 -42.94 15.12 -4.32
C ILE B 550 -42.78 13.97 -5.32
N GLU B 551 -43.88 13.62 -5.99
CA GLU B 551 -43.86 12.51 -6.94
C GLU B 551 -43.22 12.92 -8.28
N LYS B 552 -43.53 14.12 -8.74
CA LYS B 552 -43.07 14.59 -10.03
C LYS B 552 -41.67 15.22 -9.99
N GLY B 553 -41.27 15.71 -8.82
CA GLY B 553 -39.95 16.29 -8.63
C GLY B 553 -39.78 17.68 -9.25
N SER B 554 -40.89 18.30 -9.62
CA SER B 554 -40.87 19.63 -10.23
C SER B 554 -42.23 20.30 -10.10
N LEU B 555 -42.26 21.63 -10.20
CA LEU B 555 -43.52 22.38 -10.28
C LEU B 555 -43.99 22.48 -11.72
N LYS B 556 -43.08 22.19 -12.64
CA LYS B 556 -43.29 22.40 -14.08
C LYS B 556 -44.71 22.08 -14.56
N ASP B 557 -45.14 20.84 -14.37
CA ASP B 557 -46.41 20.39 -14.90
C ASP B 557 -47.45 20.15 -13.80
N ILE B 558 -47.71 21.19 -13.00
CA ILE B 558 -48.77 21.12 -12.00
C ILE B 558 -49.75 22.26 -12.24
N PRO B 559 -51.04 21.93 -12.40
CA PRO B 559 -52.07 22.95 -12.62
C PRO B 559 -52.41 23.64 -11.31
N ASP B 560 -52.84 24.89 -11.40
CA ASP B 560 -53.20 25.67 -10.23
C ASP B 560 -51.97 26.09 -9.44
N VAL B 561 -50.85 26.20 -10.15
CA VAL B 561 -49.62 26.79 -9.59
C VAL B 561 -49.22 27.97 -10.48
N PRO B 562 -49.19 29.18 -9.90
CA PRO B 562 -48.94 30.43 -10.63
C PRO B 562 -47.71 30.36 -11.51
N GLU B 563 -47.84 30.77 -12.76
CA GLU B 563 -46.72 30.75 -13.69
C GLU B 563 -45.49 31.47 -13.12
N LYS B 564 -45.74 32.45 -12.26
CA LYS B 564 -44.67 33.25 -11.68
C LYS B 564 -43.78 32.41 -10.77
N ILE B 565 -44.37 31.51 -9.98
CA ILE B 565 -43.57 30.72 -9.06
C ILE B 565 -42.93 29.53 -9.78
N LYS B 566 -43.62 29.00 -10.79
CA LYS B 566 -43.04 27.96 -11.64
C LYS B 566 -41.71 28.41 -12.22
N LYS B 567 -41.61 29.70 -12.54
CA LYS B 567 -40.46 30.25 -13.23
C LYS B 567 -39.31 30.49 -12.31
N VAL B 568 -39.62 30.96 -11.11
CA VAL B 568 -38.60 31.23 -10.12
C VAL B 568 -38.12 29.93 -9.51
N PHE B 569 -39.05 29.06 -9.13
CA PHE B 569 -38.72 27.87 -8.35
C PHE B 569 -38.41 26.66 -9.21
N VAL B 570 -37.39 26.81 -10.06
CA VAL B 570 -36.89 25.71 -10.87
C VAL B 570 -35.90 24.84 -10.08
N VAL B 571 -35.91 23.55 -10.40
CA VAL B 571 -34.97 22.59 -9.81
C VAL B 571 -33.98 22.15 -10.88
N ALA B 572 -32.97 21.40 -10.49
CA ALA B 572 -31.85 21.07 -11.38
C ALA B 572 -32.31 20.61 -12.76
N LEU B 573 -33.23 19.64 -12.80
CA LEU B 573 -33.62 19.05 -14.07
C LEU B 573 -34.61 19.89 -14.87
N ASP B 574 -35.04 21.02 -14.31
CA ASP B 574 -35.85 21.99 -15.07
C ASP B 574 -34.90 22.86 -15.92
N ILE B 575 -33.63 22.83 -15.58
CA ILE B 575 -32.65 23.76 -16.12
C ILE B 575 -31.82 22.96 -17.11
N ASP B 576 -31.76 23.41 -18.35
CA ASP B 576 -31.08 22.61 -19.37
C ASP B 576 -29.56 22.71 -19.21
N PRO B 577 -28.82 21.76 -19.82
CA PRO B 577 -27.39 21.64 -19.53
C PRO B 577 -26.58 22.89 -19.82
N MET B 578 -26.89 23.59 -20.91
CA MET B 578 -26.14 24.79 -21.25
CA MET B 578 -26.17 24.82 -21.26
C MET B 578 -26.33 25.90 -20.20
N ASP B 579 -27.52 25.98 -19.60
CA ASP B 579 -27.73 26.97 -18.54
C ASP B 579 -26.96 26.58 -17.28
N HIS B 580 -26.81 25.27 -17.03
CA HIS B 580 -25.93 24.82 -15.94
C HIS B 580 -24.49 25.26 -16.22
N LEU B 581 -24.03 25.00 -17.45
CA LEU B 581 -22.64 25.28 -17.83
C LEU B 581 -22.33 26.78 -17.84
N LEU B 582 -23.24 27.59 -18.36
CA LEU B 582 -23.04 29.03 -18.44
C LEU B 582 -23.05 29.67 -17.02
N MET B 583 -23.87 29.12 -16.13
CA MET B 583 -23.77 29.54 -14.71
C MET B 583 -22.37 29.25 -14.14
N GLN B 584 -21.85 28.06 -14.42
CA GLN B 584 -20.52 27.71 -13.96
C GLN B 584 -19.47 28.69 -14.51
N ASP B 585 -19.58 29.03 -15.80
CA ASP B 585 -18.67 29.99 -16.41
C ASP B 585 -18.75 31.38 -15.75
N ALA B 586 -19.98 31.84 -15.49
CA ALA B 586 -20.18 33.15 -14.85
C ALA B 586 -19.43 33.21 -13.53
N PHE B 587 -19.55 32.17 -12.71
CA PHE B 587 -18.80 32.13 -11.45
C PHE B 587 -17.29 31.98 -11.69
N GLN B 588 -16.89 31.11 -12.62
CA GLN B 588 -15.46 30.80 -12.74
C GLN B 588 -14.62 32.02 -13.14
N ARG B 589 -15.26 32.98 -13.81
CA ARG B 589 -14.59 34.21 -14.22
C ARG B 589 -14.05 35.00 -13.04
N TYR B 590 -14.62 34.74 -11.86
CA TYR B 590 -14.19 35.46 -10.66
C TYR B 590 -13.78 34.55 -9.50
N VAL B 591 -13.34 33.34 -9.83
CA VAL B 591 -12.80 32.42 -8.83
C VAL B 591 -11.35 32.04 -9.19
N ASP B 592 -10.42 32.17 -8.24
CA ASP B 592 -9.01 31.89 -8.53
C ASP B 592 -8.59 30.40 -8.43
N ASN B 593 -9.32 29.62 -7.65
CA ASN B 593 -9.20 28.17 -7.78
C ASN B 593 -10.25 27.67 -8.75
N ASN B 594 -10.94 26.58 -8.43
CA ASN B 594 -11.93 26.04 -9.35
C ASN B 594 -13.29 25.97 -8.71
N ILE B 595 -14.15 25.18 -9.35
CA ILE B 595 -15.55 25.10 -8.97
C ILE B 595 -16.14 23.70 -9.08
N SER B 596 -16.86 23.25 -8.05
CA SER B 596 -17.57 21.99 -8.15
C SER B 596 -18.99 22.24 -8.65
N LYS B 597 -19.35 21.60 -9.76
CA LYS B 597 -20.62 21.85 -10.47
C LYS B 597 -21.02 20.59 -11.23
N THR B 598 -22.24 20.10 -11.02
CA THR B 598 -22.70 18.97 -11.80
C THR B 598 -23.52 19.47 -12.98
N ILE B 599 -23.14 19.11 -14.20
CA ILE B 599 -23.99 19.44 -15.33
C ILE B 599 -25.06 18.36 -15.45
N ASN B 600 -26.24 18.64 -14.89
CA ASN B 600 -27.40 17.75 -15.02
C ASN B 600 -27.96 17.67 -16.43
N MET B 601 -28.19 16.45 -16.90
CA MET B 601 -28.76 16.21 -18.23
C MET B 601 -29.99 15.34 -18.13
N PRO B 602 -31.00 15.59 -18.98
CA PRO B 602 -32.21 14.77 -18.95
C PRO B 602 -31.94 13.32 -19.38
N GLN B 603 -32.83 12.39 -19.00
CA GLN B 603 -32.64 11.00 -19.38
C GLN B 603 -32.52 10.82 -20.89
N SER B 604 -33.29 11.58 -21.65
CA SER B 604 -33.32 11.50 -23.10
C SER B 604 -32.04 11.98 -23.78
N ALA B 605 -31.13 12.56 -23.01
CA ALA B 605 -29.87 13.07 -23.56
C ALA B 605 -29.06 12.00 -24.31
N THR B 606 -28.44 12.41 -25.42
CA THR B 606 -27.62 11.51 -26.22
C THR B 606 -26.14 11.72 -25.92
N VAL B 607 -25.32 10.80 -26.40
CA VAL B 607 -23.88 10.93 -26.34
C VAL B 607 -23.42 12.20 -27.08
N ASP B 608 -24.07 12.48 -28.21
CA ASP B 608 -23.83 13.74 -28.94
C ASP B 608 -24.14 14.97 -28.10
N ASP B 609 -25.21 14.91 -27.30
CA ASP B 609 -25.50 15.99 -26.36
C ASP B 609 -24.36 16.19 -25.37
N VAL B 610 -23.81 15.09 -24.85
CA VAL B 610 -22.67 15.16 -23.94
C VAL B 610 -21.45 15.78 -24.64
N LEU B 611 -21.19 15.35 -25.88
CA LEU B 611 -20.11 15.93 -26.66
C LEU B 611 -20.25 17.44 -26.82
N ASN B 612 -21.48 17.89 -27.11
CA ASN B 612 -21.71 19.33 -27.26
C ASN B 612 -21.43 20.10 -25.99
N VAL B 613 -21.75 19.50 -24.83
CA VAL B 613 -21.42 20.15 -23.57
C VAL B 613 -19.91 20.28 -23.47
N TYR B 614 -19.19 19.22 -23.81
CA TYR B 614 -17.73 19.28 -23.75
C TYR B 614 -17.18 20.40 -24.63
N LEU B 615 -17.69 20.49 -25.86
CA LEU B 615 -17.22 21.50 -26.81
C LEU B 615 -17.51 22.93 -26.34
N GLU B 616 -18.70 23.13 -25.79
CA GLU B 616 -19.06 24.42 -25.21
C GLU B 616 -18.16 24.72 -24.01
N ALA B 617 -17.92 23.70 -23.19
CA ALA B 617 -17.04 23.86 -22.04
C ALA B 617 -15.66 24.36 -22.46
N LEU B 618 -15.15 23.81 -23.55
CA LEU B 618 -13.83 24.19 -24.04
C LEU B 618 -13.74 25.66 -24.45
N ARG B 619 -14.85 26.24 -24.91
CA ARG B 619 -14.88 27.66 -25.30
C ARG B 619 -15.12 28.57 -24.11
N THR B 620 -15.78 28.06 -23.06
CA THR B 620 -16.05 28.93 -21.92
C THR B 620 -14.82 29.03 -21.04
N ASN B 621 -14.99 29.57 -19.84
CA ASN B 621 -13.88 29.76 -18.93
C ASN B 621 -13.80 28.71 -17.82
N VAL B 622 -14.57 27.64 -17.94
CA VAL B 622 -14.58 26.63 -16.86
C VAL B 622 -13.23 25.90 -16.80
N ARG B 623 -12.89 25.40 -15.62
CA ARG B 623 -11.60 24.74 -15.46
C ARG B 623 -11.78 23.22 -15.36
N GLY B 624 -13.03 22.77 -15.45
CA GLY B 624 -13.34 21.35 -15.40
C GLY B 624 -14.82 21.11 -15.65
N ILE B 625 -15.19 19.85 -15.85
CA ILE B 625 -16.57 19.47 -16.16
C ILE B 625 -16.90 18.11 -15.54
N THR B 626 -18.05 18.05 -14.87
CA THR B 626 -18.66 16.81 -14.45
C THR B 626 -20.06 16.84 -15.03
N VAL B 627 -20.48 15.76 -15.69
CA VAL B 627 -21.87 15.66 -16.15
C VAL B 627 -22.54 14.47 -15.47
N TYR B 628 -23.86 14.53 -15.33
CA TYR B 628 -24.58 13.36 -14.88
C TYR B 628 -25.91 13.28 -15.59
N ARG B 629 -26.14 12.17 -16.28
CA ARG B 629 -27.38 11.98 -16.99
C ARG B 629 -28.40 11.32 -16.06
N ASP B 630 -29.54 11.98 -15.88
CA ASP B 630 -30.62 11.47 -15.04
C ASP B 630 -30.96 10.02 -15.44
N GLY B 631 -30.86 9.11 -14.48
CA GLY B 631 -31.24 7.72 -14.69
C GLY B 631 -30.12 6.83 -15.21
N SER B 632 -28.96 7.43 -15.45
CA SER B 632 -27.87 6.69 -16.06
C SER B 632 -27.40 5.58 -15.13
N LEU B 633 -27.14 5.92 -13.88
CA LEU B 633 -26.80 4.91 -12.89
C LEU B 633 -28.07 4.18 -12.43
PA TTP C . -3.63 3.32 14.65
O1A TTP C . -2.35 3.13 15.41
O2A TTP C . -3.24 3.98 13.34
O3A TTP C . -4.82 4.06 15.46
PB TTP C . -4.66 5.21 16.59
O1B TTP C . -5.23 6.51 16.05
O2B TTP C . -3.24 5.47 17.06
O3B TTP C . -5.63 4.66 17.73
PG TTP C . -5.04 3.78 18.94
O1G TTP C . -6.29 3.06 19.42
O2G TTP C . -4.00 2.85 18.39
O3G TTP C . -4.36 4.58 20.01
O5' TTP C . -4.40 1.93 14.38
C5' TTP C . -4.31 0.85 15.30
C4' TTP C . -4.94 -0.42 14.75
O4' TTP C . -6.27 -0.16 14.28
C3' TTP C . -4.16 -1.00 13.57
O3' TTP C . -4.32 -2.44 13.54
C2' TTP C . -4.85 -0.39 12.38
C1' TTP C . -6.30 -0.37 12.84
N1 TTP C . -7.07 0.69 12.14
C2 TTP C . -8.17 0.32 11.32
O2 TTP C . -8.44 -0.88 11.20
N3 TTP C . -8.90 1.25 10.68
C4 TTP C . -8.61 2.55 10.81
O4 TTP C . -9.29 3.40 10.21
C5 TTP C . -7.48 2.97 11.66
C5M TTP C . -7.14 4.42 11.81
C6 TTP C . -6.74 1.99 12.32
MG MG D . -1.94 3.70 17.57
PB GDP E . 15.52 -22.06 -5.71
PB GDP E . 13.89 -22.92 -2.25
O1B GDP E . 14.43 -21.31 -6.43
O1B GDP E . 13.45 -22.13 -1.03
O2B GDP E . 16.83 -21.32 -5.90
O2B GDP E . 12.79 -23.90 -2.64
O3B GDP E . 15.62 -23.46 -6.28
O3B GDP E . 15.17 -23.66 -1.91
O3A GDP E . 15.30 -22.07 -4.11
O3A GDP E . 14.11 -21.92 -3.47
PA GDP E . 14.09 -22.76 -3.29
PA GDP E . 15.27 -22.13 -4.55
O1A GDP E . 14.63 -23.73 -2.26
O1A GDP E . 15.53 -23.61 -4.75
O2A GDP E . 13.05 -23.39 -4.18
O2A GDP E . 16.55 -21.40 -4.19
O5' GDP E . 13.48 -21.47 -2.52
O5' GDP E . 14.57 -21.44 -5.83
C5' GDP E . 13.12 -21.52 -1.14
C5' GDP E . 13.79 -20.27 -5.63
C4' GDP E . 12.97 -20.11 -0.58
C4' GDP E . 13.53 -19.56 -6.96
O4' GDP E . 13.34 -19.14 -1.58
O4' GDP E . 12.46 -20.17 -7.67
C3' GDP E . 11.55 -19.79 -0.17
C3' GDP E . 13.15 -18.10 -6.78
O3' GDP E . 11.34 -20.02 1.22
O3' GDP E . 14.32 -17.27 -6.77
C2' GDP E . 11.37 -18.33 -0.52
C2' GDP E . 12.28 -17.82 -7.99
O2' GDP E . 11.76 -17.53 0.58
O2' GDP E . 13.05 -17.26 -9.06
C1' GDP E . 12.35 -18.10 -1.66
C1' GDP E . 11.73 -19.17 -8.41
N9 GDP E . 11.64 -18.23 -2.95
N9 GDP E . 10.32 -19.22 -8.01
C8 GDP E . 11.54 -19.38 -3.65
C8 GDP E . 9.88 -19.13 -6.73
N7 GDP E . 10.84 -19.20 -4.79
N7 GDP E . 8.52 -19.20 -6.66
C5 GDP E . 10.46 -17.90 -4.83
C5 GDP E . 8.07 -19.33 -7.93
C6 GDP E . 9.68 -17.06 -5.76
C6 GDP E . 6.76 -19.46 -8.57
O6 GDP E . 9.21 -17.55 -6.81
O6 GDP E . 5.72 -19.46 -7.89
N1 GDP E . 9.50 -15.77 -5.45
N1 GDP E . 6.71 -19.57 -9.91
C2 GDP E . 10.00 -15.23 -4.33
C2 GDP E . 7.82 -19.58 -10.67
N2 GDP E . 9.77 -13.91 -4.10
N2 GDP E . 7.70 -19.69 -12.01
N3 GDP E . 10.73 -15.94 -3.42
N3 GDP E . 9.08 -19.46 -10.15
C4 GDP E . 10.99 -17.26 -3.61
C4 GDP E . 9.25 -19.34 -8.81
CO B12 F . 4.76 -27.23 -4.28
N21 B12 F . 4.10 -28.96 -4.64
N22 B12 F . 3.05 -26.73 -3.56
N23 B12 F . 5.62 -25.53 -4.07
N24 B12 F . 6.35 -27.92 -4.97
C1 B12 F . 4.84 -29.84 -5.60
C20 B12 F . 4.34 -29.64 -7.05
C2 B12 F . 4.53 -31.27 -5.01
C25 B12 F . 4.66 -32.36 -6.09
C26 B12 F . 5.44 -31.54 -3.75
C27 B12 F . 5.06 -32.71 -2.83
O28 B12 F . 4.01 -33.33 -2.94
N29 B12 F . 5.96 -33.03 -1.89
C3 B12 F . 3.07 -31.07 -4.49
C30 B12 F . 1.89 -31.37 -5.47
C31 B12 F . 1.35 -32.81 -5.45
C32 B12 F . 0.32 -33.01 -6.55
O34 B12 F . 0.34 -32.30 -7.56
N33 B12 F . -0.59 -33.95 -6.36
C4 B12 F . 3.07 -29.59 -4.11
C5 B12 F . 2.05 -28.95 -3.31
C35 B12 F . 0.96 -29.85 -2.78
C6 B12 F . 2.06 -27.60 -3.08
C7 B12 F . 1.02 -26.77 -2.28
C36 B12 F . -0.47 -27.11 -2.52
C37 B12 F . 1.35 -26.87 -0.76
C38 B12 F . 0.78 -25.78 0.14
O39 B12 F . -0.07 -24.99 -0.25
N40 B12 F . 1.26 -25.73 1.38
C8 B12 F . 1.36 -25.32 -2.76
C41 B12 F . 0.47 -24.82 -3.92
C42 B12 F . 0.45 -23.28 -4.01
C43 B12 F . -0.36 -22.91 -5.25
O44 B12 F . -0.77 -23.78 -6.01
N45 B12 F . -0.56 -21.61 -5.46
C9 B12 F . 2.78 -25.47 -3.21
C10 B12 F . 3.67 -24.40 -3.23
C11 B12 F . 4.99 -24.44 -3.63
C12 B12 F . 5.91 -23.22 -3.62
C46 B12 F . 6.06 -22.59 -2.25
C47 B12 F . 5.23 -22.17 -4.55
C13 B12 F . 7.16 -23.73 -4.35
C48 B12 F . 7.65 -23.30 -5.81
C49 B12 F . 8.57 -22.15 -5.80
C50 B12 F . 9.91 -22.49 -5.13
O51 B12 F . 10.93 -22.69 -5.81
N52 B12 F . 9.93 -22.55 -3.77
C14 B12 F . 6.94 -25.23 -4.36
C15 B12 F . 7.91 -26.14 -4.67
C53 B12 F . 9.43 -25.72 -4.72
C16 B12 F . 7.58 -27.51 -4.99
C17 B12 F . 8.57 -28.62 -5.39
C54 B12 F . 9.39 -29.08 -4.16
C55 B12 F . 9.53 -28.21 -6.55
C56 B12 F . 8.86 -28.26 -7.92
C57 B12 F . 9.57 -27.39 -8.95
O58 B12 F . 9.65 -26.17 -8.86
N59 B12 F . 10.09 -28.10 -9.98
C18 B12 F . 7.66 -29.77 -5.92
C60 B12 F . 8.07 -31.18 -5.47
C61 B12 F . 8.63 -31.96 -6.64
O63 B12 F . 8.71 -31.43 -7.76
N62 B12 F . 9.04 -33.19 -6.39
C19 B12 F . 6.26 -29.28 -5.52
C1P B12 F . 11.08 -27.51 -10.87
C2P B12 F . 10.61 -26.25 -11.62
C3P B12 F . 11.81 -25.57 -12.28
O3 B12 F . 9.70 -26.66 -12.68
O4 B12 F . 7.31 -27.09 -13.31
O5 B12 F . 8.23 -24.75 -13.37
P B12 F . 8.23 -26.07 -12.72
O2 B12 F . 7.87 -25.93 -11.15
C3R B12 F . 6.72 -25.16 -10.83
C2R B12 F . 5.53 -26.02 -10.36
O7R B12 F . 6.02 -27.15 -9.67
C1R B12 F . 4.87 -25.05 -9.35
O6R B12 F . 5.82 -24.11 -8.87
C4R B12 F . 6.98 -24.24 -9.66
C5R B12 F . 7.64 -22.95 -10.10
O8R B12 F . 7.92 -22.17 -9.02
N1B B12 F . 4.25 -25.72 -8.21
C8B B12 F . 2.98 -26.27 -8.13
C2B B12 F . 4.86 -25.92 -6.99
N3B B12 F . 4.07 -26.57 -6.13
C9B B12 F . 2.89 -26.80 -6.83
C4B B12 F . 1.72 -27.44 -6.40
C5B B12 F . 0.66 -27.55 -7.30
C5M B12 F . -0.54 -28.20 -6.87
C6B B12 F . 0.77 -26.99 -8.67
C6M B12 F . -0.38 -27.11 -9.63
C7B B12 F . 1.94 -26.35 -9.07
N1 5AD G . 4.23 -23.52 5.57
C2 5AD G . 5.51 -24.02 5.31
N3 5AD G . 5.80 -24.41 3.99
C4 5AD G . 4.86 -24.27 3.04
N9 5AD G . 4.89 -24.55 1.73
C8 5AD G . 3.69 -24.25 1.23
N7 5AD G . 2.94 -23.77 2.21
C5 5AD G . 3.65 -23.79 3.33
C6 5AD G . 3.34 -23.43 4.57
N6 5AD G . 2.10 -22.96 4.77
C1' 5AD G . 6.05 -25.11 1.01
C2' 5AD G . 6.51 -26.38 1.72
C3' 5AD G . 6.96 -27.29 0.57
C4' 5AD G . 6.65 -26.50 -0.69
C5' 5AD G . 6.05 -27.45 -1.73
O4' 5AD G . 5.65 -25.53 -0.29
O2' 5AD G . 7.60 -26.06 2.62
O3' 5AD G . 8.36 -27.56 0.63
PA TTP H . 10.96 1.08 -10.71
O1A TTP H . 11.59 2.44 -10.97
O2A TTP H . 10.80 0.76 -9.24
O3A TTP H . 11.89 -0.05 -11.41
PB TTP H . 13.47 0.18 -11.71
O1B TTP H . 14.24 -1.03 -11.23
O2B TTP H . 14.10 1.45 -11.17
O3B TTP H . 13.49 0.21 -13.31
PG TTP H . 13.73 1.57 -14.13
O1G TTP H . 13.20 1.21 -15.49
O2G TTP H . 12.95 2.68 -13.46
O3G TTP H . 15.17 2.00 -14.19
O5' TTP H . 9.57 0.89 -11.46
C5' TTP H . 9.30 1.73 -12.59
C4' TTP H . 7.86 1.53 -13.01
O4' TTP H . 7.61 0.16 -13.32
C3' TTP H . 6.88 1.92 -11.92
O3' TTP H . 5.76 2.55 -12.56
C2' TTP H . 6.38 0.61 -11.35
C1' TTP H . 6.55 -0.36 -12.52
N1 TTP H . 6.95 -1.66 -11.99
C2 TTP H . 6.06 -2.74 -12.05
O2 TTP H . 4.93 -2.59 -12.57
N3 TTP H . 6.41 -3.93 -11.57
C4 TTP H . 7.60 -4.13 -11.01
O4 TTP H . 7.89 -5.26 -10.55
C5 TTP H . 8.55 -3.00 -10.92
C5M TTP H . 9.91 -3.17 -10.28
C6 TTP H . 8.16 -1.78 -11.42
MG MG I . 13.48 3.75 -10.24
PB GDP J . -18.56 19.32 3.60
PB GDP J . -17.37 19.59 0.80
O1B GDP J . -18.96 17.86 3.70
O1B GDP J . -15.97 19.36 0.27
O2B GDP J . -17.73 19.69 4.80
O2B GDP J . -18.36 18.74 0.04
O3B GDP J . -19.80 20.18 3.45
O3B GDP J . -17.73 21.05 0.61
O3A GDP J . -17.53 19.52 2.36
O3A GDP J . -17.39 19.03 2.31
PA GDP J . -17.89 19.36 0.80
PA GDP J . -18.13 19.59 3.63
O1A GDP J . -17.81 20.71 0.10
O1A GDP J . -19.62 19.84 3.41
O2A GDP J . -19.25 18.73 0.58
O2A GDP J . -17.38 20.78 4.19
O5' GDP J . -16.68 18.38 0.36
O5' GDP J . -17.95 18.27 4.54
C5' GDP J . -15.64 18.85 -0.50
C5' GDP J . -17.44 17.06 3.95
C4' GDP J . -14.32 18.14 -0.21
C4' GDP J . -17.39 15.99 5.02
O4' GDP J . -14.19 17.67 1.17
O4' GDP J . -18.43 15.03 4.77
C3' GDP J . -14.07 16.91 -1.08
C3' GDP J . -16.11 15.18 5.03
O3' GDP J . -13.48 17.24 -2.33
O3' GDP J . -15.07 15.77 5.80
C2' GDP J . -13.03 16.20 -0.29
C2' GDP J . -16.55 13.87 5.64
O2' GDP J . -11.84 16.91 -0.66
O2' GDP J . -16.54 13.96 7.06
C1' GDP J . -13.43 16.46 1.16
C1' GDP J . -17.99 13.73 5.17
N9 GDP J . -14.39 15.39 1.49
N9 GDP J . -17.96 12.79 4.03
C8 GDP J . -15.71 15.55 1.34
C8 GDP J . -17.07 12.75 3.02
N7 GDP J . -16.40 14.44 1.67
N7 GDP J . -17.36 11.75 2.14
C5 GDP J . -15.49 13.52 2.04
C5 GDP J . -18.46 11.14 2.61
C6 GDP J . -15.56 12.13 2.51
C6 GDP J . -19.33 10.01 2.21
O6 GDP J . -16.68 11.59 2.62
O6 GDP J . -19.09 9.37 1.17
N1 GDP J . -14.42 11.49 2.80
N1 GDP J . -20.39 9.72 2.98
C2 GDP J . -13.22 12.09 2.67
C2 GDP J . -20.67 10.41 4.11
N2 GDP J . -12.12 11.33 2.99
N2 GDP J . -21.76 10.04 4.84
N3 GDP J . -13.07 13.38 2.25
N3 GDP J . -19.93 11.44 4.54
C4 GDP J . -14.15 14.14 1.92
C4 GDP J . -18.85 11.83 3.86
CO B12 K . -22.82 13.48 -5.45
N21 B12 K . -24.49 13.52 -6.34
N22 B12 K . -22.20 12.20 -6.73
N23 B12 K . -21.25 13.53 -4.35
N24 B12 K . -23.60 14.77 -4.34
C1 B12 K . -25.67 14.16 -5.67
C20 B12 K . -26.45 13.09 -4.83
C2 B12 K . -26.49 14.72 -6.89
C25 B12 K . -27.97 14.98 -6.60
C26 B12 K . -25.84 16.03 -7.54
C27 B12 K . -26.60 16.47 -8.79
O28 B12 K . -27.03 15.65 -9.60
N29 B12 K . -26.80 17.78 -8.95
C3 B12 K . -26.22 13.59 -7.94
C30 B12 K . -27.22 12.40 -8.05
C31 B12 K . -28.52 12.76 -8.78
C32 B12 K . -29.53 11.63 -8.70
O34 B12 K . -29.38 10.71 -7.88
N33 B12 K . -30.55 11.68 -9.55
C4 B12 K . -24.82 13.14 -7.54
C5 B12 K . -23.96 12.38 -8.43
C35 B12 K . -24.51 12.12 -9.82
C6 B12 K . -22.73 11.95 -8.01
C7 B12 K . -21.72 11.12 -8.84
C36 B12 K . -22.32 10.02 -9.74
C37 B12 K . -20.85 12.08 -9.69
C38 B12 K . -19.70 11.44 -10.46
O39 B12 K . -19.55 10.24 -10.53
N40 B12 K . -18.89 12.30 -11.06
C8 B12 K . -20.83 10.53 -7.69
C41 B12 K . -21.27 9.11 -7.24
C42 B12 K . -20.12 8.30 -6.59
C43 B12 K . -20.63 6.91 -6.22
O44 B12 K . -21.81 6.60 -6.39
N45 B12 K . -19.73 6.08 -5.70
C9 B12 K . -21.03 11.54 -6.59
C10 B12 K . -20.12 11.76 -5.55
C11 B12 K . -20.23 12.68 -4.52
C12 B12 K . -19.16 12.85 -3.43
C46 B12 K . -17.79 13.10 -3.97
C47 B12 K . -19.11 11.52 -2.62
C13 B12 K . -19.80 13.91 -2.50
C48 B12 K . -20.16 13.65 -0.96
C49 B12 K . -18.98 13.79 -0.10
C50 B12 K . -18.65 15.29 0.03
O51 B12 K . -19.40 16.06 0.65
N52 B12 K . -17.50 15.71 -0.55
C14 B12 K . -21.04 14.35 -3.24
C15 B12 K . -21.86 15.38 -2.84
C53 B12 K . -21.44 16.43 -1.73
C16 B12 K . -23.16 15.58 -3.43
C17 B12 K . -24.18 16.68 -3.06
C54 B12 K . -23.74 18.03 -3.66
C55 B12 K . -24.44 16.83 -1.53
C56 B12 K . -24.81 15.51 -0.86
C57 B12 K . -24.77 15.66 0.65
O58 B12 K . -23.73 15.56 1.29
N59 B12 K . -25.96 15.93 1.23
C18 B12 K . -25.51 16.17 -3.71
C60 B12 K . -26.42 17.24 -4.33
C61 B12 K . -27.66 17.34 -3.45
O63 B12 K . -27.62 16.89 -2.31
N62 B12 K . -28.73 17.89 -3.97
C19 B12 K . -25.01 15.07 -4.64
C1P B12 K . -26.05 16.12 2.66
C2P B12 K . -25.67 14.89 3.48
C3P B12 K . -25.53 15.25 4.96
O3 B12 K . -26.75 13.91 3.34
O4 B12 K . -27.67 11.68 2.80
O5 B12 K . -25.47 11.82 4.05
P B12 K . -26.38 12.40 3.02
O2 B12 K . -25.58 12.51 1.62
C3R B12 K . -24.98 11.33 1.09
C2R B12 K . -25.50 10.93 -0.30
O7R B12 K . -25.92 12.07 -1.01
C1R B12 K . -24.21 10.37 -0.95
O6R B12 K . -23.06 10.87 -0.30
C4R B12 K . -23.51 11.57 0.85
C5R B12 K . -22.67 11.41 2.10
O8R B12 K . -21.43 11.92 1.90
N1B B12 K . -24.08 10.66 -2.38
C8B B12 K . -24.60 9.95 -3.42
C2B B12 K . -23.40 11.73 -2.92
N3B B12 K . -23.46 11.76 -4.25
C9B B12 K . -24.20 10.64 -4.60
C4B B12 K . -24.57 10.17 -5.86
C5B B12 K . -25.35 9.01 -5.94
C5M B12 K . -25.72 8.53 -7.24
C6B B12 K . -25.76 8.29 -4.71
C6M B12 K . -26.59 7.03 -4.78
C7B B12 K . -25.38 8.77 -3.46
N1 5AD L . -14.52 15.66 -10.72
C2 5AD L . -14.92 16.74 -9.93
N3 5AD L . -15.99 16.55 -9.04
C4 5AD L . -16.59 15.36 -8.99
N9 5AD L . -17.60 14.93 -8.24
C8 5AD L . -17.83 13.66 -8.55
N7 5AD L . -16.96 13.29 -9.49
C5 5AD L . -16.19 14.34 -9.76
C6 5AD L . -15.16 14.50 -10.61
N6 5AD L . -14.82 13.43 -11.35
C1' 5AD L . -18.36 15.75 -7.25
C2' 5AD L . -18.89 17.01 -7.90
C3' 5AD L . -20.26 17.25 -7.23
C4' 5AD L . -20.48 16.04 -6.38
C5' 5AD L . -21.90 15.54 -6.69
O4' 5AD L . -19.53 15.04 -6.82
O2' 5AD L . -17.98 18.12 -7.68
O3' 5AD L . -20.25 18.42 -6.39
#